data_7Z8J
#
_entry.id   7Z8J
#
_cell.length_a   1.00
_cell.length_b   1.00
_cell.length_c   1.00
_cell.angle_alpha   90.00
_cell.angle_beta   90.00
_cell.angle_gamma   90.00
#
_symmetry.space_group_name_H-M   'P 1'
#
loop_
_entity.id
_entity.type
_entity.pdbx_description
1 polymer 'BICD family-like cargo adapter 1'
2 polymer 'Cytoplasmic dynein 1 heavy chain 1'
3 polymer 'Cytoplasmic dynein 1 intermediate chain 2'
4 polymer 'Cytoplasmic dynein 1 light intermediate chain 2'
#
loop_
_entity_poly.entity_id
_entity_poly.type
_entity_poly.pdbx_seq_one_letter_code
_entity_poly.pdbx_strand_id
1 'polypeptide(L)'
;MSAFCLGLAGRASAPAEPDSACCMELPAGAGDAVRSPATAAALVSFPGGPGELELALEEELALLAAGERSSEPGEHPQAE
PESPVEGHGPPLPPPPTQDPELLSVIRQKEKDLVLAARLGKALLERNQDMSRQYEQMHKELTDKLEHLEQEKHELRRRFE
NREGEWEGRVSELETDVKQLQDELERQQLHLREADREKTRAVQELSEQNQRLLDQLSRASEVERQLSMQVHALKEDFREK
NSSTNQHIIRLESLQAEIKMLSDRKRELEHRLSATLEENDLLQGTVEELQDRVLILERQGHDKDLQLHQSQLELQEVRLS
YRQLQGKVEELTEERSLQSSAATSTSLLSEIEQSMEAEELEQEREQLRLQLWEAYCQVRYLCSHLRGNDSADSAVSTDSS
MDESSETSSAKDVPAGSLRTALNDLKRLIQSIVDGVEPTVTLLSVEMTALKEERDRLRVTSEDKEPKEQLQKAIRDRDEA
IAKKNAVELELAKCKMDMMSLNSQLLDAIQQKLNLSQQLEAWQDDMHRVIDRQLMDTHLKEQSRPAAAAFPRGHGVGRGQ
EPSTADGKRLFSFFRKI
;
X,x
2 'polypeptide(L)'
;MSEPGGGGGEDGSAGLEVSAVQNVADVSVLQKHLRKLVPLLLEDGGEAPAALEAALEEKSALEQMRKFLSDPQVHTVLVE
RSTLKEDVGDEGEEEKEFISYNINIDIHYGVKSNSLAFIKRTPVIDADKPVSSQLRVLTLSEDSPYETLHSFISNAVAPF
FKSYIRESGKADRDGDKMAPSVEKKIAELEMGLLHLQQNIEIPEISLPIHPMITNVAKQCYERGEKPKVTDFGDKVEDPT
FLNQLQSGVNRWIREIQKVTKLDRDPASGTALQEISFWLNLERALYRIQEKRESPEVLLTLDILKHGKRFHATVSFDTDT
GLKQALETVNDYNPLMKDFPLNDLLSATELDKIRQALVAIFTHLRKIRNTKYPIQRALRLVEAISRDLSSQLLKVLGTRK
LMHVAYEEFEKVMVACFEVFQTWDDEYEKLQVLLRDIVKRKREENLKMVWRINPAHRKLQARLDQMRKFRRQHEQLRAVI
VRVLRPQVTAVAQQNQGEVPEPQDMKVAEVLFDAADANAIEEVNLAYENVKEVDGLDVSKEGTEAWEAAMKRYDERIDRV
ETRITARLRDQLGTAKNANEMFRIFSRFNALFVRPHIRGAIREYQTQLIQRVKDDIESLHDKFKVQYPQSQACKMSHVRD
LPPVSGSIIWAKQIDRQLTAYMKRVEDVLGKGWENHVEGQKLKQDGDSFRMKLNTQEIFDDWARKVQQRNLGVSGRIFTI
ESTRVRGRTGNVLKLKVNFLPEIITLSKEVRNLKWLGFRVPLAIVNKAHQANQLYPFAISLIESVRTYERTCEKVEERNT
ISLLVAGLKKEVQALIAEGIALVWESYKLDPYVQRLAETVFNFQEKVDDLLIIEEKIDLEVRSLETCMYDHKTFSEILNR
VQKAVDDLNLHSYSNLPIWVNKLDMEIERILGVRLQAGLRAWTQVLLGQAEDKAEVDMDTDAPQVSHKPGGEPKIKNVVH
ELRITNQVIYLNPPIEECRYKLYQEMFAWKMVVLSLPRIQSQRYQVGVHYELTEEEKFYRNALTRMPDGPVALEESYSAV
MGIVSEVEQYVKVWLQYQCLWDMQAENIYNRLGEDLNKWQALLVQIRKARGTFDNAETKKEFGPVVIDYGKVQSKVNLKY
DSWHKEVLSKFGQMLGSNMTEFHSQISKSRQELEQHSVDTASTSDAVTFITYVQSLKRKIKQFEKQVELYRNGQRLLEKQ
RFQFPPSWLYIDNIEGEWGAFNDIMRRKDSAIQQQVANLQMKIVQEDRAVESRTTDLLTDWEKTKPVTGNLRPEEALQAL
TIYEGKFGRLKDDREKCAKAKEALELTDTGLLSGSEERVQVALEELQDLKGVWSELSKVWEQIDQMKEQPWVSVQPRKLR
QNLDALLNQLKSFPARLRQYASYEFVQRLLKGYMKINMLVIELKSEALKDRHWKQLMKRLHVNWVVSELTLGQIWDVDLQ
KNEAIVKDVLLVAQGEMALEEFLKQIREVWNTYELDLVNYQNKCRLIRGWDDLFNKVKEHINSVSAMKLSPYYKVFEEDA
LSWEDKLNRIMALFDVWIDVQRRWVYLEGIFTGSADIKHLLPVETQRFQSISTEFLALMKKVSKSPLVMDVLNIQGVQRS
LERLADLLGKIQKALGEYLERERSSFPRFYFVGDEDLLEIIGNSKNVAKLQKHFKKMFAGVSSIILNEDNSVVLGISSRE
GEEVMFKTPVSITEHPKINEWLTLVEKEMRVTLAKLLAESVTEVEIFGKATSIDPNTYITWIDKYQAQLVVLSAQIAWSE
NVETALSSMGGGGDAAPLHSVLSNVEVTLNVLADSVLMEQPPLRRRKLEHLITELVHQRDVTRSLIKSKIDNAKSFEWLS
QMRFYFDPKQTDVLQQLSIQMANAKFNYGFEYLGVQDKLVQTPLTDRCYLTMTQALEARLGGSPFGPAGTGKTESVKALG
HQLGRFVLVFNCDETFDFQAMGRIFVGLCQVGAWGCFDEFNRLEERMLSAVSQQVQCIQEALREHSNPNYDKTSAPITCE
LLNKQVKVSPDMAIFITMNPGYAGRSNLPDNLKKLFRSLAMTKPDRQLIAQVMLYSQGFRTAEVLANKIVPFFKLCDEQL
SSQSHYDFGLRALKSVLVSAGNVKRERIQKIKREKEERGEAVDEGEIAENLPEQEILIQSVCETMVPKLVAEDIPLLFSL
LSDVFPGVQYHRGEMTALREELKKVCQEMYLTYGDGEEVGGMWVEKVLQLYQITQINHGLMMVGPSGSGKSMAWRVLLKA
LERLEGVEGVAHIIDPKAISKDHLYGTLDPNTREWTDGLFTHVLRKIIDSVRGELQKRQWIVFDGDVDPEWVENLNSVLD
DNKLLTLPNGERLSLPPNVRIMFEVQDLKYATLATVSRCGMVWFSEDVLSTDMIFNNFLARLRSIPLDEGEDEAQRRRKG
KEDEGEEAASPMLQIQRDAATIMQPYFTSNGLVTKALEHAFQLEHIMDLTRLRCLGSLFSMLHQACRNVAQYNANHPDFP
MQIEQLERYIQRYLVYAILWSLSGDSRLKMRAELGEYIRRITTVPLPTAPNIPIIDYEVSISGEWSPWQAKVPQIEVETH
KVAAPDVVVPTLDTVRHEALLYTWLAEHKPLVLCGPPGSGKTMTLFSALRALPDMEVVGLNFSSATTPELLLKTFDHYCE
YRRTPNGVVLAPVQLGKWLVLFCDEINLPDMDKYGTQRVISFIRQMVEHGGFYRTSDQTWVKLERIQFVGACNPPTDPGR
KPLSHRFLRHVPVVYVDYPGPASLTQIYGTFNRAMLRLIPSLRTYAEPLTAAMVEFYTMSQERFTQDTQPHYIYSPREMT
RWVRGIFEALRPLETLPVEGLIRIWAHEALRLFQDRLVEDEERRWTDENIDTVALKHFPNIDREKAMSRPILYSNWLSKD
YIPVDQEELRDYVKARLKVFYEEELDVPLVLFNEVLDHVLRIDRIFRQPQGHLLLIGVSGAGKTTLSRFVAWMNGLSVYQ
IKVHRKYTGEDFDEDLRTVLRRSGCKNEKIAFIMDESNVLDSGFLERMNTLLANGEVPGLFEGDEYATLMTQCKEGAQKE
GLMLDSHEELYKWFTSQVIRNLHVVFTMNPSSEGLKDRAATSPALFNRCVLNWFGDWSTEALYQVGKEFTSKMDLEKPNY
IVPDYMPVVYDKLPQPPSHREAIVNSCVFVHQTLHQANARLAKRGGRTMAITPRHYLDFINHYANLFHEKRSELEEQQMH
LNVGLRKIKETVDQVEELRRDLRIKSQELEVKNAAANDKLKKMVKDQQEAEKKKVMSQEIQEQLHKQQEVIADKQMSVKE
DLDKVEPAVIEAQNAVKSIKKQHLVEVRSMANPPAAVKLALESICLLLGESTTDWKQIRSIIMRENFIPTIVNFSAEEIS
DAIREKMKKNYMSNPSYNYEIVNRASLACGPMVKWAIAQLNYADMLKRVEPLRNELQKLEDDAKDNQQKANEVEQMIRDL
EASIARYKEEYAVLISEAQAIKADLAAVEAKVNRSTALLKSLSAERERWEKTSETFKNQMSTIAGDCLLSAAFIAYAGYF
DQQMRQNLFTTWSHHLQQANIQFRTDIARTEYLSNADERLRWQASSLPADDLCTENAIMLKRFNRYPLIIDPSGQATEFI
MNEYKDRKITRTSFLDDAFRKNLESALRFGNPLLVQDVESYDPVLNPVLNREVRRTGGRVLITLGDQDIDLSPSFVIFLS
TRDPTVEFPPDLCSRVTFVNFTVTRSSLQSQCLNEVLKAERPDVDEKRSDLLKLQGEFQLRLRQLEKSLLQALNEVKGRI
LDDDTIITTLENLKREAAEVTRKVEETDIVMQEVETVSQQYLPLSTACSSIYFTMESLKQIHFLYQYSLQFFLDIYHNVL
YENPNLKGVTDHTQRLSIITKDLFQVAFNRVARGMLHQDHITFAMLLARIKLKGTVGEPTYDAEFQHFLRGNEIVLSAGS
TPRIQGLTVEQAEAVVRLSCLPAFKDLIAKVQADEQFGIWLDSSSPEQTVPYLWSEETPATPIGQAIHRLLLIQAFRPDR
LLAMAHMFVSTNLGESFMSIMEQPLDLTHIVGTEVKPNTPVLMCSVPGYDASGHVEDLAAEQNTQITSIAIGSAEGFNQA
DKAINTAVKSGRWVMLKNVHLAPGWLMQLEKKLHSLQPHACFRLFLTMEINPKVPVNLLRAGRIFVFEPPPGVKANMLRT
FSSIPVSRICKSPNERARLYFLLAWFHAIIQERLRYAPLGWSKKYEFGESDLRSACDTVDTWLDDTAKGRQNISPDKIPW
SALKTLMAQSIYGGRVDNEFDQRLLNTFLERLFTTRSFDSEFKLACKVDGHKDIQMPDGIRREEFVQWVELLPDTQTPSW
LGLPNNAERVLLTTQGVDMISKMLKMQMLEDEDDLAYAETEKKTRTDSTSDGRPAWMRTLHTTASNWLHLIPQTLSHLKR
TVENIKDPLFRFFEREVKMGAKLLQDVRQDLADVVQVCEGKKKQTNYLRTLINELVKGILPRSWSHYTVPAGMTVIQWVS
DFSERIKQLQNISLAAASGGAKELKNIHVCLGGLFVPEAYITATRQYVAQANSWSLEELCLEVNVTTSQGATLDACSFGV
TGLKLQGATCNNNKLSLSNAISTALPLTQLRWVKQTNTEKKASVVTLPVYLNFTRADLIFTVDFEIATKEDPRSFYERGV
AVLCTE
;
f,m,n
3 'polypeptide(L)'
;MSDKSELKAELERKKQRLAQIREEKKRKEEERKKKETDQKKEAVAPVQEESDLEKKRREAEALLQSMGLTPESPIVFSEY
WVPPPMSPSSKSVSTPSEAGSQDSGDGAVGSRTLHWDTDPSVLQLHSDSDLGRGPIKLGMAKITQVDFPPREIVTYTKET
QTPVMAQPKEDEEEDDDVVAPKPPIEPEEEKTLKKDEENDSKAPPHELTEEEKQQILHSEEFLSFFDHSTRIVERALSEQ
INIFFDYSGRDLEDKEGEIQAGAKLSLNRQFFDERWSKHRVVSCLDWSSQYPELLVASYNNNEDAPHEPDGVALVWNMKY
KKTTPEYVFHCQSAVMSATFAKFHPNLVVGGTYSGQIVLWDNRSNKRTPVQRTPLSAAAHTHPVYCVNVVGTQNAHNLIS
ISTDGKICSWSLDMLSHPQDSMELVHKQSKAVAVTSMSFPVGDVNNFVVGSEEGSVYTACRHGSKAGISEMFEGHQGPIT
GIHCHAAVGAVDFSHLFVTSSFDWTVKLWTTKNNKPLYSFEDNADYVYDVMWSPTHPALFACVDGMGRLDLWNLNNDTEV
PTASISVEGNPALNRVRWTHSGREIAVGDSEGQIVIYDVGEQIAVPRNDEWARFGRTLAEINANRADAEEEAATRIPA
;
h,o
4 'polypeptide(L)'
;MAPVGVEKKLLLGPNGPAVAAAGDLTSEEEEGQSLWSSILSEVSTRARSKLPSGKNILVFGEDGSGKTTLMTKLQGAEHG
KKGRGLEYLYLSVHDEDRDDHTRCNVWILDGDLYHKGLLKFAVSAESLPETLVIFVADMSRPWTVMESLQKWASVLREHI
DKMKIPPEKMRELERKFVKDFQDYMEPEEGCQGSPQRRGPLTSGSDEENVALPLGDNVLTHNLGIPVLVVCTKCDAVSVL
EKEHDYRDEHLDFIQSHLRRFCLQYGAALIYTSVKEEKNLDLLYKYIVHKTYGFHFTTPALVVEKDAVFIPAGWDNEKKI
AILHENFTTVKPEDAYEDFIVKPPVRKLVHDKELAAEDEQVFLMKQQSLLAKQPATPTRASESPARGPSGSPRTQGRGGP
ASVPSSSPGTSVKKPDPNIKNNAASEGVLASFFNSLLSKKTGSPGSPGAGGVQSTAKKSGQKTVLSNVQEELDRMTRKPD
SMVTNSSTENEA
;
j,r
#
# COMPACT_ATOMS: atom_id res chain seq x y z
N PRO A 100 -79.86 -0.24 -0.70
CA PRO A 100 -79.64 -1.13 -1.83
C PRO A 100 -78.24 -1.76 -1.86
N GLU A 101 -77.87 -2.30 -3.01
CA GLU A 101 -76.54 -2.90 -3.15
C GLU A 101 -75.45 -1.84 -3.00
N LEU A 102 -75.69 -0.63 -3.51
CA LEU A 102 -74.71 0.43 -3.39
C LEU A 102 -74.51 0.83 -1.93
N LEU A 103 -75.58 0.80 -1.13
CA LEU A 103 -75.43 1.06 0.30
C LEU A 103 -74.65 -0.05 0.98
N SER A 104 -74.85 -1.30 0.52
CA SER A 104 -74.03 -2.39 1.05
C SER A 104 -72.55 -2.18 0.71
N VAL A 105 -72.28 -1.65 -0.48
CA VAL A 105 -70.89 -1.36 -0.84
C VAL A 105 -70.34 -0.22 0.01
N ILE A 106 -71.18 0.79 0.29
CA ILE A 106 -70.80 1.86 1.22
C ILE A 106 -70.39 1.26 2.55
N ARG A 107 -71.22 0.35 3.08
CA ARG A 107 -70.94 -0.25 4.38
C ARG A 107 -69.65 -1.07 4.35
N GLN A 108 -69.47 -1.90 3.31
CA GLN A 108 -68.26 -2.71 3.21
C GLN A 108 -67.01 -1.84 3.13
N LYS A 109 -67.10 -0.74 2.38
CA LYS A 109 -66.01 0.21 2.33
C LYS A 109 -65.74 0.80 3.72
N GLU A 110 -66.80 1.07 4.49
CA GLU A 110 -66.61 1.59 5.84
C GLU A 110 -65.87 0.60 6.74
N LYS A 111 -66.26 -0.68 6.69
CA LYS A 111 -65.54 -1.69 7.46
C LYS A 111 -64.08 -1.77 7.04
N ASP A 112 -63.81 -1.75 5.73
CA ASP A 112 -62.42 -1.80 5.27
C ASP A 112 -61.66 -0.56 5.74
N LEU A 113 -62.33 0.61 5.75
CA LEU A 113 -61.68 1.84 6.17
C LEU A 113 -61.26 1.78 7.64
N VAL A 114 -62.18 1.36 8.50
CA VAL A 114 -61.86 1.32 9.93
C VAL A 114 -60.81 0.24 10.21
N LEU A 115 -60.89 -0.89 9.50
CA LEU A 115 -59.85 -1.91 9.64
C LEU A 115 -58.48 -1.35 9.25
N ALA A 116 -58.42 -0.62 8.13
CA ALA A 116 -57.15 -0.04 7.70
C ALA A 116 -56.63 0.96 8.73
N ALA A 117 -57.54 1.75 9.32
CA ALA A 117 -57.13 2.72 10.34
C ALA A 117 -56.49 2.03 11.53
N ARG A 118 -57.17 1.02 12.10
CA ARG A 118 -56.62 0.32 13.26
C ARG A 118 -55.33 -0.41 12.90
N LEU A 119 -55.30 -1.05 11.72
CA LEU A 119 -54.10 -1.75 11.27
C LEU A 119 -52.91 -0.82 11.21
N GLY A 120 -53.07 0.33 10.55
CA GLY A 120 -51.95 1.25 10.38
C GLY A 120 -51.49 1.85 11.69
N LYS A 121 -52.44 2.19 12.57
CA LYS A 121 -52.06 2.77 13.86
C LYS A 121 -51.26 1.76 14.68
N ALA A 122 -51.76 0.53 14.77
CA ALA A 122 -51.04 -0.50 15.51
C ALA A 122 -49.67 -0.76 14.90
N LEU A 123 -49.59 -0.78 13.57
CA LEU A 123 -48.30 -1.02 12.91
C LEU A 123 -47.30 0.10 13.21
N LEU A 124 -47.76 1.35 13.20
CA LEU A 124 -46.86 2.46 13.49
C LEU A 124 -46.33 2.39 14.91
N GLU A 125 -47.23 2.16 15.88
CA GLU A 125 -46.76 2.06 17.27
C GLU A 125 -45.84 0.86 17.46
N ARG A 126 -46.14 -0.26 16.79
CA ARG A 126 -45.27 -1.42 16.88
C ARG A 126 -43.90 -1.13 16.29
N ASN A 127 -43.85 -0.40 15.18
CA ASN A 127 -42.56 -0.03 14.59
C ASN A 127 -41.73 0.81 15.55
N GLN A 128 -42.36 1.81 16.18
CA GLN A 128 -41.63 2.64 17.14
C GLN A 128 -41.11 1.80 18.31
N ASP A 129 -41.97 0.96 18.89
CA ASP A 129 -41.57 0.11 20.00
C ASP A 129 -40.43 -0.82 19.59
N MET A 130 -40.48 -1.33 18.36
CA MET A 130 -39.50 -2.31 17.89
C MET A 130 -38.15 -1.63 17.73
N SER A 131 -38.16 -0.39 17.22
CA SER A 131 -36.93 0.38 17.12
C SER A 131 -36.32 0.63 18.48
N ARG A 132 -37.14 1.00 19.47
CA ARG A 132 -36.62 1.20 20.82
C ARG A 132 -36.00 -0.08 21.37
N GLN A 133 -36.68 -1.22 21.17
CA GLN A 133 -36.15 -2.49 21.65
C GLN A 133 -34.81 -2.82 21.00
N TYR A 134 -34.72 -2.63 19.68
CA TYR A 134 -33.46 -2.88 18.98
C TYR A 134 -32.33 -2.04 19.54
N GLU A 135 -32.55 -0.74 19.70
CA GLU A 135 -31.49 0.14 20.20
C GLU A 135 -31.08 -0.26 21.61
N GLN A 136 -32.05 -0.55 22.47
CA GLN A 136 -31.72 -0.87 23.86
C GLN A 136 -30.92 -2.16 23.97
N MET A 137 -31.33 -3.20 23.23
CA MET A 137 -30.60 -4.46 23.37
C MET A 137 -29.24 -4.37 22.68
N HIS A 138 -29.15 -3.57 21.61
CA HIS A 138 -27.84 -3.32 21.01
C HIS A 138 -26.89 -2.73 22.04
N LYS A 139 -27.37 -1.73 22.79
CA LYS A 139 -26.55 -1.14 23.84
C LYS A 139 -26.15 -2.19 24.88
N GLU A 140 -27.09 -3.09 25.15
CA GLU A 140 -26.74 -4.21 26.05
C GLU A 140 -25.68 -5.06 25.36
N LEU A 141 -25.92 -5.53 24.14
CA LEU A 141 -24.98 -6.49 23.50
C LEU A 141 -23.61 -5.86 23.21
N THR A 142 -23.56 -4.61 22.73
CA THR A 142 -22.23 -3.99 22.52
C THR A 142 -21.50 -3.83 23.85
N ASP A 143 -22.23 -3.46 24.90
CA ASP A 143 -21.60 -3.34 26.23
C ASP A 143 -21.06 -4.70 26.65
N LYS A 144 -21.81 -5.77 26.40
CA LYS A 144 -21.40 -7.14 26.81
C LYS A 144 -20.12 -7.46 26.08
N LEU A 145 -20.07 -7.15 24.80
CA LEU A 145 -18.88 -7.53 24.03
C LEU A 145 -17.72 -6.78 24.67
N GLU A 146 -17.92 -5.50 24.96
CA GLU A 146 -16.76 -4.72 25.48
C GLU A 146 -16.31 -5.32 26.81
N HIS A 147 -17.27 -5.68 27.67
CA HIS A 147 -16.95 -6.22 29.03
C HIS A 147 -16.24 -7.55 28.96
N LEU A 148 -16.62 -8.42 28.03
CA LEU A 148 -15.92 -9.72 28.12
C LEU A 148 -14.58 -9.59 27.40
N GLU A 149 -14.30 -8.45 26.76
CA GLU A 149 -12.97 -8.37 26.18
C GLU A 149 -11.95 -7.94 27.22
N GLN A 150 -12.35 -7.02 28.11
CA GLN A 150 -11.48 -6.71 29.24
C GLN A 150 -11.16 -7.95 30.04
N GLU A 151 -12.17 -8.78 30.31
CA GLU A 151 -11.91 -9.99 31.09
C GLU A 151 -10.95 -10.93 30.33
N LYS A 152 -11.14 -11.03 29.01
CA LYS A 152 -10.32 -11.93 28.21
C LYS A 152 -8.86 -11.50 28.24
N HIS A 153 -8.61 -10.21 28.06
CA HIS A 153 -7.24 -9.72 28.10
C HIS A 153 -6.64 -9.92 29.49
N GLU A 154 -7.45 -9.71 30.54
CA GLU A 154 -6.94 -9.90 31.90
C GLU A 154 -6.55 -11.35 32.13
N LEU A 155 -7.36 -12.29 31.63
CA LEU A 155 -7.04 -13.70 31.80
C LEU A 155 -5.79 -14.07 31.02
N ARG A 156 -5.64 -13.53 29.80
CA ARG A 156 -4.45 -13.81 29.02
C ARG A 156 -3.21 -13.34 29.76
N ARG A 157 -3.26 -12.13 30.31
CA ARG A 157 -2.08 -11.63 31.02
C ARG A 157 -1.82 -12.42 32.29
N ARG A 158 -2.88 -12.88 32.98
CA ARG A 158 -2.68 -13.73 34.15
C ARG A 158 -1.99 -15.03 33.78
N PHE A 159 -2.41 -15.64 32.68
CA PHE A 159 -1.76 -16.86 32.22
C PHE A 159 -0.28 -16.60 31.89
N GLU A 160 0.01 -15.50 31.19
CA GLU A 160 1.39 -15.21 30.86
C GLU A 160 2.22 -14.96 32.11
N ASN A 161 1.63 -14.27 33.11
CA ASN A 161 2.34 -14.03 34.35
C ASN A 161 2.67 -15.33 35.07
N ARG A 162 1.69 -16.24 35.15
CA ARG A 162 1.95 -17.50 35.84
C ARG A 162 2.97 -18.33 35.07
N GLU A 163 2.93 -18.28 33.74
CA GLU A 163 3.97 -18.93 32.95
C GLU A 163 5.35 -18.39 33.30
N GLY A 164 5.45 -17.06 33.43
CA GLY A 164 6.70 -16.46 33.86
C GLY A 164 7.15 -16.98 35.22
N GLU A 165 6.22 -17.04 36.18
CA GLU A 165 6.52 -17.55 37.51
C GLU A 165 7.08 -18.96 37.43
N TRP A 166 6.43 -19.81 36.65
CA TRP A 166 6.80 -21.21 36.63
C TRP A 166 8.13 -21.42 35.92
N GLU A 167 8.40 -20.68 34.84
CA GLU A 167 9.71 -20.83 34.20
C GLU A 167 10.80 -20.34 35.13
N GLY A 168 10.55 -19.27 35.89
CA GLY A 168 11.53 -18.82 36.86
C GLY A 168 11.82 -19.87 37.92
N ARG A 169 10.76 -20.46 38.48
CA ARG A 169 10.95 -21.48 39.51
C ARG A 169 11.68 -22.70 38.97
N VAL A 170 11.31 -23.15 37.77
CA VAL A 170 11.91 -24.35 37.21
C VAL A 170 13.38 -24.10 36.88
N SER A 171 13.70 -22.95 36.28
CA SER A 171 15.10 -22.65 35.99
C SER A 171 15.90 -22.53 37.27
N GLU A 172 15.31 -21.92 38.30
CA GLU A 172 15.98 -21.87 39.60
C GLU A 172 16.31 -23.26 40.10
N LEU A 173 15.29 -24.10 40.26
CA LEU A 173 15.50 -25.48 40.77
C LEU A 173 16.47 -26.24 39.85
N GLU A 174 16.51 -25.90 38.55
CA GLU A 174 17.48 -26.55 37.62
C GLU A 174 18.91 -26.18 38.05
N THR A 175 19.16 -24.92 38.39
CA THR A 175 20.50 -24.53 38.90
C THR A 175 20.77 -25.25 40.23
N ASP A 176 19.73 -25.42 41.06
CA ASP A 176 19.94 -26.05 42.38
C ASP A 176 20.46 -27.48 42.21
N VAL A 177 19.85 -28.28 41.33
CA VAL A 177 20.43 -29.64 41.10
C VAL A 177 21.81 -29.49 40.45
N LYS A 178 21.96 -28.58 39.48
CA LYS A 178 23.25 -28.43 38.77
C LYS A 178 24.39 -28.25 39.78
N GLN A 179 24.26 -27.30 40.70
CA GLN A 179 25.36 -27.01 41.66
C GLN A 179 25.46 -28.16 42.69
N LEU A 180 24.34 -28.64 43.20
CA LEU A 180 24.37 -29.70 44.25
C LEU A 180 24.99 -30.98 43.67
N GLN A 181 24.65 -31.32 42.42
CA GLN A 181 25.25 -32.51 41.75
C GLN A 181 26.75 -32.30 41.57
N ASP A 182 27.17 -31.09 41.22
CA ASP A 182 28.62 -30.79 41.07
C ASP A 182 29.29 -30.99 42.44
N GLU A 183 28.66 -30.52 43.51
CA GLU A 183 29.21 -30.71 44.87
C GLU A 183 29.25 -32.21 45.21
N LEU A 184 28.21 -32.96 44.81
CA LEU A 184 28.16 -34.43 45.08
C LEU A 184 29.33 -35.11 44.36
N GLU A 185 29.59 -34.73 43.11
CA GLU A 185 30.71 -35.33 42.33
C GLU A 185 32.04 -35.03 43.03
N ARG A 186 32.21 -33.79 43.50
CA ARG A 186 33.44 -33.44 44.25
C ARG A 186 33.47 -34.26 45.54
N GLN A 187 32.32 -34.41 46.21
CA GLN A 187 32.26 -35.14 47.50
C GLN A 187 32.64 -36.61 47.31
N GLN A 188 32.11 -37.26 46.26
CA GLN A 188 32.42 -38.69 46.01
C GLN A 188 33.91 -38.84 45.69
N LEU A 189 34.47 -37.87 44.94
CA LEU A 189 35.93 -37.90 44.65
C LEU A 189 36.69 -37.75 45.97
N HIS A 190 36.19 -36.88 46.87
CA HIS A 190 36.86 -36.65 48.18
C HIS A 190 36.92 -37.97 48.97
N LEU A 191 35.85 -38.77 48.95
CA LEU A 191 35.90 -40.06 49.63
C LEU A 191 37.21 -40.79 49.35
N ARG A 192 37.70 -40.73 48.12
CA ARG A 192 38.90 -41.46 47.73
C ARG A 192 40.14 -40.61 47.98
N ALA B 267 57.74 -72.38 47.45
CA ALA B 267 58.28 -71.32 46.61
C ALA B 267 58.66 -71.83 45.22
N SER B 268 58.91 -73.13 45.11
CA SER B 268 59.33 -73.76 43.86
C SER B 268 58.09 -74.21 43.09
N GLY B 269 57.98 -73.76 41.85
CA GLY B 269 56.92 -74.18 40.96
C GLY B 269 55.81 -73.16 40.85
N THR B 270 55.12 -73.20 39.72
CA THR B 270 54.01 -72.30 39.45
C THR B 270 52.75 -72.75 40.17
N ALA B 271 51.76 -71.86 40.20
CA ALA B 271 50.49 -72.17 40.90
C ALA B 271 49.79 -73.32 40.18
N LEU B 272 49.96 -73.42 38.85
CA LEU B 272 49.34 -74.53 38.08
C LEU B 272 49.92 -75.85 38.59
N GLN B 273 51.24 -75.89 38.83
CA GLN B 273 51.87 -77.12 39.40
C GLN B 273 51.30 -77.38 40.79
N GLU B 274 51.12 -76.34 41.60
CA GLU B 274 50.63 -76.53 42.99
C GLU B 274 49.22 -77.14 42.97
N ILE B 275 48.33 -76.61 42.12
CA ILE B 275 46.92 -77.11 42.11
C ILE B 275 46.91 -78.57 41.63
N SER B 276 47.70 -78.89 40.60
CA SER B 276 47.77 -80.28 40.08
C SER B 276 48.32 -81.21 41.17
N PHE B 277 49.34 -80.75 41.90
CA PHE B 277 49.94 -81.57 42.99
C PHE B 277 48.88 -81.85 44.06
N TRP B 278 48.10 -80.83 44.41
CA TRP B 278 47.03 -81.02 45.43
C TRP B 278 45.98 -82.00 44.92
N LEU B 279 45.60 -81.90 43.65
CA LEU B 279 44.63 -82.86 43.05
C LEU B 279 45.26 -84.26 43.05
N ASN B 280 46.56 -84.36 42.74
CA ASN B 280 47.26 -85.67 42.76
C ASN B 280 47.24 -86.24 44.18
N LEU B 281 47.41 -85.39 45.20
CA LEU B 281 47.35 -85.85 46.61
C LEU B 281 45.92 -86.33 46.91
N GLU B 282 44.92 -85.67 46.32
CA GLU B 282 43.50 -86.09 46.48
C GLU B 282 43.34 -87.47 45.82
N ARG B 283 44.14 -87.74 44.78
CA ARG B 283 44.04 -89.02 44.02
C ARG B 283 45.04 -90.03 44.61
N ALA B 284 45.70 -89.68 45.73
CA ALA B 284 46.60 -90.65 46.39
C ALA B 284 46.10 -90.95 47.81
N THR B 328 43.10 -82.99 54.68
CA THR B 328 43.96 -81.93 54.07
C THR B 328 43.34 -81.49 52.73
N VAL B 329 43.31 -82.40 51.75
CA VAL B 329 42.79 -82.07 50.39
C VAL B 329 41.30 -81.70 50.47
N ASN B 330 40.53 -82.43 51.29
CA ASN B 330 39.07 -82.16 51.41
C ASN B 330 38.88 -80.75 51.97
N ASP B 331 39.70 -80.36 52.95
CA ASP B 331 39.60 -79.01 53.55
C ASP B 331 39.92 -77.95 52.48
N TYR B 332 40.89 -78.21 51.60
CA TYR B 332 41.30 -77.17 50.62
C TYR B 332 40.63 -77.42 49.27
N ASN B 333 39.66 -78.33 49.22
CA ASN B 333 39.03 -78.69 47.93
C ASN B 333 38.32 -77.49 47.26
N PRO B 334 37.49 -76.66 47.95
CA PRO B 334 36.89 -75.49 47.29
C PRO B 334 37.96 -74.62 46.61
N LEU B 335 39.06 -74.35 47.30
CA LEU B 335 40.11 -73.45 46.77
C LEU B 335 40.72 -74.06 45.49
N MET B 336 40.92 -75.38 45.47
CA MET B 336 41.59 -76.03 44.31
C MET B 336 40.57 -76.61 43.33
N LYS B 337 39.28 -76.33 43.50
CA LYS B 337 38.23 -76.94 42.64
C LYS B 337 38.41 -76.55 41.16
N ASP B 338 38.71 -75.28 40.88
CA ASP B 338 38.80 -74.82 39.47
C ASP B 338 39.55 -73.49 39.40
N PHE B 339 40.87 -73.50 39.60
CA PHE B 339 41.67 -72.25 39.47
C PHE B 339 41.73 -71.80 38.01
N PRO B 340 41.67 -70.48 37.71
CA PRO B 340 41.70 -69.96 36.34
C PRO B 340 43.12 -69.54 35.91
N LEU B 341 44.15 -70.02 36.60
CA LEU B 341 45.56 -69.64 36.27
C LEU B 341 45.86 -70.08 34.84
N ASN B 342 45.36 -71.26 34.44
CA ASN B 342 45.59 -71.77 33.06
C ASN B 342 44.97 -70.79 32.07
N ASP B 343 43.81 -70.22 32.40
CA ASP B 343 43.14 -69.25 31.49
C ASP B 343 44.02 -68.03 31.30
N LEU B 344 44.67 -67.53 32.36
CA LEU B 344 45.59 -66.37 32.24
C LEU B 344 46.77 -66.75 31.34
N LEU B 345 47.32 -67.95 31.55
CA LEU B 345 48.47 -68.42 30.73
C LEU B 345 48.03 -68.57 29.26
N SER B 346 46.84 -69.13 29.04
CA SER B 346 46.32 -69.34 27.66
C SER B 346 46.10 -68.00 26.95
N ALA B 347 45.59 -66.98 27.67
CA ALA B 347 45.25 -65.71 27.02
C ALA B 347 46.51 -65.06 26.43
N THR B 348 46.44 -64.60 25.18
CA THR B 348 47.58 -63.91 24.52
C THR B 348 47.30 -62.41 24.47
N GLU B 349 46.18 -61.97 25.07
CA GLU B 349 45.80 -60.54 25.02
C GLU B 349 46.00 -59.91 26.41
N LEU B 350 46.65 -58.75 26.47
CA LEU B 350 46.96 -58.10 27.77
C LEU B 350 45.65 -57.76 28.50
N ASP B 351 44.64 -57.27 27.76
CA ASP B 351 43.34 -56.92 28.37
C ASP B 351 42.71 -58.19 28.95
N LYS B 352 42.79 -59.31 28.22
CA LYS B 352 42.26 -60.59 28.73
C LYS B 352 43.02 -61.00 30.00
N ILE B 353 44.34 -60.77 30.02
CA ILE B 353 45.17 -61.21 31.19
C ILE B 353 44.71 -60.50 32.47
N ARG B 354 44.45 -59.19 32.41
CA ARG B 354 43.93 -58.49 33.63
C ARG B 354 42.54 -59.01 34.01
N GLN B 355 41.67 -59.26 33.03
CA GLN B 355 40.33 -59.84 33.32
C GLN B 355 40.49 -61.22 33.96
N ALA B 356 41.41 -62.03 33.43
CA ALA B 356 41.68 -63.38 33.99
C ALA B 356 42.22 -63.23 35.41
N LEU B 357 43.04 -62.21 35.65
CA LEU B 357 43.63 -61.98 37.00
C LEU B 357 42.52 -61.74 38.01
N VAL B 358 41.49 -60.98 37.62
CA VAL B 358 40.33 -60.71 38.53
C VAL B 358 39.67 -62.06 38.86
N ALA B 359 39.50 -62.92 37.85
CA ALA B 359 38.87 -64.25 38.08
C ALA B 359 39.72 -65.07 39.04
N ILE B 360 41.05 -65.01 38.91
CA ILE B 360 41.96 -65.79 39.80
C ILE B 360 41.75 -65.31 41.24
N PHE B 361 41.67 -63.99 41.43
CA PHE B 361 41.46 -63.42 42.79
C PHE B 361 40.08 -63.86 43.33
N THR B 362 39.07 -63.88 42.47
CA THR B 362 37.71 -64.31 42.89
C THR B 362 37.76 -65.76 43.36
N HIS B 363 38.50 -66.62 42.64
CA HIS B 363 38.67 -68.04 43.09
C HIS B 363 39.43 -68.06 44.42
N LEU B 364 40.42 -67.17 44.60
CA LEU B 364 41.23 -67.12 45.83
C LEU B 364 40.35 -66.76 47.05
N ARG B 365 39.22 -66.10 46.84
CA ARG B 365 38.33 -65.66 47.95
C ARG B 365 37.81 -66.89 48.72
N LYS B 366 37.83 -68.08 48.10
CA LYS B 366 37.31 -69.32 48.73
C LYS B 366 38.19 -69.73 49.92
N ILE B 367 39.36 -69.12 50.08
CA ILE B 367 40.29 -69.48 51.19
C ILE B 367 39.58 -69.28 52.54
N ARG B 368 38.63 -68.35 52.61
CA ARG B 368 37.94 -68.06 53.90
C ARG B 368 37.22 -69.32 54.38
N ASN B 369 36.59 -70.09 53.49
CA ASN B 369 35.80 -71.28 53.90
C ASN B 369 36.69 -72.52 53.95
N THR B 370 38.01 -72.35 54.10
CA THR B 370 38.94 -73.47 54.13
C THR B 370 39.91 -73.29 55.30
N LYS B 371 40.60 -74.38 55.64
CA LYS B 371 41.62 -74.38 56.67
C LYS B 371 43.02 -74.13 56.11
N TYR B 372 43.12 -73.39 55.02
CA TYR B 372 44.41 -73.19 54.37
C TYR B 372 45.29 -72.28 55.21
N PRO B 373 46.53 -72.67 55.54
CA PRO B 373 47.43 -71.73 56.23
C PRO B 373 47.72 -70.51 55.37
N ILE B 374 48.02 -69.39 56.04
CA ILE B 374 48.15 -68.12 55.36
C ILE B 374 49.42 -68.08 54.52
N GLN B 375 50.52 -68.62 55.05
CA GLN B 375 51.80 -68.54 54.35
C GLN B 375 51.75 -69.29 53.02
N ARG B 376 51.06 -70.43 52.99
CA ARG B 376 51.02 -71.21 51.76
C ARG B 376 50.19 -70.51 50.68
N ALA B 377 49.07 -69.90 51.08
CA ALA B 377 48.30 -69.10 50.12
C ALA B 377 49.10 -67.89 49.65
N LEU B 378 49.90 -67.29 50.53
CA LEU B 378 50.79 -66.21 50.11
C LEU B 378 51.78 -66.71 49.07
N ARG B 379 52.35 -67.89 49.29
CA ARG B 379 53.27 -68.47 48.32
C ARG B 379 52.57 -68.71 46.99
N LEU B 380 51.33 -69.17 47.03
CA LEU B 380 50.55 -69.33 45.81
C LEU B 380 50.37 -68.00 45.10
N VAL B 381 50.16 -66.93 45.87
CA VAL B 381 50.03 -65.60 45.29
C VAL B 381 51.34 -65.20 44.59
N GLU B 382 52.48 -65.50 45.22
CA GLU B 382 53.76 -65.17 44.58
C GLU B 382 53.96 -65.98 43.31
N ALA B 383 53.55 -67.25 43.30
CA ALA B 383 53.64 -68.05 42.08
C ALA B 383 52.76 -67.46 40.98
N ILE B 384 51.56 -67.01 41.36
CA ILE B 384 50.68 -66.35 40.39
C ILE B 384 51.34 -65.10 39.84
N SER B 385 52.01 -64.33 40.71
CA SER B 385 52.70 -63.13 40.25
C SER B 385 53.81 -63.49 39.27
N ARG B 386 54.55 -64.57 39.55
CA ARG B 386 55.62 -64.99 38.66
C ARG B 386 55.07 -65.36 37.29
N ASP B 387 53.97 -66.12 37.27
CA ASP B 387 53.34 -66.47 35.99
C ASP B 387 52.84 -65.22 35.27
N LEU B 388 52.29 -64.27 36.02
CA LEU B 388 51.82 -63.03 35.43
C LEU B 388 52.96 -62.24 34.80
N SER B 389 54.09 -62.16 35.48
CA SER B 389 55.24 -61.44 34.95
C SER B 389 55.76 -62.12 33.68
N SER B 390 55.85 -63.45 33.70
CA SER B 390 56.31 -64.17 32.51
C SER B 390 55.37 -63.93 31.35
N GLN B 391 54.06 -64.02 31.59
CA GLN B 391 53.09 -63.82 30.51
C GLN B 391 53.12 -62.38 30.00
N LEU B 392 53.30 -61.41 30.91
CA LEU B 392 53.37 -60.02 30.48
C LEU B 392 54.60 -59.77 29.62
N LEU B 393 55.73 -60.37 29.99
CA LEU B 393 56.91 -60.29 29.12
C LEU B 393 56.64 -60.93 27.78
N LYS B 394 55.96 -62.07 27.78
CA LYS B 394 55.66 -62.77 26.53
C LYS B 394 54.83 -61.89 25.59
N VAL B 395 53.75 -61.30 26.11
CA VAL B 395 52.87 -60.51 25.25
C VAL B 395 53.53 -59.19 24.86
N LEU B 396 54.34 -58.60 25.74
CA LEU B 396 54.99 -57.35 25.39
C LEU B 396 56.08 -57.55 24.36
N GLY B 397 56.76 -58.69 24.37
CA GLY B 397 57.87 -58.91 23.46
C GLY B 397 57.46 -58.90 22.00
N THR B 398 56.20 -59.23 21.72
CA THR B 398 55.73 -59.25 20.34
C THR B 398 55.47 -57.86 19.78
N ARG B 399 55.13 -56.89 20.64
CA ARG B 399 54.71 -55.58 20.14
C ARG B 399 55.87 -54.76 19.60
N LYS B 400 57.10 -55.01 20.03
CA LYS B 400 58.27 -54.24 19.60
C LYS B 400 58.09 -52.76 19.95
N LEU B 401 58.07 -52.52 21.26
CA LEU B 401 57.67 -51.22 21.80
C LEU B 401 58.59 -50.09 21.32
N MET B 402 59.85 -50.39 21.02
CA MET B 402 60.75 -49.35 20.55
C MET B 402 60.39 -48.89 19.14
N HIS B 403 60.04 -49.84 18.27
CA HIS B 403 59.78 -49.52 16.87
C HIS B 403 58.53 -48.67 16.66
N VAL B 404 57.48 -48.89 17.45
CA VAL B 404 56.21 -48.19 17.23
C VAL B 404 56.37 -46.73 17.61
N ALA B 405 55.40 -45.92 17.17
CA ALA B 405 55.38 -44.50 17.48
C ALA B 405 54.99 -44.30 18.95
N TYR B 406 54.99 -43.04 19.38
CA TYR B 406 54.72 -42.75 20.78
C TYR B 406 53.28 -43.09 21.14
N GLU B 407 52.32 -42.82 20.25
CA GLU B 407 50.92 -42.94 20.62
C GLU B 407 50.53 -44.38 20.94
N GLU B 408 50.82 -45.31 20.02
CA GLU B 408 50.50 -46.71 20.25
C GLU B 408 51.24 -47.25 21.46
N PHE B 409 52.51 -46.87 21.59
CA PHE B 409 53.31 -47.20 22.76
C PHE B 409 52.59 -46.76 24.03
N GLU B 410 52.12 -45.51 24.04
CA GLU B 410 51.50 -44.94 25.24
C GLU B 410 50.23 -45.71 25.57
N LYS B 411 49.49 -46.13 24.54
CA LYS B 411 48.33 -46.99 24.80
C LYS B 411 48.76 -48.28 25.50
N VAL B 412 49.86 -48.88 25.03
CA VAL B 412 50.33 -50.12 25.67
C VAL B 412 50.73 -49.85 27.12
N MET B 413 51.34 -48.70 27.37
CA MET B 413 51.82 -48.41 28.73
C MET B 413 50.66 -48.21 29.69
N VAL B 414 49.66 -47.41 29.29
CA VAL B 414 48.50 -47.23 30.16
C VAL B 414 47.80 -48.57 30.36
N ALA B 415 47.80 -49.41 29.32
CA ALA B 415 47.17 -50.72 29.46
C ALA B 415 47.87 -51.57 30.51
N CYS B 416 49.19 -51.69 30.44
CA CYS B 416 49.84 -52.57 31.41
C CYS B 416 49.80 -51.96 32.80
N PHE B 417 49.65 -50.63 32.90
CA PHE B 417 49.41 -50.04 34.21
C PHE B 417 47.99 -50.30 34.69
N GLU B 418 47.03 -50.45 33.79
CA GLU B 418 45.72 -50.97 34.19
C GLU B 418 45.87 -52.37 34.77
N VAL B 419 46.73 -53.19 34.16
CA VAL B 419 47.00 -54.52 34.72
C VAL B 419 47.60 -54.39 36.11
N PHE B 420 48.59 -53.51 36.27
CA PHE B 420 49.28 -53.41 37.54
C PHE B 420 48.36 -52.90 38.63
N GLN B 421 47.53 -51.90 38.35
CA GLN B 421 46.60 -51.43 39.37
C GLN B 421 45.50 -52.44 39.63
N THR B 422 45.10 -53.22 38.62
CA THR B 422 44.17 -54.32 38.87
C THR B 422 44.77 -55.31 39.84
N TRP B 423 46.04 -55.67 39.62
CA TRP B 423 46.74 -56.54 40.56
C TRP B 423 46.74 -55.93 41.95
N ASP B 424 47.11 -54.65 42.04
CA ASP B 424 47.24 -54.01 43.35
C ASP B 424 45.91 -53.97 44.09
N ASP B 425 44.84 -53.60 43.40
CA ASP B 425 43.54 -53.46 44.06
C ASP B 425 42.96 -54.82 44.43
N GLU B 426 42.97 -55.78 43.51
CA GLU B 426 42.44 -57.10 43.83
C GLU B 426 43.27 -57.75 44.92
N TYR B 427 44.59 -57.58 44.85
CA TYR B 427 45.46 -58.07 45.91
C TYR B 427 45.12 -57.41 47.22
N GLU B 428 44.84 -56.10 47.21
CA GLU B 428 44.50 -55.40 48.44
C GLU B 428 43.25 -55.96 49.08
N LYS B 429 42.21 -56.20 48.28
CA LYS B 429 40.98 -56.79 48.82
C LYS B 429 41.26 -58.20 49.34
N LEU B 430 42.09 -58.97 48.63
CA LEU B 430 42.46 -60.29 49.11
C LEU B 430 43.18 -60.20 50.45
N GLN B 431 44.09 -59.23 50.60
CA GLN B 431 44.76 -59.07 51.88
C GLN B 431 43.77 -58.70 52.97
N VAL B 432 42.83 -57.79 52.69
CA VAL B 432 41.85 -57.41 53.71
C VAL B 432 41.08 -58.64 54.20
N LEU B 433 40.70 -59.51 53.27
CA LEU B 433 40.07 -60.76 53.69
C LEU B 433 41.05 -61.65 54.46
N LEU B 434 42.34 -61.59 54.16
CA LEU B 434 43.31 -62.35 54.94
C LEU B 434 43.40 -61.85 56.38
N ARG B 435 43.39 -60.53 56.57
CA ARG B 435 43.34 -60.03 57.95
C ARG B 435 42.03 -60.44 58.62
N ASP B 436 40.95 -60.50 57.84
CA ASP B 436 39.69 -60.96 58.42
C ASP B 436 39.80 -62.40 58.94
N ILE B 437 40.38 -63.30 58.14
CA ILE B 437 40.44 -64.69 58.59
C ILE B 437 41.44 -64.85 59.74
N VAL B 438 42.58 -64.17 59.68
CA VAL B 438 43.52 -64.28 60.80
C VAL B 438 42.96 -63.59 62.04
N LYS B 439 41.98 -62.69 61.88
CA LYS B 439 41.21 -62.25 63.03
C LYS B 439 40.30 -63.37 63.51
N ARG B 440 39.73 -64.15 62.58
CA ARG B 440 38.95 -65.31 62.98
C ARG B 440 39.83 -66.38 63.63
N LYS B 441 41.10 -66.45 63.24
CA LYS B 441 42.08 -67.38 63.79
C LYS B 441 43.22 -66.62 64.47
N ARG B 442 42.88 -65.59 65.24
CA ARG B 442 43.90 -64.80 65.92
C ARG B 442 44.64 -65.64 66.96
N GLU B 443 43.91 -66.46 67.72
CA GLU B 443 44.55 -67.28 68.73
C GLU B 443 45.30 -68.45 68.13
N GLU B 444 44.84 -68.96 66.98
CA GLU B 444 45.43 -70.17 66.42
C GLU B 444 46.82 -69.90 65.84
N ASN B 445 46.95 -68.81 65.08
CA ASN B 445 48.19 -68.47 64.39
C ASN B 445 48.70 -67.12 64.87
N LEU B 446 50.01 -67.04 65.13
CA LEU B 446 50.57 -65.78 65.71
C LEU B 446 51.64 -65.19 64.78
N LYS B 447 52.00 -65.89 63.71
CA LYS B 447 52.98 -65.31 62.75
C LYS B 447 52.20 -64.72 61.57
N MET B 448 52.08 -63.40 61.51
CA MET B 448 51.31 -62.74 60.42
C MET B 448 52.24 -61.94 59.51
N VAL B 449 53.57 -62.07 59.70
CA VAL B 449 54.52 -61.35 58.79
C VAL B 449 54.33 -61.90 57.38
N TRP B 450 54.11 -60.99 56.42
CA TRP B 450 53.87 -61.39 55.01
C TRP B 450 55.09 -60.97 54.18
N ARG B 451 55.47 -61.77 53.18
CA ARG B 451 56.59 -61.36 52.29
C ARG B 451 55.95 -60.76 51.02
N ILE B 452 56.18 -59.47 50.77
CA ILE B 452 55.54 -58.80 49.60
C ILE B 452 56.62 -58.41 48.59
N ASN B 453 57.01 -59.35 47.72
CA ASN B 453 58.00 -59.05 46.65
C ASN B 453 57.47 -59.59 45.31
N PRO B 454 56.43 -59.00 44.65
CA PRO B 454 55.89 -59.60 43.43
C PRO B 454 56.94 -59.63 42.32
N ALA B 455 56.88 -60.69 41.51
CA ALA B 455 57.88 -60.89 40.47
C ALA B 455 57.82 -59.77 39.43
N HIS B 456 56.61 -59.37 39.05
CA HIS B 456 56.46 -58.31 38.06
C HIS B 456 56.75 -56.92 38.62
N ARG B 457 56.98 -56.79 39.92
CA ARG B 457 57.32 -55.49 40.48
C ARG B 457 58.61 -54.96 39.86
N LYS B 458 59.60 -55.85 39.67
CA LYS B 458 60.80 -55.45 38.95
C LYS B 458 60.46 -55.06 37.52
N LEU B 459 59.59 -55.81 36.87
CA LEU B 459 59.14 -55.44 35.53
C LEU B 459 58.41 -54.11 35.55
N GLN B 460 57.53 -53.92 36.54
CA GLN B 460 56.84 -52.64 36.67
C GLN B 460 57.83 -51.52 36.95
N ALA B 461 58.78 -51.76 37.87
CA ALA B 461 59.79 -50.75 38.17
C ALA B 461 60.61 -50.43 36.94
N ARG B 462 60.89 -51.42 36.11
CA ARG B 462 61.57 -51.16 34.84
C ARG B 462 60.69 -50.29 33.95
N LEU B 463 59.40 -50.56 33.92
CA LEU B 463 58.51 -49.79 33.05
C LEU B 463 58.20 -48.42 33.62
N ASP B 464 58.20 -48.26 34.95
CA ASP B 464 58.20 -46.92 35.53
C ASP B 464 59.40 -46.13 35.05
N GLN B 465 60.57 -46.75 35.05
CA GLN B 465 61.78 -46.07 34.62
C GLN B 465 61.72 -45.72 33.14
N MET B 466 61.18 -46.63 32.33
CA MET B 466 60.95 -46.32 30.92
C MET B 466 59.89 -45.24 30.75
N ARG B 467 58.83 -45.30 31.55
CA ARG B 467 57.76 -44.31 31.41
C ARG B 467 58.26 -42.91 31.78
N LYS B 468 59.01 -42.80 32.88
CA LYS B 468 59.60 -41.51 33.22
C LYS B 468 60.65 -41.10 32.20
N PHE B 469 61.28 -42.07 31.53
CA PHE B 469 62.12 -41.79 30.37
C PHE B 469 61.31 -41.22 29.20
N ARG B 470 60.44 -42.04 28.61
CA ARG B 470 60.00 -41.72 27.26
C ARG B 470 59.01 -40.56 27.21
N ARG B 471 58.28 -40.31 28.29
CA ARG B 471 57.43 -39.12 28.32
C ARG B 471 58.29 -37.86 28.24
N GLN B 472 59.39 -37.83 28.98
CA GLN B 472 60.29 -36.68 28.94
C GLN B 472 61.00 -36.57 27.59
N HIS B 473 61.40 -37.71 27.02
CA HIS B 473 62.21 -37.68 25.80
C HIS B 473 61.43 -37.07 24.64
N GLU B 474 60.17 -37.47 24.46
CA GLU B 474 59.38 -36.88 23.38
C GLU B 474 59.13 -35.40 23.65
N GLN B 475 58.77 -35.04 24.88
CA GLN B 475 58.58 -33.64 25.22
C GLN B 475 59.89 -32.89 25.07
N LEU B 476 61.01 -33.51 25.45
CA LEU B 476 62.32 -32.93 25.19
C LEU B 476 62.57 -32.81 23.69
N ARG B 477 62.17 -33.83 22.94
CA ARG B 477 62.39 -33.80 21.48
C ARG B 477 61.60 -32.67 20.84
N ALA B 478 60.34 -32.51 21.24
CA ALA B 478 59.51 -31.46 20.65
C ALA B 478 60.05 -30.08 20.97
N VAL B 479 60.45 -29.86 22.23
CA VAL B 479 60.92 -28.54 22.62
C VAL B 479 62.24 -28.21 21.93
N ILE B 480 63.12 -29.20 21.79
CA ILE B 480 64.41 -28.96 21.16
C ILE B 480 64.23 -28.52 19.71
N VAL B 481 63.31 -29.17 18.99
CA VAL B 481 63.00 -28.74 17.63
C VAL B 481 62.41 -27.33 17.65
N ARG B 482 61.50 -27.07 18.59
CA ARG B 482 60.84 -25.77 18.64
C ARG B 482 61.80 -24.67 19.06
N VAL B 483 62.68 -24.95 20.03
CA VAL B 483 63.54 -23.90 20.57
C VAL B 483 64.71 -23.61 19.65
N LEU B 484 65.27 -24.65 19.02
CA LEU B 484 66.37 -24.48 18.08
C LEU B 484 65.90 -24.04 16.69
N ARG B 485 64.62 -23.69 16.53
CA ARG B 485 64.08 -23.21 15.26
C ARG B 485 64.86 -22.00 14.77
N PRO B 486 65.65 -22.11 13.70
CA PRO B 486 66.35 -20.92 13.21
C PRO B 486 65.38 -19.90 12.62
N GLN B 487 65.76 -18.63 12.70
CA GLN B 487 64.94 -17.55 12.15
C GLN B 487 65.08 -17.57 10.64
N ASP B 513 72.28 -23.69 12.28
CA ASP B 513 73.67 -23.83 12.69
C ASP B 513 74.04 -25.31 12.74
N ALA B 514 75.31 -25.60 12.47
CA ALA B 514 75.77 -26.99 12.47
C ALA B 514 75.59 -27.64 13.83
N ALA B 515 75.84 -26.89 14.91
CA ALA B 515 75.58 -27.42 16.25
C ALA B 515 74.10 -27.72 16.44
N ASP B 516 73.23 -26.82 15.98
CA ASP B 516 71.79 -27.03 16.15
C ASP B 516 71.30 -28.22 15.32
N ALA B 517 71.74 -28.31 14.07
CA ALA B 517 71.32 -29.43 13.22
C ALA B 517 71.81 -30.75 13.79
N ASN B 518 73.06 -30.79 14.23
CA ASN B 518 73.58 -32.00 14.87
C ASN B 518 72.89 -32.25 16.20
N ALA B 519 72.47 -31.19 16.91
CA ALA B 519 71.79 -31.38 18.17
C ALA B 519 70.48 -32.11 17.98
N ILE B 520 69.72 -31.76 16.93
CA ILE B 520 68.46 -32.45 16.66
C ILE B 520 68.73 -33.92 16.32
N GLU B 521 69.77 -34.17 15.51
CA GLU B 521 70.15 -35.54 15.22
C GLU B 521 70.76 -36.22 16.43
N GLU B 522 71.49 -35.48 17.27
CA GLU B 522 72.10 -36.08 18.45
C GLU B 522 71.04 -36.56 19.43
N VAL B 523 69.94 -35.82 19.55
CA VAL B 523 68.82 -36.30 20.35
C VAL B 523 68.27 -37.58 19.77
N ASN B 524 68.13 -37.63 18.44
CA ASN B 524 67.71 -38.87 17.78
C ASN B 524 68.74 -39.96 17.98
N LEU B 525 70.02 -39.62 17.81
CA LEU B 525 71.09 -40.63 17.94
C LEU B 525 71.13 -41.21 19.35
N ALA B 526 70.88 -40.37 20.35
CA ALA B 526 70.86 -40.86 21.73
C ALA B 526 69.75 -41.89 21.93
N TYR B 527 68.58 -41.65 21.34
CA TYR B 527 67.46 -42.56 21.55
C TYR B 527 67.67 -43.89 20.83
N GLU B 528 68.33 -43.89 19.67
CA GLU B 528 68.57 -45.14 18.96
C GLU B 528 69.46 -46.06 19.78
N ASN B 529 70.50 -45.51 20.42
CA ASN B 529 71.39 -46.33 21.22
C ASN B 529 70.65 -46.97 22.39
N VAL B 530 69.75 -46.23 23.02
CA VAL B 530 68.89 -46.81 24.04
C VAL B 530 67.94 -47.84 23.43
N LYS B 531 67.48 -47.59 22.21
CA LYS B 531 66.52 -48.50 21.58
C LYS B 531 67.12 -49.88 21.33
N GLU B 532 68.44 -49.94 21.08
CA GLU B 532 69.08 -51.23 20.84
C GLU B 532 69.01 -52.13 22.07
N VAL B 533 68.90 -51.53 23.26
CA VAL B 533 68.78 -52.33 24.48
C VAL B 533 67.38 -52.92 24.57
N ASP B 534 67.27 -54.08 25.22
CA ASP B 534 65.99 -54.71 25.50
C ASP B 534 65.38 -54.04 26.73
N GLY B 535 64.30 -53.28 26.52
CA GLY B 535 63.63 -52.63 27.63
C GLY B 535 62.78 -53.55 28.48
N LEU B 536 62.60 -54.80 28.06
CA LEU B 536 61.80 -55.77 28.80
C LEU B 536 62.62 -56.72 29.64
N ASP B 537 63.91 -56.88 29.36
CA ASP B 537 64.74 -57.84 30.08
C ASP B 537 64.91 -57.39 31.53
N VAL B 538 64.27 -58.11 32.45
CA VAL B 538 64.29 -57.74 33.87
C VAL B 538 65.39 -58.43 34.65
N SER B 539 66.04 -59.45 34.08
CA SER B 539 67.16 -60.08 34.75
C SER B 539 68.30 -59.08 34.94
N LYS B 540 69.18 -59.38 35.90
CA LYS B 540 70.26 -58.46 36.22
C LYS B 540 71.19 -58.26 35.03
N GLU B 541 71.30 -59.27 34.15
CA GLU B 541 72.12 -59.11 32.96
C GLU B 541 71.58 -58.01 32.06
N GLY B 542 70.29 -58.07 31.73
CA GLY B 542 69.69 -57.02 30.93
C GLY B 542 69.62 -55.69 31.66
N THR B 543 69.42 -55.73 32.99
CA THR B 543 69.31 -54.50 33.76
C THR B 543 70.60 -53.69 33.69
N GLU B 544 71.75 -54.35 33.80
CA GLU B 544 73.02 -53.63 33.80
C GLU B 544 73.27 -52.93 32.48
N ALA B 545 72.96 -53.59 31.35
CA ALA B 545 73.07 -52.93 30.05
C ALA B 545 72.10 -51.75 29.95
N TRP B 546 70.87 -51.93 30.44
CA TRP B 546 69.93 -50.82 30.48
C TRP B 546 70.43 -49.71 31.40
N GLU B 547 70.93 -50.08 32.58
CA GLU B 547 71.47 -49.08 33.49
C GLU B 547 72.71 -48.41 32.90
N ALA B 548 73.59 -49.19 32.28
CA ALA B 548 74.79 -48.61 31.68
C ALA B 548 74.43 -47.66 30.55
N ALA B 549 73.46 -48.05 29.72
CA ALA B 549 72.93 -47.11 28.74
C ALA B 549 72.22 -45.94 29.39
N MET B 550 71.64 -46.15 30.58
CA MET B 550 70.91 -45.07 31.25
C MET B 550 71.84 -43.92 31.60
N LYS B 551 73.00 -44.23 32.19
CA LYS B 551 73.99 -43.21 32.46
C LYS B 551 74.57 -42.63 31.18
N ARG B 552 74.60 -43.43 30.12
CA ARG B 552 75.09 -42.94 28.82
C ARG B 552 74.14 -41.90 28.25
N TYR B 553 72.83 -42.05 28.48
CA TYR B 553 71.85 -41.15 27.87
C TYR B 553 72.02 -39.73 28.37
N ASP B 554 72.05 -39.55 29.69
CA ASP B 554 71.98 -38.22 30.26
C ASP B 554 73.22 -37.40 29.91
N GLU B 555 74.37 -38.06 29.79
CA GLU B 555 75.58 -37.35 29.39
C GLU B 555 75.43 -36.75 27.99
N ARG B 556 74.79 -37.50 27.08
CA ARG B 556 74.54 -36.95 25.75
C ARG B 556 73.60 -35.76 25.81
N ILE B 557 72.53 -35.85 26.60
CA ILE B 557 71.59 -34.74 26.68
C ILE B 557 72.18 -33.58 27.48
N ASP B 558 73.18 -33.85 28.31
CA ASP B 558 73.88 -32.72 28.98
C ASP B 558 74.46 -31.84 27.88
N ARG B 559 75.00 -32.45 26.82
CA ARG B 559 75.63 -31.68 25.71
C ARG B 559 74.57 -30.88 24.95
N VAL B 560 73.35 -31.42 24.84
CA VAL B 560 72.27 -30.74 24.08
C VAL B 560 71.54 -29.76 25.02
N GLU B 561 71.42 -30.11 26.30
CA GLU B 561 70.74 -29.23 27.29
C GLU B 561 71.55 -27.94 27.42
N THR B 562 72.87 -28.02 27.30
CA THR B 562 73.72 -26.79 27.35
C THR B 562 73.35 -25.87 26.17
N ARG B 563 73.07 -26.45 25.00
CA ARG B 563 72.61 -25.62 23.86
C ARG B 563 71.26 -24.99 24.20
N ILE B 564 70.43 -25.65 25.02
CA ILE B 564 69.19 -25.01 25.43
C ILE B 564 69.46 -24.01 26.53
N THR B 565 70.44 -24.30 27.39
CA THR B 565 70.80 -23.36 28.45
C THR B 565 71.34 -22.06 27.88
N ALA B 566 71.93 -22.11 26.68
CA ALA B 566 72.28 -20.87 26.00
C ALA B 566 71.05 -20.02 25.72
N ARG B 567 69.92 -20.67 25.41
CA ARG B 567 68.65 -19.96 25.24
C ARG B 567 67.98 -19.64 26.56
N LEU B 568 68.37 -20.29 27.66
CA LEU B 568 67.85 -19.87 28.96
C LEU B 568 68.39 -18.51 29.38
N ARG B 569 69.44 -18.01 28.74
CA ARG B 569 70.08 -16.76 29.11
C ARG B 569 69.58 -15.58 28.29
N ASP B 570 69.67 -15.68 26.97
CA ASP B 570 69.44 -14.52 26.12
C ASP B 570 67.99 -14.02 26.18
N GLN B 571 67.04 -14.93 26.38
CA GLN B 571 65.64 -14.55 26.25
C GLN B 571 65.21 -13.57 27.33
N LEU B 572 65.92 -13.54 28.47
CA LEU B 572 65.72 -12.47 29.42
C LEU B 572 66.10 -11.11 28.84
N GLY B 573 67.20 -11.07 28.08
CA GLY B 573 67.71 -9.79 27.60
C GLY B 573 66.71 -9.04 26.75
N THR B 574 65.96 -9.76 25.92
CA THR B 574 64.87 -9.14 25.17
C THR B 574 63.64 -8.91 26.04
N ALA B 575 63.50 -9.67 27.13
CA ALA B 575 62.30 -9.59 27.96
C ALA B 575 62.44 -8.49 29.00
N LYS B 576 61.47 -7.59 29.03
CA LYS B 576 61.37 -6.52 30.03
C LYS B 576 60.01 -6.47 30.70
N ASN B 577 58.93 -6.79 29.98
CA ASN B 577 57.61 -6.83 30.58
C ASN B 577 57.37 -8.17 31.27
N ALA B 578 56.42 -8.16 32.21
CA ALA B 578 56.06 -9.40 32.88
C ALA B 578 55.43 -10.39 31.93
N ASN B 579 54.55 -9.92 31.04
CA ASN B 579 53.86 -10.82 30.13
C ASN B 579 54.83 -11.45 29.14
N GLU B 580 55.70 -10.63 28.54
CA GLU B 580 56.63 -11.18 27.54
C GLU B 580 57.63 -12.12 28.20
N MET B 581 58.05 -11.81 29.43
CA MET B 581 58.90 -12.74 30.17
C MET B 581 58.14 -14.03 30.48
N PHE B 582 56.87 -13.91 30.86
CA PHE B 582 56.05 -15.09 31.11
C PHE B 582 55.95 -15.97 29.89
N ARG B 583 56.01 -15.40 28.69
CA ARG B 583 55.86 -16.19 27.48
C ARG B 583 57.01 -17.17 27.29
N ILE B 584 58.25 -16.68 27.31
CA ILE B 584 59.35 -17.54 26.89
C ILE B 584 59.57 -18.62 27.93
N PHE B 585 59.20 -18.35 29.19
CA PHE B 585 59.14 -19.42 30.17
C PHE B 585 58.11 -20.46 29.75
N SER B 586 56.99 -20.04 29.17
CA SER B 586 55.99 -20.98 28.71
C SER B 586 56.49 -21.81 27.53
N ARG B 587 57.50 -21.33 26.81
CA ARG B 587 58.06 -22.12 25.71
C ARG B 587 58.68 -23.41 26.22
N PHE B 588 59.39 -23.33 27.34
CA PHE B 588 60.13 -24.46 27.87
C PHE B 588 59.25 -25.35 28.76
N ASN B 589 58.12 -25.79 28.22
CA ASN B 589 57.20 -26.59 29.02
C ASN B 589 57.78 -27.94 29.39
N ALA B 590 58.59 -28.53 28.51
CA ALA B 590 59.17 -29.84 28.80
C ALA B 590 60.25 -29.76 29.86
N LEU B 591 60.90 -28.61 30.01
CA LEU B 591 62.13 -28.51 30.78
C LEU B 591 61.90 -28.27 32.26
N PHE B 592 60.64 -28.24 32.72
CA PHE B 592 60.40 -28.03 34.14
C PHE B 592 60.72 -29.27 34.96
N VAL B 593 60.48 -30.46 34.41
CA VAL B 593 60.77 -31.68 35.15
C VAL B 593 62.28 -31.88 35.31
N ARG B 594 63.07 -31.44 34.35
CA ARG B 594 64.51 -31.64 34.43
C ARG B 594 65.10 -30.75 35.53
N PRO B 595 65.95 -31.30 36.46
CA PRO B 595 66.62 -30.45 37.45
C PRO B 595 67.94 -29.86 36.94
N HIS B 596 67.91 -29.33 35.72
CA HIS B 596 69.01 -28.60 35.14
C HIS B 596 68.58 -27.26 34.54
N ILE B 597 67.33 -27.13 34.15
CA ILE B 597 66.77 -25.85 33.73
C ILE B 597 66.20 -25.08 34.93
N ARG B 598 65.71 -25.79 35.95
CA ARG B 598 65.22 -25.11 37.14
C ARG B 598 66.33 -24.33 37.82
N GLY B 599 67.58 -24.74 37.66
CA GLY B 599 68.69 -23.93 38.13
C GLY B 599 68.74 -22.57 37.43
N ALA B 600 68.53 -22.58 36.12
CA ALA B 600 68.46 -21.32 35.38
C ALA B 600 67.24 -20.50 35.81
N ILE B 601 66.09 -21.17 35.97
CA ILE B 601 64.89 -20.48 36.40
C ILE B 601 65.08 -19.88 37.78
N ARG B 602 65.80 -20.59 38.65
CA ARG B 602 66.08 -20.07 39.98
C ARG B 602 66.86 -18.75 39.91
N GLU B 603 67.68 -18.58 38.89
CA GLU B 603 68.37 -17.30 38.71
C GLU B 603 67.36 -16.19 38.50
N TYR B 604 66.35 -16.43 37.67
CA TYR B 604 65.36 -15.42 37.33
C TYR B 604 64.08 -15.55 38.15
N GLN B 605 64.05 -16.47 39.12
CA GLN B 605 62.87 -16.64 39.97
C GLN B 605 62.57 -15.36 40.73
N THR B 606 63.60 -14.69 41.26
CA THR B 606 63.37 -13.55 42.11
C THR B 606 62.93 -12.31 41.33
N GLN B 607 63.52 -12.09 40.15
CA GLN B 607 63.29 -10.82 39.47
C GLN B 607 61.88 -10.76 38.87
N LEU B 608 61.41 -11.88 38.30
CA LEU B 608 60.09 -11.90 37.68
C LEU B 608 58.99 -11.63 38.70
N ILE B 609 59.24 -11.91 39.97
CA ILE B 609 58.27 -11.58 41.01
C ILE B 609 58.09 -10.07 41.08
N GLN B 610 59.16 -9.30 40.89
CA GLN B 610 59.03 -7.85 40.87
C GLN B 610 58.23 -7.38 39.66
N ARG B 611 58.45 -8.01 38.51
CA ARG B 611 57.74 -7.60 37.30
C ARG B 611 56.24 -7.81 37.45
N VAL B 612 55.83 -8.99 37.88
CA VAL B 612 54.40 -9.25 38.02
C VAL B 612 53.80 -8.38 39.10
N LYS B 613 54.59 -7.98 40.09
CA LYS B 613 54.11 -7.01 41.07
C LYS B 613 53.77 -5.69 40.40
N ASP B 614 54.62 -5.24 39.47
CA ASP B 614 54.36 -3.98 38.78
C ASP B 614 53.09 -4.07 37.95
N ASP B 615 52.91 -5.17 37.21
CA ASP B 615 51.69 -5.34 36.44
C ASP B 615 50.48 -5.47 37.35
N ILE B 616 50.64 -6.18 38.48
CA ILE B 616 49.54 -6.26 39.44
C ILE B 616 49.27 -4.89 40.04
N GLU B 617 50.31 -4.09 40.22
CA GLU B 617 50.10 -2.71 40.64
C GLU B 617 49.36 -1.92 39.57
N SER B 618 49.72 -2.13 38.30
CA SER B 618 48.99 -1.48 37.22
C SER B 618 47.55 -1.94 37.19
N LEU B 619 47.31 -3.22 37.40
CA LEU B 619 45.94 -3.70 37.55
C LEU B 619 45.29 -3.09 38.78
N HIS B 620 46.06 -2.95 39.87
CA HIS B 620 45.54 -2.26 41.04
C HIS B 620 45.25 -0.80 40.73
N ASP B 621 46.09 -0.16 39.92
CA ASP B 621 45.87 1.23 39.57
C ASP B 621 44.57 1.43 38.80
N LYS B 622 44.24 0.49 37.90
CA LYS B 622 42.98 0.58 37.18
C LYS B 622 41.80 0.50 38.13
N PHE B 623 41.93 -0.24 39.22
CA PHE B 623 40.87 -0.30 40.22
C PHE B 623 40.80 0.97 41.05
N LYS B 624 41.93 1.67 41.22
CA LYS B 624 41.94 2.88 42.03
C LYS B 624 41.02 3.96 41.46
N VAL B 625 40.79 3.92 40.14
CA VAL B 625 39.75 4.72 39.53
C VAL B 625 38.44 3.95 39.64
N GLN B 626 37.42 4.59 40.21
CA GLN B 626 36.14 3.91 40.39
C GLN B 626 35.50 3.61 39.04
N TYR B 627 34.59 2.65 39.05
CA TYR B 627 33.95 2.25 37.80
C TYR B 627 33.21 3.38 37.11
N PRO B 628 32.41 4.21 37.79
CA PRO B 628 31.76 5.32 37.06
C PRO B 628 32.74 6.27 36.41
N GLN B 629 33.90 6.50 37.02
CA GLN B 629 34.88 7.40 36.46
C GLN B 629 35.62 6.78 35.28
N SER B 630 35.76 5.47 35.27
CA SER B 630 36.59 4.82 34.26
C SER B 630 35.97 4.96 32.88
N GLN B 631 36.82 4.77 31.87
CA GLN B 631 36.33 4.74 30.49
C GLN B 631 35.41 3.56 30.24
N ALA B 632 35.49 2.51 31.06
CA ALA B 632 34.64 1.34 30.86
C ALA B 632 33.18 1.69 31.03
N CYS B 633 32.85 2.50 32.05
CA CYS B 633 31.45 2.85 32.26
C CYS B 633 30.91 3.72 31.12
N LYS B 634 31.73 4.65 30.63
CA LYS B 634 31.31 5.45 29.49
C LYS B 634 31.09 4.58 28.28
N MET B 635 31.98 3.62 28.03
CA MET B 635 31.84 2.75 26.88
C MET B 635 30.78 1.68 27.11
N SER B 636 30.66 1.17 28.32
CA SER B 636 29.66 0.16 28.63
C SER B 636 28.25 0.71 28.67
N HIS B 637 28.08 2.02 28.56
CA HIS B 637 26.77 2.60 28.30
C HIS B 637 26.44 2.60 26.81
N VAL B 638 27.46 2.69 25.96
CA VAL B 638 27.23 2.69 24.51
C VAL B 638 26.62 1.38 24.09
N ARG B 639 27.18 0.28 24.58
CA ARG B 639 26.61 -1.05 24.41
C ARG B 639 25.71 -1.31 25.59
N ASP B 640 24.54 -1.88 25.35
CA ASP B 640 23.52 -1.95 26.39
C ASP B 640 24.01 -2.84 27.52
N LEU B 641 24.42 -2.20 28.61
CA LEU B 641 24.86 -2.88 29.81
C LEU B 641 24.63 -1.92 30.98
N PRO B 642 23.58 -2.09 31.79
CA PRO B 642 23.24 -1.06 32.78
C PRO B 642 24.33 -0.91 33.82
N PRO B 643 24.32 0.19 34.58
CA PRO B 643 25.49 0.50 35.42
C PRO B 643 25.81 -0.51 36.48
N VAL B 644 24.80 -1.09 37.14
CA VAL B 644 25.08 -2.06 38.20
C VAL B 644 25.70 -3.31 37.60
N SER B 645 25.08 -3.83 36.53
CA SER B 645 25.64 -5.00 35.87
C SER B 645 27.01 -4.71 35.28
N GLY B 646 27.17 -3.52 34.69
CA GLY B 646 28.46 -3.17 34.13
C GLY B 646 29.58 -3.14 35.14
N SER B 647 29.26 -2.73 36.37
CA SER B 647 30.28 -2.68 37.42
C SER B 647 30.83 -4.07 37.72
N ILE B 648 29.95 -5.07 37.76
CA ILE B 648 30.40 -6.42 38.08
C ILE B 648 31.32 -6.96 36.97
N ILE B 649 30.97 -6.71 35.71
CA ILE B 649 31.81 -7.17 34.62
C ILE B 649 33.16 -6.48 34.68
N TRP B 650 33.18 -5.18 34.96
CA TRP B 650 34.44 -4.49 35.13
C TRP B 650 35.20 -5.02 36.35
N ALA B 651 34.48 -5.50 37.35
CA ALA B 651 35.15 -6.07 38.51
C ALA B 651 35.64 -7.49 38.23
N LYS B 652 34.77 -8.33 37.69
CA LYS B 652 35.12 -9.74 37.52
C LYS B 652 36.28 -9.90 36.55
N GLN B 653 36.24 -9.19 35.43
CA GLN B 653 37.29 -9.38 34.42
C GLN B 653 38.64 -8.89 34.93
N ILE B 654 38.65 -7.94 35.88
CA ILE B 654 39.91 -7.58 36.51
C ILE B 654 40.37 -8.70 37.43
N ASP B 655 39.45 -9.29 38.18
CA ASP B 655 39.82 -10.41 39.05
C ASP B 655 40.29 -11.60 38.23
N ARG B 656 39.65 -11.84 37.09
CA ARG B 656 40.09 -12.92 36.21
C ARG B 656 41.52 -12.68 35.74
N GLN B 657 41.88 -11.43 35.47
CA GLN B 657 43.24 -11.12 35.07
C GLN B 657 44.21 -11.39 36.21
N LEU B 658 43.83 -11.03 37.44
CA LEU B 658 44.71 -11.29 38.57
C LEU B 658 44.87 -12.79 38.78
N THR B 659 43.75 -13.53 38.77
CA THR B 659 43.82 -14.97 38.89
C THR B 659 44.64 -15.57 37.76
N ALA B 660 44.48 -15.02 36.55
CA ALA B 660 45.33 -15.43 35.44
C ALA B 660 46.79 -15.14 35.74
N TYR B 661 47.06 -14.01 36.40
CA TYR B 661 48.44 -13.67 36.72
C TYR B 661 49.04 -14.66 37.70
N MET B 662 48.30 -15.01 38.75
CA MET B 662 48.84 -15.92 39.76
C MET B 662 48.92 -17.35 39.23
N LYS B 663 48.15 -17.69 38.21
CA LYS B 663 48.31 -19.02 37.62
C LYS B 663 49.68 -19.15 36.98
N ARG B 664 50.14 -18.11 36.30
CA ARG B 664 51.45 -18.18 35.65
C ARG B 664 52.57 -18.23 36.67
N VAL B 665 52.51 -17.37 37.70
CA VAL B 665 53.62 -17.28 38.65
C VAL B 665 53.78 -18.57 39.44
N GLU B 666 52.70 -19.34 39.58
CA GLU B 666 52.84 -20.68 40.15
C GLU B 666 53.76 -21.54 39.29
N ASP B 667 53.64 -21.40 37.96
CA ASP B 667 54.49 -22.19 37.08
C ASP B 667 55.94 -21.71 37.12
N VAL B 668 56.16 -20.42 37.37
CA VAL B 668 57.52 -19.89 37.47
C VAL B 668 58.27 -20.58 38.61
N LEU B 669 57.78 -20.38 39.82
CA LEU B 669 58.39 -20.96 41.01
C LEU B 669 57.96 -22.40 41.27
N GLY B 670 57.10 -22.97 40.41
CA GLY B 670 56.61 -24.30 40.66
C GLY B 670 55.60 -24.30 41.80
N LYS B 671 55.26 -25.50 42.23
CA LYS B 671 54.37 -25.64 43.38
C LYS B 671 55.06 -25.13 44.64
N GLY B 672 54.27 -24.55 45.54
CA GLY B 672 54.82 -24.01 46.76
C GLY B 672 55.49 -22.67 46.62
N TRP B 673 55.07 -21.85 45.64
CA TRP B 673 55.63 -20.51 45.52
C TRP B 673 55.33 -19.64 46.73
N GLU B 674 54.24 -19.92 47.45
CA GLU B 674 53.87 -19.07 48.58
C GLU B 674 54.85 -19.18 49.74
N ASN B 675 55.66 -20.23 49.79
CA ASN B 675 56.52 -20.48 50.94
C ASN B 675 57.81 -19.66 50.91
N HIS B 676 58.12 -18.99 49.81
CA HIS B 676 59.36 -18.23 49.72
C HIS B 676 59.20 -16.88 50.40
N VAL B 677 60.34 -16.20 50.59
CA VAL B 677 60.33 -14.91 51.27
C VAL B 677 59.58 -13.87 50.45
N GLU B 678 59.90 -13.76 49.17
CA GLU B 678 59.18 -12.83 48.30
C GLU B 678 57.81 -13.37 47.93
N GLY B 679 57.66 -14.70 47.87
CA GLY B 679 56.38 -15.28 47.52
C GLY B 679 55.29 -14.94 48.52
N GLN B 680 55.65 -14.83 49.80
CA GLN B 680 54.69 -14.43 50.81
C GLN B 680 54.16 -13.01 50.54
N LYS B 681 55.07 -12.08 50.19
CA LYS B 681 54.67 -10.68 50.04
C LYS B 681 53.68 -10.51 48.91
N LEU B 682 53.97 -11.10 47.75
CA LEU B 682 53.06 -10.95 46.61
C LEU B 682 51.75 -11.67 46.85
N LYS B 683 51.78 -12.79 47.58
CA LYS B 683 50.54 -13.47 47.91
C LYS B 683 49.63 -12.59 48.75
N GLN B 684 50.21 -11.87 49.72
CA GLN B 684 49.40 -10.97 50.54
C GLN B 684 48.81 -9.84 49.70
N ASP B 685 49.62 -9.25 48.81
CA ASP B 685 49.12 -8.17 47.97
C ASP B 685 48.02 -8.67 47.03
N GLY B 686 48.23 -9.81 46.39
CA GLY B 686 47.23 -10.31 45.46
C GLY B 686 45.94 -10.69 46.14
N ASP B 687 46.02 -11.41 47.25
CA ASP B 687 44.81 -11.78 47.99
C ASP B 687 44.13 -10.55 48.57
N SER B 688 44.90 -9.62 49.12
CA SER B 688 44.31 -8.40 49.67
C SER B 688 43.62 -7.60 48.57
N PHE B 689 44.28 -7.47 47.41
CA PHE B 689 43.64 -6.81 46.28
C PHE B 689 42.42 -7.59 45.81
N ARG B 690 42.51 -8.93 45.82
CA ARG B 690 41.39 -9.75 45.40
C ARG B 690 40.18 -9.52 46.28
N MET B 691 40.41 -9.27 47.58
CA MET B 691 39.30 -8.97 48.46
C MET B 691 38.59 -7.68 48.05
N LYS B 692 39.35 -6.69 47.58
CA LYS B 692 38.74 -5.44 47.13
C LYS B 692 37.88 -5.64 45.88
N LEU B 693 38.14 -6.71 45.11
CA LEU B 693 37.39 -6.99 43.89
C LEU B 693 36.13 -7.80 44.16
N ASN B 694 35.66 -7.87 45.40
CA ASN B 694 34.49 -8.67 45.70
C ASN B 694 33.27 -8.07 45.03
N THR B 695 32.46 -8.93 44.41
CA THR B 695 31.29 -8.52 43.65
C THR B 695 29.98 -8.84 44.36
N GLN B 696 29.97 -9.81 45.27
CA GLN B 696 28.73 -10.22 45.93
C GLN B 696 28.14 -9.08 46.76
N GLU B 697 28.99 -8.21 47.30
CA GLU B 697 28.48 -7.08 48.08
C GLU B 697 27.66 -6.15 47.21
N ILE B 698 28.06 -5.96 45.95
CA ILE B 698 27.36 -5.03 45.06
C ILE B 698 25.95 -5.53 44.77
N PHE B 699 25.84 -6.80 44.38
CA PHE B 699 24.54 -7.34 44.01
C PHE B 699 23.60 -7.39 45.20
N ASP B 700 24.13 -7.67 46.38
CA ASP B 700 23.30 -7.70 47.58
C ASP B 700 22.71 -6.32 47.87
N ASP B 701 23.52 -5.27 47.72
CA ASP B 701 23.00 -3.92 47.91
C ASP B 701 21.95 -3.58 46.86
N TRP B 702 22.21 -3.93 45.61
CA TRP B 702 21.25 -3.67 44.55
C TRP B 702 19.98 -4.47 44.78
N ALA B 703 20.12 -5.72 45.22
CA ALA B 703 18.94 -6.54 45.50
C ALA B 703 18.10 -5.91 46.60
N ARG B 704 18.75 -5.35 47.62
CA ARG B 704 18.00 -4.65 48.66
C ARG B 704 17.40 -3.37 48.15
N LYS B 705 18.16 -2.59 47.36
CA LYS B 705 17.70 -1.28 46.95
C LYS B 705 16.48 -1.36 46.05
N VAL B 706 16.43 -2.35 45.15
CA VAL B 706 15.31 -2.45 44.23
C VAL B 706 14.01 -2.73 44.98
N GLN B 707 14.08 -3.58 46.02
CA GLN B 707 12.88 -3.93 46.76
C GLN B 707 12.29 -2.72 47.46
N GLN B 708 13.12 -1.75 47.84
CA GLN B 708 12.61 -0.50 48.39
C GLN B 708 11.92 0.32 47.33
N ARG B 709 12.41 0.28 46.09
CA ARG B 709 11.82 1.07 45.02
C ARG B 709 10.40 0.62 44.70
N ASN B 710 10.15 -0.69 44.76
CA ASN B 710 8.86 -1.26 44.39
C ASN B 710 8.52 -0.93 42.95
N LEU B 711 9.38 -1.39 42.05
CA LEU B 711 9.22 -1.13 40.63
C LEU B 711 8.05 -1.93 40.07
N GLY B 712 7.18 -1.25 39.34
CA GLY B 712 6.04 -1.88 38.71
C GLY B 712 5.34 -0.92 37.79
N VAL B 713 4.48 -1.46 36.94
CA VAL B 713 3.72 -0.70 35.96
C VAL B 713 2.26 -1.05 36.12
N SER B 714 1.40 -0.03 36.17
CA SER B 714 -0.03 -0.23 36.29
C SER B 714 -0.71 1.12 36.22
N GLY B 715 -2.02 1.10 36.00
CA GLY B 715 -2.80 2.32 36.03
C GLY B 715 -2.71 3.10 34.72
N ARG B 716 -2.86 4.42 34.86
CA ARG B 716 -2.96 5.30 33.70
C ARG B 716 -1.67 5.29 32.89
N ILE B 717 -1.82 5.44 31.57
CA ILE B 717 -0.66 5.33 30.69
C ILE B 717 0.14 6.62 30.62
N PHE B 718 -0.49 7.76 30.87
CA PHE B 718 0.17 9.06 30.86
C PHE B 718 0.15 9.66 32.26
N THR B 719 1.08 10.58 32.48
CA THR B 719 1.17 11.30 33.76
C THR B 719 1.65 12.70 33.47
N ILE B 720 0.78 13.69 33.60
CA ILE B 720 1.10 15.07 33.27
C ILE B 720 1.79 15.66 34.49
N GLU B 721 3.12 15.72 34.45
CA GLU B 721 3.93 16.17 35.57
C GLU B 721 4.22 17.67 35.44
N SER B 722 4.52 18.28 36.58
CA SER B 722 4.84 19.70 36.65
C SER B 722 6.35 19.87 36.65
N THR B 723 6.86 20.67 35.71
CA THR B 723 8.29 20.93 35.59
C THR B 723 8.50 22.42 35.35
N ARG B 724 9.55 22.96 35.97
CA ARG B 724 9.85 24.39 35.86
C ARG B 724 10.80 24.62 34.69
N VAL B 725 10.52 25.65 33.91
CA VAL B 725 11.35 26.07 32.79
C VAL B 725 11.93 27.44 33.14
N ARG B 726 13.24 27.59 32.93
CA ARG B 726 13.90 28.85 33.26
C ARG B 726 13.35 29.99 32.43
N GLY B 727 13.08 31.12 33.11
CA GLY B 727 12.53 32.29 32.47
C GLY B 727 11.02 32.34 32.43
N ARG B 728 10.34 31.26 32.81
CA ARG B 728 8.88 31.20 32.86
C ARG B 728 8.45 31.01 34.31
N THR B 729 7.70 31.98 34.83
CA THR B 729 7.25 31.90 36.22
C THR B 729 6.31 30.72 36.43
N GLY B 730 5.49 30.40 35.42
CA GLY B 730 4.56 29.29 35.53
C GLY B 730 5.27 27.96 35.32
N ASN B 731 4.79 26.94 36.03
CA ASN B 731 5.33 25.59 35.89
C ASN B 731 4.86 24.98 34.57
N VAL B 732 5.80 24.56 33.74
CA VAL B 732 5.49 24.02 32.42
C VAL B 732 5.14 22.55 32.57
N LEU B 733 3.95 22.18 32.11
CA LEU B 733 3.50 20.80 32.19
C LEU B 733 4.04 20.02 31.01
N LYS B 734 4.53 18.81 31.28
CA LYS B 734 5.08 17.93 30.27
C LYS B 734 4.45 16.56 30.38
N LEU B 735 4.18 15.95 29.23
CA LEU B 735 3.53 14.64 29.17
C LEU B 735 4.57 13.54 29.06
N LYS B 736 4.43 12.51 29.88
CA LYS B 736 5.31 11.35 29.86
C LYS B 736 4.47 10.09 29.92
N VAL B 737 5.00 9.02 29.34
CA VAL B 737 4.36 7.72 29.45
C VAL B 737 4.64 7.15 30.83
N ASN B 738 3.62 6.57 31.45
CA ASN B 738 3.74 6.04 32.81
C ASN B 738 4.47 4.70 32.77
N PHE B 739 5.75 4.78 32.40
CA PHE B 739 6.62 3.62 32.32
C PHE B 739 8.02 4.15 32.62
N LEU B 740 8.40 4.06 33.90
CA LEU B 740 9.58 4.75 34.35
C LEU B 740 10.83 4.17 33.69
N PRO B 741 11.88 4.97 33.49
CA PRO B 741 13.13 4.40 32.94
C PRO B 741 13.72 3.33 33.83
N GLU B 742 13.48 3.39 35.13
CA GLU B 742 14.01 2.36 36.04
C GLU B 742 13.48 0.98 35.69
N ILE B 743 12.24 0.91 35.20
CA ILE B 743 11.71 -0.37 34.75
C ILE B 743 12.53 -0.90 33.58
N ILE B 744 12.83 -0.03 32.62
CA ILE B 744 13.59 -0.45 31.45
C ILE B 744 14.99 -0.90 31.86
N THR B 745 15.59 -0.20 32.83
CA THR B 745 16.87 -0.63 33.36
C THR B 745 16.73 -1.97 34.09
N LEU B 746 15.57 -2.23 34.69
CA LEU B 746 15.40 -3.45 35.46
C LEU B 746 15.41 -4.67 34.56
N SER B 747 14.83 -4.57 33.36
CA SER B 747 14.79 -5.72 32.49
C SER B 747 16.18 -6.15 32.07
N LYS B 748 17.05 -5.18 31.77
CA LYS B 748 18.43 -5.51 31.42
C LYS B 748 19.21 -5.95 32.63
N GLU B 749 18.90 -5.39 33.81
CA GLU B 749 19.61 -5.76 35.03
C GLU B 749 19.41 -7.23 35.36
N VAL B 750 18.15 -7.69 35.37
CA VAL B 750 17.86 -9.06 35.76
C VAL B 750 18.48 -10.02 34.77
N ARG B 751 18.38 -9.71 33.48
CA ARG B 751 18.92 -10.61 32.46
C ARG B 751 20.44 -10.72 32.57
N ASN B 752 21.12 -9.60 32.84
CA ASN B 752 22.57 -9.62 32.86
C ASN B 752 23.12 -10.31 34.09
N LEU B 753 22.47 -10.11 35.24
CA LEU B 753 23.00 -10.70 36.47
C LEU B 753 22.84 -12.21 36.48
N LYS B 754 21.85 -12.74 35.78
CA LYS B 754 21.64 -14.18 35.77
C LYS B 754 22.78 -14.91 35.08
N TRP B 755 23.20 -14.44 33.91
CA TRP B 755 24.30 -15.11 33.22
C TRP B 755 25.60 -14.93 33.98
N LEU B 756 25.75 -13.84 34.73
CA LEU B 756 26.93 -13.68 35.56
C LEU B 756 26.99 -14.70 36.68
N GLY B 757 25.88 -15.35 37.01
CA GLY B 757 25.81 -16.35 38.05
C GLY B 757 25.21 -15.87 39.35
N PHE B 758 24.68 -14.65 39.40
CA PHE B 758 24.07 -14.13 40.61
C PHE B 758 22.62 -14.57 40.69
N ARG B 759 22.26 -15.19 41.80
CA ARG B 759 20.89 -15.68 42.01
C ARG B 759 20.00 -14.49 42.30
N VAL B 760 19.39 -13.94 41.25
CA VAL B 760 18.49 -12.79 41.43
C VAL B 760 17.30 -13.24 42.25
N PRO B 761 16.80 -12.44 43.21
CA PRO B 761 15.61 -12.87 43.95
C PRO B 761 14.43 -13.06 43.02
N LEU B 762 13.64 -14.10 43.29
CA LEU B 762 12.53 -14.41 42.39
C LEU B 762 11.46 -13.34 42.43
N ALA B 763 11.37 -12.55 43.49
CA ALA B 763 10.41 -11.47 43.52
C ALA B 763 10.71 -10.43 42.45
N ILE B 764 11.99 -10.09 42.28
CA ILE B 764 12.34 -9.07 41.28
C ILE B 764 12.17 -9.62 39.88
N VAL B 765 12.42 -10.91 39.68
CA VAL B 765 12.19 -11.51 38.37
C VAL B 765 10.73 -11.38 37.98
N ASN B 766 9.83 -11.58 38.95
CA ASN B 766 8.41 -11.42 38.67
C ASN B 766 8.07 -9.98 38.31
N LYS B 767 8.63 -9.02 39.05
CA LYS B 767 8.36 -7.62 38.75
C LYS B 767 8.94 -7.23 37.39
N ALA B 768 10.19 -7.62 37.13
CA ALA B 768 10.81 -7.31 35.85
C ALA B 768 10.11 -8.01 34.71
N HIS B 769 9.77 -9.30 34.89
CA HIS B 769 9.12 -10.04 33.82
C HIS B 769 7.74 -9.49 33.51
N GLN B 770 7.03 -9.00 34.53
CA GLN B 770 5.69 -8.48 34.30
C GLN B 770 5.73 -7.26 33.39
N ALA B 771 6.65 -6.34 33.67
CA ALA B 771 6.70 -5.11 32.88
C ALA B 771 7.29 -5.33 31.50
N ASN B 772 8.17 -6.31 31.35
CA ASN B 772 8.74 -6.59 30.04
C ASN B 772 7.67 -7.01 29.05
N GLN B 773 6.59 -7.63 29.53
CA GLN B 773 5.48 -7.96 28.64
C GLN B 773 4.85 -6.69 28.07
N LEU B 774 4.86 -5.60 28.83
CA LEU B 774 4.33 -4.33 28.40
C LEU B 774 5.38 -3.42 27.76
N TYR B 775 6.63 -3.88 27.65
CA TYR B 775 7.66 -3.04 27.05
C TYR B 775 7.38 -2.67 25.60
N PRO B 776 6.94 -3.58 24.71
CA PRO B 776 6.71 -3.15 23.32
C PRO B 776 5.75 -1.99 23.17
N PHE B 777 4.68 -1.97 23.97
CA PHE B 777 3.77 -0.82 23.91
C PHE B 777 4.39 0.40 24.55
N ALA B 778 5.24 0.23 25.56
CA ALA B 778 5.80 1.38 26.25
C ALA B 778 6.77 2.15 25.36
N ILE B 779 7.61 1.44 24.62
CA ILE B 779 8.61 2.14 23.80
C ILE B 779 7.94 2.83 22.63
N SER B 780 6.83 2.27 22.14
CA SER B 780 6.11 2.93 21.05
C SER B 780 5.52 4.25 21.51
N LEU B 781 4.99 4.28 22.73
CA LEU B 781 4.39 5.52 23.22
C LEU B 781 5.45 6.54 23.61
N ILE B 782 6.58 6.09 24.11
CA ILE B 782 7.60 7.02 24.58
C ILE B 782 8.14 7.83 23.42
N GLU B 783 8.43 7.18 22.30
CA GLU B 783 8.88 7.90 21.12
C GLU B 783 7.73 8.61 20.42
N SER B 784 6.54 8.01 20.42
CA SER B 784 5.39 8.70 19.87
C SER B 784 5.10 9.97 20.65
N VAL B 785 5.17 9.90 21.98
CA VAL B 785 4.97 11.10 22.79
C VAL B 785 6.10 12.07 22.56
N ARG B 786 7.34 11.58 22.51
CA ARG B 786 8.48 12.47 22.29
C ARG B 786 8.41 13.13 20.92
N THR B 787 7.90 12.41 19.92
CA THR B 787 7.76 13.00 18.60
C THR B 787 6.74 14.13 18.61
N TYR B 788 5.69 14.00 19.42
CA TYR B 788 4.71 15.07 19.53
C TYR B 788 5.35 16.33 20.11
N GLU B 789 6.22 16.17 21.10
CA GLU B 789 6.82 17.34 21.72
C GLU B 789 7.73 18.08 20.75
N ARG B 790 8.55 17.37 19.98
CA ARG B 790 9.50 18.06 19.11
C ARG B 790 8.80 18.63 17.89
N THR B 791 7.80 17.93 17.35
CA THR B 791 7.04 18.49 16.25
C THR B 791 6.33 19.77 16.69
N CYS B 792 5.76 19.77 17.89
CA CYS B 792 5.15 20.98 18.41
C CYS B 792 6.18 22.07 18.67
N GLU B 793 7.40 21.67 19.03
CA GLU B 793 8.46 22.66 19.22
C GLU B 793 8.82 23.33 17.90
N LYS B 794 8.82 22.57 16.81
CA LYS B 794 9.13 23.14 15.50
C LYS B 794 8.06 24.14 15.08
N VAL B 795 6.80 23.85 15.38
CA VAL B 795 5.72 24.77 15.03
C VAL B 795 5.87 26.08 15.78
N GLU B 796 6.20 26.00 17.07
CA GLU B 796 6.33 27.21 17.88
C GLU B 796 7.50 28.08 17.40
N GLU B 797 8.50 27.47 16.76
CA GLU B 797 9.62 28.26 16.24
C GLU B 797 9.13 29.21 15.16
N ARG B 798 8.26 28.74 14.27
CA ARG B 798 7.77 29.51 13.13
C ARG B 798 6.29 29.78 13.33
N ASN B 799 5.97 31.00 13.78
CA ASN B 799 4.57 31.37 14.00
C ASN B 799 3.80 31.48 12.70
N THR B 800 4.47 31.62 11.57
CA THR B 800 3.77 31.78 10.29
C THR B 800 2.96 30.53 9.95
N ILE B 801 3.51 29.35 10.22
CA ILE B 801 2.88 28.10 9.82
C ILE B 801 1.95 27.59 10.92
N SER B 802 1.67 28.42 11.93
CA SER B 802 0.87 27.95 13.05
C SER B 802 -0.56 27.61 12.61
N LEU B 803 -1.13 28.42 11.73
CA LEU B 803 -2.51 28.20 11.31
C LEU B 803 -2.67 26.91 10.55
N LEU B 804 -1.69 26.59 9.69
CA LEU B 804 -1.87 25.49 8.75
C LEU B 804 -1.91 24.14 9.45
N VAL B 805 -1.17 23.98 10.55
CA VAL B 805 -1.15 22.72 11.28
C VAL B 805 -2.22 22.69 12.36
N ALA B 806 -3.17 23.63 12.31
CA ALA B 806 -4.25 23.61 13.29
C ALA B 806 -5.08 22.35 13.18
N GLY B 807 -5.37 21.92 11.95
CA GLY B 807 -6.19 20.74 11.77
C GLY B 807 -5.52 19.47 12.28
N LEU B 808 -4.22 19.33 12.02
CA LEU B 808 -3.52 18.12 12.42
C LEU B 808 -3.28 18.10 13.93
N LYS B 809 -2.92 19.24 14.50
CA LYS B 809 -2.71 19.31 15.95
C LYS B 809 -4.00 19.02 16.71
N LYS B 810 -5.16 19.29 16.10
CA LYS B 810 -6.43 18.97 16.74
C LYS B 810 -6.58 17.46 16.91
N GLU B 811 -6.22 16.69 15.88
CA GLU B 811 -6.41 15.25 15.95
C GLU B 811 -5.50 14.63 17.00
N VAL B 812 -4.22 15.04 17.02
CA VAL B 812 -3.29 14.47 17.98
C VAL B 812 -3.72 14.79 19.41
N GLN B 813 -4.22 16.00 19.64
CA GLN B 813 -4.74 16.32 20.95
C GLN B 813 -5.99 15.51 21.26
N ALA B 814 -6.71 15.07 20.23
CA ALA B 814 -7.85 14.18 20.47
C ALA B 814 -7.38 12.76 20.79
N LEU B 815 -6.38 12.26 20.07
CA LEU B 815 -5.86 10.93 20.36
C LEU B 815 -5.17 10.89 21.71
N ILE B 816 -4.40 11.92 22.04
CA ILE B 816 -3.80 11.98 23.37
C ILE B 816 -4.89 12.13 24.42
N ALA B 817 -5.95 12.87 24.09
CA ALA B 817 -7.08 12.98 25.02
C ALA B 817 -7.74 11.62 25.24
N GLU B 818 -7.73 10.75 24.23
CA GLU B 818 -8.29 9.42 24.39
C GLU B 818 -7.41 8.59 25.32
N GLY B 819 -6.09 8.75 25.20
CA GLY B 819 -5.18 7.88 25.93
C GLY B 819 -5.13 8.16 27.41
N ILE B 820 -5.45 9.38 27.83
CA ILE B 820 -5.42 9.71 29.25
C ILE B 820 -6.43 8.89 30.04
N ALA B 821 -7.50 8.45 29.40
CA ALA B 821 -8.53 7.66 30.07
C ALA B 821 -8.16 6.18 30.20
N LEU B 822 -7.24 5.69 29.38
CA LEU B 822 -6.94 4.26 29.36
C LEU B 822 -6.02 3.88 30.52
N VAL B 823 -5.96 2.58 30.78
CA VAL B 823 -5.05 1.97 31.75
C VAL B 823 -4.31 0.87 31.04
N TRP B 824 -3.18 0.46 31.62
CA TRP B 824 -2.28 -0.46 30.93
C TRP B 824 -2.93 -1.81 30.65
N GLU B 825 -3.92 -2.20 31.44
CA GLU B 825 -4.58 -3.48 31.25
C GLU B 825 -5.62 -3.46 30.14
N SER B 826 -5.94 -2.30 29.58
CA SER B 826 -7.03 -2.22 28.61
C SER B 826 -6.68 -2.99 27.35
N TYR B 827 -7.64 -3.78 26.86
CA TYR B 827 -7.44 -4.45 25.60
C TYR B 827 -7.38 -3.48 24.44
N LYS B 828 -7.90 -2.26 24.61
CA LYS B 828 -7.80 -1.24 23.58
C LYS B 828 -6.40 -0.68 23.43
N LEU B 829 -5.47 -1.01 24.33
CA LEU B 829 -4.11 -0.50 24.22
C LEU B 829 -3.42 -1.02 22.97
N ASP B 830 -3.84 -2.17 22.44
CA ASP B 830 -3.22 -2.67 21.21
C ASP B 830 -3.54 -1.74 20.04
N PRO B 831 -4.81 -1.56 19.65
CA PRO B 831 -5.07 -0.63 18.53
C PRO B 831 -4.70 0.81 18.84
N TYR B 832 -4.66 1.19 20.12
CA TYR B 832 -4.41 2.59 20.44
C TYR B 832 -2.95 2.96 20.22
N VAL B 833 -2.03 2.06 20.54
CA VAL B 833 -0.61 2.39 20.37
C VAL B 833 -0.28 2.58 18.90
N GLN B 834 -0.85 1.74 18.04
CA GLN B 834 -0.61 1.89 16.61
C GLN B 834 -1.22 3.19 16.09
N ARG B 835 -2.41 3.54 16.59
CA ARG B 835 -3.04 4.78 16.14
C ARG B 835 -2.24 5.99 16.56
N LEU B 836 -1.84 6.06 17.84
CA LEU B 836 -1.08 7.21 18.30
C LEU B 836 0.27 7.26 17.61
N ALA B 837 0.92 6.12 17.44
CA ALA B 837 2.21 6.10 16.75
C ALA B 837 2.06 6.55 15.30
N GLU B 838 1.02 6.08 14.62
CA GLU B 838 0.87 6.42 13.21
C GLU B 838 0.51 7.89 13.04
N THR B 839 -0.44 8.39 13.82
CA THR B 839 -0.90 9.76 13.63
C THR B 839 0.21 10.76 13.95
N VAL B 840 0.96 10.52 15.01
CA VAL B 840 2.03 11.46 15.36
C VAL B 840 3.12 11.43 14.30
N PHE B 841 3.33 10.28 13.65
CA PHE B 841 4.23 10.25 12.51
C PHE B 841 3.68 11.08 11.36
N ASN B 842 2.37 11.03 11.15
CA ASN B 842 1.77 11.86 10.10
C ASN B 842 1.86 13.34 10.44
N PHE B 843 1.70 13.67 11.73
CA PHE B 843 1.82 15.07 12.18
C PHE B 843 3.24 15.55 11.89
N GLN B 844 4.24 14.76 12.29
CA GLN B 844 5.66 15.17 12.11
C GLN B 844 5.98 15.31 10.62
N GLU B 845 5.54 14.36 9.79
CA GLU B 845 5.92 14.41 8.35
C GLU B 845 5.31 15.66 7.70
N LYS B 846 4.04 15.95 7.99
CA LYS B 846 3.36 17.11 7.37
C LYS B 846 4.02 18.42 7.82
N VAL B 847 4.35 18.52 9.11
CA VAL B 847 4.99 19.75 9.65
C VAL B 847 6.36 19.94 8.99
N ASP B 848 7.13 18.85 8.83
CA ASP B 848 8.48 18.94 8.23
C ASP B 848 8.33 19.43 6.79
N ASP B 849 7.34 18.89 6.06
CA ASP B 849 7.10 19.32 4.66
C ASP B 849 6.71 20.80 4.65
N LEU B 850 5.88 21.23 5.61
CA LEU B 850 5.40 22.64 5.64
C LEU B 850 6.57 23.59 5.84
N LEU B 851 7.53 23.23 6.72
CA LEU B 851 8.69 24.11 6.98
C LEU B 851 9.46 24.27 5.67
N ILE B 852 9.56 23.20 4.86
CA ILE B 852 10.24 23.29 3.54
C ILE B 852 9.36 24.06 2.55
N ILE B 853 8.05 23.78 2.52
CA ILE B 853 7.13 24.42 1.53
C ILE B 853 7.04 25.93 1.79
N GLU B 854 7.04 26.37 3.05
CA GLU B 854 6.85 27.81 3.33
C GLU B 854 8.17 28.52 3.10
N GLU B 855 9.30 27.89 3.42
CA GLU B 855 10.60 28.46 3.10
C GLU B 855 10.66 28.78 1.61
N LYS B 856 10.15 27.89 0.77
CA LYS B 856 10.13 28.15 -0.67
C LYS B 856 9.23 29.34 -0.99
N ILE B 857 8.06 29.42 -0.35
CA ILE B 857 7.17 30.56 -0.59
C ILE B 857 7.80 31.84 -0.04
N ASP B 858 8.50 31.74 1.08
CA ASP B 858 9.12 32.92 1.67
C ASP B 858 10.29 33.41 0.81
N LEU B 859 11.06 32.47 0.24
CA LEU B 859 12.16 32.89 -0.63
C LEU B 859 11.63 33.54 -1.90
N GLU B 860 10.48 33.07 -2.41
CA GLU B 860 9.94 33.62 -3.64
C GLU B 860 9.33 34.99 -3.41
N VAL B 861 8.61 35.17 -2.31
CA VAL B 861 7.96 36.46 -2.07
C VAL B 861 9.01 37.54 -1.83
N ARG B 862 10.13 37.20 -1.19
CA ARG B 862 11.25 38.13 -1.08
C ARG B 862 11.95 38.33 -2.42
N SER B 863 11.83 37.38 -3.34
CA SER B 863 12.40 37.54 -4.66
C SER B 863 11.67 38.58 -5.48
N LEU B 864 10.40 38.85 -5.18
CA LEU B 864 9.66 39.86 -5.93
C LEU B 864 10.24 41.24 -5.72
N GLU B 865 10.84 41.49 -4.56
CA GLU B 865 11.40 42.81 -4.30
C GLU B 865 12.60 43.12 -5.19
N THR B 866 13.37 42.10 -5.57
CA THR B 866 14.66 42.27 -6.23
C THR B 866 14.74 41.42 -7.49
N CYS B 867 13.71 41.51 -8.33
CA CYS B 867 13.69 40.88 -9.64
C CYS B 867 13.55 41.95 -10.72
N MET B 868 13.95 41.60 -11.93
CA MET B 868 13.87 42.53 -13.04
C MET B 868 12.43 42.90 -13.32
N TYR B 869 12.19 44.19 -13.54
CA TYR B 869 10.84 44.69 -13.79
C TYR B 869 10.42 44.34 -15.22
N ASP B 870 10.14 43.06 -15.42
CA ASP B 870 9.54 42.55 -16.64
C ASP B 870 8.42 41.60 -16.27
N HIS B 871 7.38 41.58 -17.11
CA HIS B 871 6.16 40.86 -16.75
C HIS B 871 6.40 39.37 -16.61
N LYS B 872 7.21 38.79 -17.51
CA LYS B 872 7.40 37.35 -17.48
C LYS B 872 8.13 36.93 -16.21
N THR B 873 9.13 37.69 -15.79
CA THR B 873 9.84 37.36 -14.55
C THR B 873 8.90 37.43 -13.36
N PHE B 874 8.04 38.45 -13.31
CA PHE B 874 7.06 38.53 -12.23
C PHE B 874 6.08 37.36 -12.29
N SER B 875 5.65 37.00 -13.49
CA SER B 875 4.72 35.88 -13.62
C SER B 875 5.38 34.58 -13.20
N GLU B 876 6.66 34.41 -13.53
CA GLU B 876 7.35 33.18 -13.18
C GLU B 876 7.44 32.99 -11.67
N ILE B 877 7.70 34.07 -10.94
CA ILE B 877 7.78 33.98 -9.48
C ILE B 877 6.43 33.60 -8.90
N LEU B 878 5.37 34.28 -9.33
CA LEU B 878 4.04 33.97 -8.83
C LEU B 878 3.58 32.59 -9.28
N ASN B 879 4.03 32.15 -10.46
CA ASN B 879 3.72 30.80 -10.89
C ASN B 879 4.30 29.77 -9.93
N ARG B 880 5.54 29.99 -9.49
CA ARG B 880 6.15 29.06 -8.54
C ARG B 880 5.48 29.16 -7.18
N VAL B 881 5.07 30.36 -6.78
CA VAL B 881 4.37 30.50 -5.51
C VAL B 881 3.01 29.81 -5.58
N GLN B 882 2.39 29.87 -6.76
CA GLN B 882 1.04 29.28 -6.91
C GLN B 882 1.13 27.76 -6.77
N LYS B 883 2.18 27.15 -7.36
CA LYS B 883 2.32 25.67 -7.33
C LYS B 883 2.46 25.22 -5.87
N ALA B 884 3.24 25.96 -5.07
CA ALA B 884 3.44 25.59 -3.65
C ALA B 884 2.11 25.66 -2.89
N VAL B 885 1.30 26.68 -3.17
CA VAL B 885 -0.05 26.81 -2.53
C VAL B 885 -0.91 25.61 -2.95
N ASP B 886 -0.82 25.21 -4.22
CA ASP B 886 -1.64 24.08 -4.74
C ASP B 886 -1.28 22.78 -4.00
N ASP B 887 0.00 22.53 -3.75
CA ASP B 887 0.40 21.31 -3.00
C ASP B 887 -0.15 21.39 -1.56
N LEU B 888 -0.14 22.58 -0.96
CA LEU B 888 -0.72 22.75 0.41
C LEU B 888 -2.21 22.40 0.34
N ASN B 889 -2.88 22.80 -0.74
CA ASN B 889 -4.34 22.54 -0.88
C ASN B 889 -4.55 21.02 -0.88
N LEU B 890 -3.70 20.28 -1.61
CA LEU B 890 -3.87 18.81 -1.69
C LEU B 890 -3.70 18.20 -0.30
N HIS B 891 -2.67 18.60 0.45
CA HIS B 891 -2.42 17.93 1.77
C HIS B 891 -3.61 18.19 2.69
N SER B 892 -4.31 19.32 2.51
CA SER B 892 -5.54 19.64 3.30
C SER B 892 -5.20 20.36 4.60
N TYR B 893 -4.01 20.98 4.70
CA TYR B 893 -3.72 21.79 5.85
C TYR B 893 -4.86 22.76 6.05
N SER B 894 -5.36 22.85 7.27
CA SER B 894 -6.55 23.64 7.53
C SER B 894 -6.22 25.12 7.53
N ASN B 895 -7.26 25.95 7.45
CA ASN B 895 -7.14 27.41 7.46
C ASN B 895 -6.33 27.92 6.28
N LEU B 896 -6.26 27.16 5.20
CA LEU B 896 -5.51 27.63 4.03
C LEU B 896 -6.08 28.90 3.43
N PRO B 897 -7.40 29.09 3.30
CA PRO B 897 -7.88 30.38 2.79
C PRO B 897 -7.46 31.57 3.64
N ILE B 898 -7.44 31.41 4.96
CA ILE B 898 -7.05 32.53 5.81
C ILE B 898 -5.57 32.83 5.64
N TRP B 899 -4.76 31.78 5.53
CA TRP B 899 -3.31 31.99 5.43
C TRP B 899 -2.92 32.60 4.09
N VAL B 900 -3.51 32.12 3.00
CA VAL B 900 -3.15 32.64 1.69
C VAL B 900 -3.51 34.11 1.57
N ASN B 901 -4.63 34.51 2.18
CA ASN B 901 -5.04 35.91 2.13
C ASN B 901 -3.98 36.79 2.77
N LYS B 902 -3.38 36.35 3.86
CA LYS B 902 -2.26 37.08 4.44
C LYS B 902 -1.09 37.11 3.49
N LEU B 903 -0.83 35.99 2.80
CA LEU B 903 0.22 35.97 1.79
C LEU B 903 -0.13 36.86 0.61
N ASP B 904 -1.40 36.96 0.26
CA ASP B 904 -1.80 37.81 -0.86
C ASP B 904 -1.55 39.28 -0.55
N MET B 905 -1.86 39.72 0.67
CA MET B 905 -1.67 41.12 1.01
C MET B 905 -0.19 41.49 1.05
N GLU B 906 0.66 40.58 1.52
CA GLU B 906 2.09 40.85 1.52
C GLU B 906 2.64 40.83 0.10
N ILE B 907 2.09 40.00 -0.78
CA ILE B 907 2.47 40.07 -2.18
C ILE B 907 1.98 41.36 -2.81
N GLU B 908 0.76 41.80 -2.42
CA GLU B 908 0.23 43.04 -2.95
C GLU B 908 1.08 44.23 -2.52
N ARG B 909 1.55 44.23 -1.28
CA ARG B 909 2.41 45.31 -0.81
C ARG B 909 3.70 45.36 -1.62
N ILE B 910 4.32 44.21 -1.83
CA ILE B 910 5.58 44.19 -2.56
C ILE B 910 5.37 44.64 -4.00
N LEU B 911 4.29 44.17 -4.63
CA LEU B 911 4.01 44.61 -5.98
C LEU B 911 3.65 46.09 -6.02
N GLY B 912 2.96 46.57 -5.00
CA GLY B 912 2.68 48.00 -4.92
C GLY B 912 3.95 48.82 -4.81
N VAL B 913 4.90 48.38 -3.99
CA VAL B 913 6.17 49.09 -3.87
C VAL B 913 6.92 49.04 -5.20
N ARG B 914 6.96 47.87 -5.84
CA ARG B 914 7.65 47.77 -7.12
C ARG B 914 6.96 48.61 -8.19
N LEU B 915 5.64 48.77 -8.10
CA LEU B 915 4.95 49.59 -9.08
C LEU B 915 5.29 51.05 -8.90
N GLN B 916 5.59 51.48 -7.67
CA GLN B 916 6.03 52.85 -7.46
C GLN B 916 7.35 53.12 -8.16
N ALA B 917 8.30 52.20 -8.05
CA ALA B 917 9.56 52.36 -8.76
C ALA B 917 9.33 52.30 -10.26
N GLY B 918 8.36 51.50 -10.70
CA GLY B 918 8.08 51.41 -12.12
C GLY B 918 7.56 52.71 -12.69
N LEU B 919 6.71 53.41 -11.95
CA LEU B 919 6.13 54.66 -12.46
C LEU B 919 7.16 55.77 -12.47
N ARG B 920 7.92 55.92 -11.38
CA ARG B 920 8.93 56.96 -11.33
C ARG B 920 10.02 56.73 -12.36
N ALA B 921 10.45 55.48 -12.54
CA ALA B 921 11.39 55.16 -13.60
C ALA B 921 10.80 55.46 -14.97
N TRP B 922 9.51 55.14 -15.14
CA TRP B 922 8.84 55.51 -16.38
C TRP B 922 8.73 57.01 -16.53
N THR B 923 8.48 57.71 -15.42
CA THR B 923 8.39 59.17 -15.47
C THR B 923 9.73 59.79 -15.85
N GLN B 924 10.82 59.24 -15.33
CA GLN B 924 12.14 59.80 -15.61
C GLN B 924 12.50 59.68 -17.08
N VAL B 925 12.21 58.53 -17.69
CA VAL B 925 12.52 58.35 -19.11
C VAL B 925 11.68 59.30 -19.96
N LEU B 926 10.44 59.53 -19.55
CA LEU B 926 9.59 60.45 -20.29
C LEU B 926 10.17 61.87 -20.28
N LEU B 927 10.65 62.31 -19.12
CA LEU B 927 11.29 63.63 -19.00
C LEU B 927 12.73 63.54 -19.45
N PRO B 949 15.51 48.99 -9.53
CA PRO B 949 14.20 48.73 -8.93
C PRO B 949 13.05 49.02 -9.87
N GLY B 950 13.13 50.15 -10.56
CA GLY B 950 12.10 50.60 -11.46
C GLY B 950 12.21 50.10 -12.88
N GLY B 951 13.15 49.21 -13.17
CA GLY B 951 13.28 48.67 -14.51
C GLY B 951 13.97 49.66 -15.45
N GLU B 952 13.84 49.36 -16.74
CA GLU B 952 14.47 50.13 -17.82
C GLU B 952 13.42 50.49 -18.85
N PRO B 953 12.51 51.41 -18.51
CA PRO B 953 11.45 51.78 -19.46
C PRO B 953 11.99 52.45 -20.72
N PRO B 973 0.61 62.86 -36.65
CA PRO B 973 -0.73 62.81 -36.06
C PRO B 973 -1.02 64.05 -35.23
N PRO B 974 -2.29 64.28 -34.86
CA PRO B 974 -2.64 65.48 -34.09
C PRO B 974 -2.05 65.46 -32.69
N ILE B 975 -2.26 66.55 -31.95
CA ILE B 975 -1.73 66.63 -30.58
C ILE B 975 -2.37 65.58 -29.69
N GLU B 976 -3.66 65.29 -29.90
CA GLU B 976 -4.35 64.35 -29.03
C GLU B 976 -3.80 62.93 -29.18
N GLU B 977 -3.34 62.57 -30.38
CA GLU B 977 -2.75 61.26 -30.58
C GLU B 977 -1.48 61.09 -29.75
N CYS B 978 -0.69 62.16 -29.63
CA CYS B 978 0.51 62.11 -28.80
C CYS B 978 0.15 61.82 -27.35
N ARG B 979 -0.90 62.46 -26.83
CA ARG B 979 -1.36 62.16 -25.49
C ARG B 979 -1.84 60.71 -25.38
N TYR B 980 -2.59 60.25 -26.39
CA TYR B 980 -3.08 58.87 -26.36
C TYR B 980 -1.93 57.87 -26.42
N LYS B 981 -0.92 58.15 -27.25
CA LYS B 981 0.22 57.24 -27.35
C LYS B 981 1.00 57.17 -26.05
N LEU B 982 1.19 58.32 -25.38
CA LEU B 982 1.93 58.33 -24.13
C LEU B 982 1.19 57.55 -23.04
N TYR B 983 -0.13 57.76 -22.93
CA TYR B 983 -0.90 57.00 -21.94
C TYR B 983 -0.98 55.53 -22.32
N GLN B 984 -1.05 55.23 -23.61
CA GLN B 984 -1.03 53.83 -24.04
C GLN B 984 0.27 53.17 -23.66
N GLU B 985 1.39 53.88 -23.82
CA GLU B 985 2.66 53.34 -23.36
C GLU B 985 2.69 53.18 -21.85
N MET B 986 2.12 54.14 -21.12
CA MET B 986 2.09 54.02 -19.67
C MET B 986 1.24 52.83 -19.24
N PHE B 987 0.12 52.62 -19.90
CA PHE B 987 -0.71 51.45 -19.57
C PHE B 987 0.02 50.17 -19.89
N ALA B 988 0.90 50.17 -20.88
CA ALA B 988 1.75 49.01 -21.09
C ALA B 988 2.69 48.79 -19.92
N TRP B 989 3.20 49.89 -19.34
CA TRP B 989 4.06 49.77 -18.18
C TRP B 989 3.26 49.44 -16.93
N LYS B 990 2.09 50.06 -16.78
CA LYS B 990 1.27 49.79 -15.60
C LYS B 990 0.77 48.36 -15.58
N MET B 991 0.43 47.81 -16.75
CA MET B 991 -0.07 46.44 -16.81
C MET B 991 1.01 45.40 -16.57
N VAL B 992 2.28 45.79 -16.47
CA VAL B 992 3.33 44.84 -16.11
C VAL B 992 3.02 44.18 -14.78
N VAL B 993 2.55 44.98 -13.82
CA VAL B 993 2.30 44.51 -12.46
C VAL B 993 0.82 44.27 -12.21
N LEU B 994 -0.04 45.15 -12.71
CA LEU B 994 -1.46 45.02 -12.42
C LEU B 994 -2.12 43.86 -13.18
N SER B 995 -1.49 43.38 -14.25
CA SER B 995 -2.02 42.26 -15.01
C SER B 995 -1.52 40.91 -14.51
N LEU B 996 -0.72 40.88 -13.45
CA LEU B 996 -0.23 39.61 -12.94
C LEU B 996 -1.38 38.81 -12.34
N PRO B 997 -1.29 37.48 -12.35
CA PRO B 997 -2.35 36.69 -11.73
C PRO B 997 -2.30 36.76 -10.22
N ARG B 998 -3.48 36.66 -9.61
CA ARG B 998 -3.61 36.72 -8.17
C ARG B 998 -3.51 35.32 -7.58
N ILE B 999 -2.77 35.20 -6.48
CA ILE B 999 -2.57 33.89 -5.86
C ILE B 999 -3.90 33.39 -5.33
N GLN B 1000 -4.26 32.17 -5.72
CA GLN B 1000 -5.51 31.53 -5.31
C GLN B 1000 -5.21 30.40 -4.35
N SER B 1001 -6.08 30.23 -3.36
CA SER B 1001 -5.89 29.23 -2.33
C SER B 1001 -6.66 27.95 -2.58
N GLN B 1002 -7.67 27.98 -3.46
CA GLN B 1002 -8.56 26.85 -3.70
C GLN B 1002 -8.60 26.54 -5.19
N ARG B 1003 -7.43 26.44 -5.81
CA ARG B 1003 -7.36 26.12 -7.22
C ARG B 1003 -7.92 24.74 -7.51
N TYR B 1004 -7.91 23.84 -6.53
CA TYR B 1004 -8.36 22.48 -6.76
C TYR B 1004 -9.86 22.33 -6.61
N GLN B 1005 -10.51 23.16 -5.79
CA GLN B 1005 -11.95 23.02 -5.57
C GLN B 1005 -12.65 23.44 -6.85
N VAL B 1006 -12.71 22.49 -7.77
CA VAL B 1006 -13.08 22.72 -9.16
C VAL B 1006 -14.39 21.99 -9.44
N GLY B 1007 -15.33 22.71 -10.03
CA GLY B 1007 -16.72 22.29 -10.04
C GLY B 1007 -17.54 22.87 -8.92
N VAL B 1008 -16.89 23.30 -7.83
CA VAL B 1008 -17.53 24.10 -6.80
C VAL B 1008 -17.58 25.54 -7.34
N HIS B 1009 -18.76 26.00 -7.69
CA HIS B 1009 -18.91 27.20 -8.53
C HIS B 1009 -19.07 28.43 -7.65
N TYR B 1010 -18.01 29.25 -7.60
CA TYR B 1010 -18.07 30.59 -7.06
C TYR B 1010 -17.39 31.51 -8.07
N GLU B 1011 -18.13 32.47 -8.59
CA GLU B 1011 -17.61 33.34 -9.64
C GLU B 1011 -16.52 34.24 -9.08
N LEU B 1012 -15.42 34.36 -9.81
CA LEU B 1012 -14.30 35.23 -9.44
C LEU B 1012 -14.32 36.46 -10.32
N THR B 1013 -14.35 37.63 -9.70
CA THR B 1013 -14.39 38.89 -10.43
C THR B 1013 -13.00 39.24 -10.95
N GLU B 1014 -12.92 40.33 -11.70
CA GLU B 1014 -11.63 40.79 -12.21
C GLU B 1014 -10.70 41.17 -11.06
N GLU B 1015 -11.25 41.77 -10.00
CA GLU B 1015 -10.42 42.18 -8.87
C GLU B 1015 -9.79 40.97 -8.18
N GLU B 1016 -10.54 39.88 -8.05
CA GLU B 1016 -10.00 38.68 -7.43
C GLU B 1016 -8.99 37.98 -8.31
N LYS B 1017 -9.14 38.10 -9.64
CA LYS B 1017 -8.27 37.36 -10.54
C LYS B 1017 -6.87 37.97 -10.60
N PHE B 1018 -6.78 39.30 -10.57
CA PHE B 1018 -5.54 40.02 -10.80
C PHE B 1018 -5.34 41.08 -9.73
N TYR B 1019 -4.10 41.56 -9.62
CA TYR B 1019 -3.76 42.63 -8.68
C TYR B 1019 -4.05 44.01 -9.28
N ARG B 1020 -5.31 44.22 -9.64
CA ARG B 1020 -5.72 45.55 -10.09
C ARG B 1020 -5.69 46.55 -8.94
N ASN B 1021 -5.94 46.08 -7.72
CA ASN B 1021 -5.95 46.95 -6.56
C ASN B 1021 -4.55 47.29 -6.06
N ALA B 1022 -3.51 46.68 -6.62
CA ALA B 1022 -2.15 46.98 -6.17
C ALA B 1022 -1.75 48.42 -6.42
N LEU B 1023 -2.40 49.09 -7.39
CA LEU B 1023 -2.11 50.49 -7.63
C LEU B 1023 -2.42 51.36 -6.41
N THR B 1024 -3.39 50.93 -5.59
CA THR B 1024 -3.76 51.66 -4.39
C THR B 1024 -2.85 51.34 -3.21
N ARG B 1025 -1.89 50.43 -3.36
CA ARG B 1025 -1.01 50.02 -2.27
C ARG B 1025 0.40 50.62 -2.41
N MET B 1026 0.55 51.68 -3.19
CA MET B 1026 1.84 52.32 -3.30
C MET B 1026 2.22 52.92 -1.95
N PRO B 1027 3.49 52.80 -1.52
CA PRO B 1027 3.85 53.32 -0.19
C PRO B 1027 3.68 54.83 -0.06
N ASP B 1028 3.98 55.59 -1.11
CA ASP B 1028 3.92 57.04 -1.06
C ASP B 1028 2.56 57.60 -1.45
N GLY B 1029 1.49 56.82 -1.28
CA GLY B 1029 0.17 57.27 -1.67
C GLY B 1029 0.04 57.36 -3.17
N PRO B 1030 -0.94 58.12 -3.66
CA PRO B 1030 -1.09 58.31 -5.10
C PRO B 1030 -0.14 59.33 -5.71
N VAL B 1031 0.89 59.77 -4.97
CA VAL B 1031 1.76 60.84 -5.46
C VAL B 1031 2.49 60.40 -6.72
N ALA B 1032 3.05 59.19 -6.70
CA ALA B 1032 3.84 58.72 -7.84
C ALA B 1032 2.98 58.60 -9.09
N LEU B 1033 1.71 58.23 -8.95
CA LEU B 1033 0.84 58.15 -10.11
C LEU B 1033 0.57 59.53 -10.69
N GLU B 1034 0.45 60.54 -9.82
CA GLU B 1034 0.24 61.90 -10.31
C GLU B 1034 1.43 62.38 -11.12
N GLU B 1035 2.65 62.07 -10.66
CA GLU B 1035 3.85 62.48 -11.39
C GLU B 1035 3.89 61.85 -12.78
N SER B 1036 3.43 60.60 -12.89
CA SER B 1036 3.36 59.96 -14.20
C SER B 1036 2.39 60.69 -15.11
N TYR B 1037 1.19 60.98 -14.62
CA TYR B 1037 0.22 61.70 -15.43
C TYR B 1037 0.69 63.14 -15.68
N SER B 1038 1.30 63.78 -14.68
CA SER B 1038 1.77 65.14 -14.86
C SER B 1038 2.85 65.22 -15.94
N ALA B 1039 3.77 64.26 -15.93
CA ALA B 1039 4.84 64.28 -16.92
C ALA B 1039 4.28 64.13 -18.33
N VAL B 1040 3.23 63.32 -18.49
CA VAL B 1040 2.58 63.22 -19.79
C VAL B 1040 1.93 64.55 -20.15
N MET B 1041 1.40 65.25 -19.16
CA MET B 1041 0.82 66.57 -19.41
C MET B 1041 1.90 67.59 -19.74
N GLY B 1042 3.07 67.47 -19.12
CA GLY B 1042 4.13 68.43 -19.38
C GLY B 1042 4.67 68.33 -20.80
N ILE B 1043 4.90 67.12 -21.29
CA ILE B 1043 5.42 66.95 -22.65
C ILE B 1043 4.38 67.40 -23.66
N VAL B 1044 3.10 67.07 -23.42
CA VAL B 1044 2.06 67.47 -24.36
C VAL B 1044 1.89 68.99 -24.35
N SER B 1045 2.06 69.62 -23.19
CA SER B 1045 1.97 71.08 -23.13
C SER B 1045 3.06 71.73 -23.97
N GLU B 1046 4.27 71.19 -23.94
CA GLU B 1046 5.35 71.78 -24.70
C GLU B 1046 5.16 71.56 -26.20
N VAL B 1047 4.74 70.36 -26.60
CA VAL B 1047 4.55 70.08 -28.02
C VAL B 1047 3.40 70.90 -28.58
N GLU B 1048 2.34 71.09 -27.80
CA GLU B 1048 1.20 71.88 -28.24
C GLU B 1048 1.56 73.35 -28.33
N LYS C 264 54.42 -0.64 9.54
CA LYS C 264 54.06 0.55 10.30
C LYS C 264 52.78 1.18 9.75
N LEU C 265 52.00 1.78 10.65
CA LEU C 265 50.80 2.52 10.28
C LEU C 265 51.09 4.01 10.34
N SER C 266 50.50 4.75 9.40
CA SER C 266 50.72 6.20 9.30
C SER C 266 49.37 6.90 9.35
N LEU C 267 49.25 7.90 10.21
CA LEU C 267 48.03 8.68 10.30
C LEU C 267 47.76 9.36 8.96
N ASN C 268 46.52 9.24 8.47
CA ASN C 268 46.14 9.74 7.16
C ASN C 268 45.19 10.93 7.24
N ARG C 269 44.16 10.84 8.07
CA ARG C 269 43.16 11.89 8.17
C ARG C 269 42.50 11.81 9.53
N GLN C 270 41.85 12.90 9.92
CA GLN C 270 41.00 12.95 11.09
C GLN C 270 39.69 13.60 10.69
N PHE C 271 38.60 12.86 10.77
CA PHE C 271 37.28 13.36 10.46
C PHE C 271 36.58 13.70 11.75
N PHE C 272 36.16 14.96 11.89
CA PHE C 272 35.57 15.43 13.14
C PHE C 272 34.81 16.70 12.85
N ASP C 273 33.49 16.65 13.04
CA ASP C 273 32.61 17.80 12.88
C ASP C 273 32.24 18.34 14.26
N GLU C 274 32.49 19.63 14.47
CA GLU C 274 32.16 20.24 15.75
C GLU C 274 30.66 20.23 16.00
N ARG C 275 29.86 20.48 14.96
CA ARG C 275 28.42 20.61 15.15
C ARG C 275 27.77 19.27 15.48
N TRP C 276 28.16 18.20 14.79
CA TRP C 276 27.39 16.96 14.78
C TRP C 276 28.05 15.81 15.52
N SER C 277 29.38 15.72 15.52
CA SER C 277 30.11 14.59 16.09
C SER C 277 30.90 14.96 17.34
N LYS C 278 30.32 15.79 18.20
CA LYS C 278 31.01 16.38 19.34
C LYS C 278 30.35 15.91 20.62
N HIS C 279 31.14 15.38 21.55
CA HIS C 279 30.61 14.84 22.84
C HIS C 279 29.74 13.61 22.61
N ARG C 280 29.75 13.05 21.40
CA ARG C 280 29.00 11.78 21.15
C ARG C 280 29.94 10.73 20.56
N VAL C 281 29.89 9.50 21.05
CA VAL C 281 30.82 8.41 20.59
C VAL C 281 30.42 7.92 19.20
N VAL C 282 31.35 7.31 18.48
CA VAL C 282 31.02 6.71 17.15
C VAL C 282 30.41 5.33 17.41
N SER C 283 29.20 5.07 16.91
CA SER C 283 28.53 3.78 17.21
C SER C 283 28.91 2.69 16.20
N CYS C 284 29.13 3.06 14.93
CA CYS C 284 29.44 2.04 13.93
C CYS C 284 30.15 2.71 12.76
N LEU C 285 30.76 1.89 11.92
CA LEU C 285 31.46 2.33 10.73
C LEU C 285 31.10 1.43 9.57
N ASP C 286 31.10 1.99 8.36
CA ASP C 286 30.95 1.13 7.19
C ASP C 286 31.42 1.88 5.95
N TRP C 287 32.06 1.14 5.03
CA TRP C 287 32.50 1.67 3.74
C TRP C 287 31.54 1.20 2.67
N SER C 288 31.15 2.12 1.78
CA SER C 288 30.30 1.75 0.66
C SER C 288 31.03 0.81 -0.28
N SER C 289 30.35 -0.24 -0.72
CA SER C 289 30.99 -1.19 -1.64
C SER C 289 31.11 -0.60 -3.04
N GLN C 290 30.07 0.11 -3.50
CA GLN C 290 30.13 0.69 -4.84
C GLN C 290 31.13 1.83 -4.92
N TYR C 291 31.08 2.77 -3.97
CA TYR C 291 31.90 3.97 -3.96
C TYR C 291 32.85 3.84 -2.77
N PRO C 292 33.99 3.15 -2.95
CA PRO C 292 34.80 2.79 -1.78
C PRO C 292 35.49 3.96 -1.09
N GLU C 293 35.33 5.20 -1.56
CA GLU C 293 35.91 6.36 -0.90
C GLU C 293 34.94 7.04 0.06
N LEU C 294 33.93 6.31 0.54
CA LEU C 294 32.89 6.86 1.40
C LEU C 294 32.81 6.05 2.68
N LEU C 295 32.62 6.74 3.80
CA LEU C 295 32.49 6.11 5.12
C LEU C 295 31.28 6.68 5.83
N VAL C 296 30.30 5.82 6.11
CA VAL C 296 29.17 6.19 6.96
C VAL C 296 29.53 5.83 8.39
N ALA C 297 29.25 6.74 9.30
CA ALA C 297 29.53 6.54 10.71
C ALA C 297 28.33 6.97 11.54
N SER C 298 27.90 6.09 12.43
CA SER C 298 26.82 6.38 13.36
C SER C 298 27.37 7.10 14.58
N TYR C 299 26.50 7.86 15.23
CA TYR C 299 26.83 8.51 16.50
C TYR C 299 25.58 8.54 17.36
N ASN C 300 25.75 8.16 18.62
CA ASN C 300 24.63 8.07 19.55
C ASN C 300 24.30 9.46 20.10
N ASN C 301 23.47 9.52 21.13
CA ASN C 301 23.05 10.79 21.68
C ASN C 301 24.20 11.47 22.43
N ASN C 302 24.14 12.81 22.47
CA ASN C 302 25.06 13.62 23.25
C ASN C 302 24.28 14.10 24.47
N GLU C 303 24.71 13.68 25.66
CA GLU C 303 23.98 14.02 26.87
C GLU C 303 24.02 15.51 27.18
N ASP C 304 25.04 16.23 26.69
CA ASP C 304 25.16 17.64 26.97
C ASP C 304 24.36 18.53 26.02
N ALA C 305 23.69 17.95 25.02
CA ALA C 305 22.89 18.70 24.05
C ALA C 305 21.52 18.04 23.94
N PRO C 306 20.67 18.19 24.97
CA PRO C 306 19.35 17.55 24.90
C PRO C 306 18.49 18.03 23.75
N HIS C 307 18.64 19.30 23.34
CA HIS C 307 17.83 19.82 22.25
C HIS C 307 18.29 19.33 20.89
N GLU C 308 19.51 18.82 20.77
CA GLU C 308 20.01 18.32 19.49
C GLU C 308 19.39 16.97 19.17
N PRO C 309 19.43 16.54 17.91
CA PRO C 309 18.89 15.23 17.56
C PRO C 309 19.69 14.12 18.23
N ASP C 310 19.00 13.04 18.59
CA ASP C 310 19.66 11.99 19.35
C ASP C 310 20.56 11.15 18.45
N GLY C 311 20.04 10.63 17.34
CA GLY C 311 20.82 9.79 16.45
C GLY C 311 21.40 10.61 15.31
N VAL C 312 22.67 10.36 14.99
CA VAL C 312 23.32 11.04 13.88
C VAL C 312 24.04 10.01 13.02
N ALA C 313 24.12 10.28 11.72
CA ALA C 313 24.83 9.44 10.78
C ALA C 313 25.53 10.34 9.77
N LEU C 314 26.85 10.39 9.82
CA LEU C 314 27.64 11.27 8.98
C LEU C 314 28.36 10.45 7.92
N VAL C 315 28.21 10.84 6.67
CA VAL C 315 28.87 10.19 5.55
C VAL C 315 29.99 11.10 5.11
N TRP C 316 31.22 10.68 5.36
CA TRP C 316 32.42 11.40 4.97
C TRP C 316 32.99 10.80 3.69
N ASN C 317 33.73 11.63 2.94
CA ASN C 317 34.36 11.24 1.69
C ASN C 317 35.85 11.51 1.75
N MET C 318 36.64 10.54 1.28
CA MET C 318 38.10 10.61 1.37
C MET C 318 38.75 11.22 0.14
N LYS C 319 38.08 11.18 -1.02
CA LYS C 319 38.77 11.59 -2.23
C LYS C 319 39.01 13.10 -2.23
N TYR C 320 38.14 13.86 -1.59
CA TYR C 320 38.40 15.26 -1.30
C TYR C 320 39.39 15.39 -0.15
N LYS C 321 39.56 16.61 0.33
CA LYS C 321 40.18 16.90 1.62
C LYS C 321 39.27 17.75 2.49
N LYS C 322 37.97 17.77 2.19
CA LYS C 322 37.02 18.55 2.98
C LYS C 322 36.95 18.00 4.39
N THR C 323 36.96 18.91 5.37
CA THR C 323 36.85 18.52 6.78
C THR C 323 35.40 18.28 7.19
N THR C 324 34.43 18.76 6.41
CA THR C 324 33.03 18.60 6.76
C THR C 324 32.52 17.23 6.32
N PRO C 325 31.46 16.71 6.94
CA PRO C 325 30.83 15.51 6.40
C PRO C 325 30.25 15.78 5.03
N GLU C 326 30.35 14.80 4.14
CA GLU C 326 29.74 14.99 2.83
C GLU C 326 28.23 15.06 2.97
N TYR C 327 27.62 14.07 3.62
CA TYR C 327 26.20 14.03 3.93
C TYR C 327 26.01 13.97 5.43
N VAL C 328 24.94 14.59 5.91
CA VAL C 328 24.54 14.55 7.30
C VAL C 328 23.13 14.00 7.37
N PHE C 329 22.92 13.04 8.27
CA PHE C 329 21.60 12.54 8.57
C PHE C 329 21.44 12.50 10.08
N HIS C 330 20.20 12.58 10.54
CA HIS C 330 19.93 12.39 11.95
C HIS C 330 18.52 11.88 12.10
N CYS C 331 18.29 11.12 13.17
CA CYS C 331 16.99 10.51 13.41
C CYS C 331 16.66 10.54 14.89
N GLN C 332 15.40 10.20 15.16
CA GLN C 332 14.77 10.44 16.46
C GLN C 332 15.52 9.76 17.59
N SER C 333 15.85 8.48 17.43
CA SER C 333 16.55 7.71 18.44
C SER C 333 18.01 7.56 18.07
N ALA C 334 18.82 7.20 19.05
CA ALA C 334 20.26 7.11 18.84
C ALA C 334 20.58 6.00 17.85
N VAL C 335 21.44 6.31 16.88
CA VAL C 335 21.86 5.32 15.90
C VAL C 335 22.94 4.46 16.52
N MET C 336 22.66 3.17 16.69
CA MET C 336 23.62 2.23 17.20
C MET C 336 24.34 1.45 16.10
N SER C 337 23.78 1.40 14.89
CA SER C 337 24.45 0.75 13.78
C SER C 337 24.04 1.44 12.49
N ALA C 338 24.90 1.36 11.48
CA ALA C 338 24.55 1.90 10.18
C ALA C 338 25.36 1.18 9.11
N THR C 339 24.74 1.01 7.95
CA THR C 339 25.38 0.35 6.83
C THR C 339 24.91 0.99 5.54
N PHE C 340 25.70 0.80 4.49
CA PHE C 340 25.34 1.20 3.15
C PHE C 340 24.51 0.09 2.51
N ALA C 341 23.52 0.48 1.73
CA ALA C 341 22.81 -0.47 0.88
C ALA C 341 23.70 -0.79 -0.31
N LYS C 342 24.08 -2.06 -0.43
CA LYS C 342 25.09 -2.41 -1.44
C LYS C 342 24.57 -2.17 -2.84
N PHE C 343 23.33 -2.58 -3.11
CA PHE C 343 22.75 -2.54 -4.44
C PHE C 343 21.83 -1.36 -4.66
N HIS C 344 21.66 -0.50 -3.66
CA HIS C 344 20.89 0.75 -3.77
C HIS C 344 21.85 1.86 -3.39
N PRO C 345 22.58 2.46 -4.34
CA PRO C 345 23.67 3.36 -3.95
C PRO C 345 23.21 4.62 -3.24
N ASN C 346 21.92 4.94 -3.28
CA ASN C 346 21.40 6.17 -2.71
C ASN C 346 20.88 6.01 -1.28
N LEU C 347 20.83 4.80 -0.74
CA LEU C 347 20.25 4.55 0.57
C LEU C 347 21.32 4.37 1.63
N VAL C 348 20.95 4.66 2.88
CA VAL C 348 21.79 4.41 4.04
C VAL C 348 20.89 3.88 5.15
N VAL C 349 21.11 2.64 5.56
CA VAL C 349 20.27 2.01 6.57
C VAL C 349 20.91 2.22 7.93
N GLY C 350 20.07 2.34 8.95
CA GLY C 350 20.55 2.55 10.30
C GLY C 350 19.66 1.91 11.35
N GLY C 351 20.29 1.08 12.19
CA GLY C 351 19.60 0.49 13.33
C GLY C 351 19.75 1.39 14.54
N THR C 352 18.64 1.61 15.23
CA THR C 352 18.54 2.58 16.30
C THR C 352 18.29 1.91 17.65
N TYR C 353 18.39 2.72 18.70
CA TYR C 353 18.20 2.22 20.06
C TYR C 353 16.80 1.70 20.28
N SER C 354 15.82 2.22 19.54
CA SER C 354 14.44 1.86 19.79
C SER C 354 14.03 0.57 19.11
N GLY C 355 14.77 0.11 18.11
CA GLY C 355 14.35 -0.96 17.25
C GLY C 355 13.87 -0.52 15.89
N GLN C 356 13.64 0.78 15.70
CA GLN C 356 13.37 1.29 14.37
C GLN C 356 14.56 1.04 13.48
N ILE C 357 14.29 0.65 12.23
CA ILE C 357 15.32 0.55 11.20
C ILE C 357 15.08 1.72 10.26
N VAL C 358 15.78 2.81 10.51
CA VAL C 358 15.60 4.01 9.71
C VAL C 358 16.34 3.86 8.40
N LEU C 359 15.78 4.41 7.35
CA LEU C 359 16.37 4.40 6.02
C LEU C 359 16.49 5.85 5.56
N TRP C 360 17.67 6.24 5.11
CA TRP C 360 17.97 7.60 4.70
C TRP C 360 18.21 7.62 3.20
N ASP C 361 17.68 8.63 2.53
CA ASP C 361 17.86 8.83 1.10
C ASP C 361 18.68 10.09 0.88
N ASN C 362 19.77 9.96 0.11
CA ASN C 362 20.63 11.11 -0.14
C ASN C 362 20.02 12.05 -1.17
N ARG C 363 19.22 11.53 -2.11
CA ARG C 363 18.59 12.37 -3.11
C ARG C 363 17.65 13.38 -2.46
N SER C 364 16.74 12.90 -1.62
CA SER C 364 15.83 13.79 -0.92
C SER C 364 16.60 14.66 0.06
N ASN C 365 16.32 15.97 0.04
CA ASN C 365 17.07 16.92 0.89
C ASN C 365 16.67 16.79 2.36
N LYS C 366 15.91 15.73 2.72
CA LYS C 366 15.42 15.62 4.11
C LYS C 366 16.42 14.80 4.94
N ARG C 367 17.02 15.41 5.96
CA ARG C 367 17.92 14.67 6.89
C ARG C 367 17.09 13.63 7.64
N THR C 368 15.84 13.98 7.98
CA THR C 368 14.95 13.06 8.74
C THR C 368 14.73 11.80 7.90
N PRO C 369 14.75 10.59 8.51
CA PRO C 369 14.59 9.33 7.77
C PRO C 369 13.38 9.32 6.84
N VAL C 370 13.55 8.80 5.62
CA VAL C 370 12.45 8.72 4.67
C VAL C 370 11.53 7.55 5.00
N GLN C 371 12.05 6.53 5.68
CA GLN C 371 11.25 5.42 6.18
C GLN C 371 11.69 5.07 7.59
N ARG C 372 10.86 4.27 8.25
CA ARG C 372 11.20 3.74 9.56
C ARG C 372 10.27 2.59 9.89
N THR C 373 10.84 1.46 10.31
CA THR C 373 10.03 0.29 10.59
C THR C 373 9.15 0.52 11.81
N PRO C 374 8.03 -0.17 11.93
CA PRO C 374 7.17 0.04 13.09
C PRO C 374 7.80 -0.49 14.36
N LEU C 375 7.40 0.09 15.49
CA LEU C 375 7.79 -0.40 16.81
C LEU C 375 6.74 -1.33 17.40
N SER C 376 6.36 -2.34 16.62
CA SER C 376 5.32 -3.29 17.00
C SER C 376 5.94 -4.61 17.39
N ALA C 377 5.09 -5.54 17.83
CA ALA C 377 5.56 -6.89 18.11
C ALA C 377 6.05 -7.58 16.86
N ALA C 378 5.38 -7.35 15.73
CA ALA C 378 5.80 -7.97 14.47
C ALA C 378 7.19 -7.53 14.06
N ALA C 379 7.56 -6.30 14.39
CA ALA C 379 8.87 -5.74 14.10
C ALA C 379 9.70 -5.68 15.38
N HIS C 380 10.87 -5.08 15.28
CA HIS C 380 11.75 -4.97 16.43
C HIS C 380 11.19 -4.01 17.47
N THR C 381 11.57 -4.23 18.72
CA THR C 381 11.26 -3.30 19.79
C THR C 381 12.41 -3.13 20.78
N HIS C 382 13.59 -3.67 20.49
CA HIS C 382 14.77 -3.55 21.32
C HIS C 382 15.88 -2.89 20.49
N PRO C 383 17.00 -2.52 21.09
CA PRO C 383 18.07 -1.90 20.30
C PRO C 383 18.56 -2.83 19.21
N VAL C 384 18.88 -2.23 18.06
CA VAL C 384 19.32 -2.98 16.89
C VAL C 384 20.76 -2.61 16.62
N TYR C 385 21.68 -3.39 17.19
CA TYR C 385 23.10 -3.17 16.99
C TYR C 385 23.62 -3.81 15.71
N CYS C 386 22.81 -4.60 15.01
CA CYS C 386 23.29 -5.44 13.92
C CYS C 386 22.34 -5.30 12.74
N VAL C 387 22.85 -4.81 11.63
CA VAL C 387 22.10 -4.67 10.38
C VAL C 387 23.06 -4.91 9.23
N ASN C 388 22.57 -5.56 8.18
CA ASN C 388 23.42 -5.86 7.04
C ASN C 388 22.57 -6.31 5.86
N VAL C 389 22.95 -5.88 4.67
CA VAL C 389 22.29 -6.30 3.44
C VAL C 389 23.01 -7.53 2.90
N VAL C 390 22.27 -8.60 2.66
CA VAL C 390 22.84 -9.86 2.19
C VAL C 390 22.04 -10.35 0.99
N GLY C 391 22.74 -10.81 -0.04
CA GLY C 391 22.16 -11.43 -1.21
C GLY C 391 22.70 -10.85 -2.49
N THR C 392 22.15 -11.30 -3.60
CA THR C 392 22.48 -10.81 -4.93
C THR C 392 21.44 -9.78 -5.37
N GLN C 393 21.76 -9.08 -6.48
CA GLN C 393 20.94 -7.95 -6.90
C GLN C 393 19.52 -8.38 -7.21
N ASN C 394 19.34 -9.54 -7.85
CA ASN C 394 18.00 -10.01 -8.15
C ASN C 394 17.30 -10.61 -6.93
N ALA C 395 18.02 -10.88 -5.84
CA ALA C 395 17.39 -11.40 -4.64
C ALA C 395 18.28 -11.03 -3.45
N HIS C 396 17.89 -10.00 -2.70
CA HIS C 396 18.63 -9.58 -1.53
C HIS C 396 17.64 -9.14 -0.46
N ASN C 397 18.09 -9.21 0.79
CA ASN C 397 17.32 -8.80 1.93
C ASN C 397 18.18 -7.95 2.85
N LEU C 398 17.51 -7.25 3.75
CA LEU C 398 18.14 -6.53 4.84
C LEU C 398 17.88 -7.33 6.11
N ILE C 399 18.94 -7.95 6.64
CA ILE C 399 18.85 -8.74 7.86
C ILE C 399 19.21 -7.83 9.02
N SER C 400 18.36 -7.80 10.04
CA SER C 400 18.58 -7.02 11.24
C SER C 400 18.31 -7.89 12.46
N ILE C 401 19.20 -7.79 13.46
CA ILE C 401 19.08 -8.56 14.69
C ILE C 401 19.16 -7.58 15.85
N SER C 402 18.26 -7.73 16.82
CA SER C 402 18.19 -6.87 17.98
C SER C 402 18.70 -7.60 19.21
N THR C 403 18.76 -6.89 20.33
CA THR C 403 19.31 -7.46 21.55
C THR C 403 18.34 -8.38 22.27
N ASP C 404 17.08 -8.48 21.83
CA ASP C 404 16.16 -9.47 22.38
C ASP C 404 16.22 -10.80 21.63
N GLY C 405 17.17 -10.96 20.70
CA GLY C 405 17.29 -12.18 19.94
C GLY C 405 16.42 -12.26 18.72
N LYS C 406 15.45 -11.35 18.56
CA LYS C 406 14.64 -11.36 17.37
C LYS C 406 15.49 -10.98 16.16
N ILE C 407 15.27 -11.70 15.07
CA ILE C 407 15.96 -11.45 13.80
C ILE C 407 14.88 -11.32 12.74
N CYS C 408 14.98 -10.26 11.94
CA CYS C 408 13.98 -9.95 10.92
C CYS C 408 14.68 -9.64 9.61
N SER C 409 14.12 -10.19 8.53
CA SER C 409 14.57 -9.95 7.17
C SER C 409 13.52 -9.10 6.48
N TRP C 410 13.91 -7.86 6.14
CA TRP C 410 13.13 -6.92 5.36
C TRP C 410 13.64 -6.91 3.94
N SER C 411 12.98 -6.12 3.10
CA SER C 411 13.51 -5.68 1.83
C SER C 411 13.57 -4.16 1.85
N LEU C 412 14.61 -3.59 1.24
CA LEU C 412 14.79 -2.15 1.29
C LEU C 412 13.65 -1.41 0.59
N ASP C 413 12.88 -2.09 -0.25
CA ASP C 413 11.68 -1.51 -0.82
C ASP C 413 10.52 -1.49 0.17
N MET C 414 10.52 -2.38 1.17
CA MET C 414 9.39 -2.62 2.05
C MET C 414 9.85 -2.65 3.50
N LEU C 415 9.48 -1.63 4.27
CA LEU C 415 9.82 -1.54 5.68
C LEU C 415 8.59 -1.44 6.57
N SER C 416 7.39 -1.53 6.01
CA SER C 416 6.20 -1.48 6.84
C SER C 416 6.06 -2.73 7.68
N HIS C 417 6.50 -3.88 7.15
CA HIS C 417 6.46 -5.14 7.87
C HIS C 417 7.56 -6.04 7.34
N PRO C 418 8.06 -6.97 8.14
CA PRO C 418 9.21 -7.77 7.71
C PRO C 418 8.79 -8.97 6.90
N GLN C 419 9.58 -9.29 5.87
CA GLN C 419 9.29 -10.48 5.08
C GLN C 419 9.42 -11.75 5.90
N ASP C 420 10.44 -11.83 6.75
CA ASP C 420 10.62 -12.99 7.62
C ASP C 420 11.05 -12.53 9.00
N SER C 421 10.75 -13.35 10.00
CA SER C 421 11.11 -12.99 11.37
C SER C 421 11.04 -14.22 12.26
N MET C 422 12.01 -14.33 13.17
CA MET C 422 11.93 -15.34 14.21
C MET C 422 12.84 -14.95 15.37
N GLU C 423 12.53 -15.48 16.54
CA GLU C 423 13.32 -15.27 17.74
C GLU C 423 14.34 -16.38 17.89
N LEU C 424 15.55 -16.02 18.30
CA LEU C 424 16.66 -16.96 18.41
C LEU C 424 16.77 -17.46 19.84
N VAL C 425 16.65 -18.77 20.01
CA VAL C 425 16.85 -19.43 21.29
C VAL C 425 17.64 -20.72 21.04
N HIS C 426 18.49 -21.08 21.98
CA HIS C 426 19.38 -22.22 21.84
C HIS C 426 18.96 -23.40 22.71
N LYS C 427 18.90 -23.21 24.02
CA LYS C 427 18.64 -24.29 24.97
C LYS C 427 17.64 -23.80 26.00
N GLN C 428 16.65 -24.63 26.29
CA GLN C 428 15.60 -24.33 27.26
C GLN C 428 14.80 -23.08 26.88
N SER C 429 14.75 -22.75 25.60
CA SER C 429 14.01 -21.58 25.11
C SER C 429 14.48 -20.30 25.78
N LYS C 430 15.79 -20.15 25.90
CA LYS C 430 16.40 -18.95 26.48
C LYS C 430 16.82 -18.00 25.37
N ALA C 431 16.51 -16.72 25.56
CA ALA C 431 16.84 -15.72 24.55
C ALA C 431 18.34 -15.57 24.41
N VAL C 432 18.78 -15.28 23.19
CA VAL C 432 20.18 -15.02 22.90
C VAL C 432 20.30 -13.52 22.65
N ALA C 433 20.98 -12.81 23.56
CA ALA C 433 20.99 -11.35 23.56
C ALA C 433 22.05 -10.87 22.57
N VAL C 434 21.68 -10.90 21.29
CA VAL C 434 22.63 -10.66 20.21
C VAL C 434 23.16 -9.23 20.27
N THR C 435 24.48 -9.08 20.21
CA THR C 435 25.14 -7.79 20.09
C THR C 435 25.97 -7.65 18.82
N SER C 436 26.33 -8.75 18.16
CA SER C 436 27.12 -8.71 16.94
C SER C 436 26.61 -9.76 15.98
N MET C 437 27.05 -9.66 14.73
CA MET C 437 26.52 -10.50 13.68
C MET C 437 27.42 -10.38 12.47
N SER C 438 27.71 -11.50 11.83
CA SER C 438 28.49 -11.49 10.61
C SER C 438 28.13 -12.72 9.79
N PHE C 439 28.38 -12.62 8.49
CA PHE C 439 28.03 -13.65 7.53
C PHE C 439 29.28 -14.13 6.79
N PRO C 440 29.35 -15.39 6.35
CA PRO C 440 30.44 -15.79 5.46
C PRO C 440 30.30 -15.15 4.10
N VAL C 441 31.43 -15.02 3.40
CA VAL C 441 31.46 -14.32 2.14
C VAL C 441 30.68 -15.11 1.10
N GLY C 442 29.78 -14.43 0.40
CA GLY C 442 28.99 -15.04 -0.64
C GLY C 442 27.83 -15.89 -0.17
N ASP C 443 27.66 -16.04 1.15
CA ASP C 443 26.59 -16.85 1.71
C ASP C 443 25.45 -15.96 2.20
N VAL C 444 24.26 -16.56 2.26
CA VAL C 444 23.07 -15.87 2.73
C VAL C 444 22.28 -16.68 3.76
N ASN C 445 22.67 -17.93 4.01
CA ASN C 445 21.89 -18.85 4.84
C ASN C 445 22.45 -19.00 6.25
N ASN C 446 23.76 -19.17 6.37
CA ASN C 446 24.43 -19.35 7.65
C ASN C 446 25.05 -18.04 8.11
N PHE C 447 25.18 -17.90 9.42
CA PHE C 447 25.82 -16.72 10.00
C PHE C 447 26.17 -17.03 11.45
N VAL C 448 26.80 -16.06 12.10
CA VAL C 448 27.20 -16.15 13.49
C VAL C 448 26.62 -14.97 14.24
N VAL C 449 26.38 -15.16 15.53
CA VAL C 449 25.87 -14.10 16.40
C VAL C 449 26.53 -14.22 17.75
N GLY C 450 27.17 -13.14 18.20
CA GLY C 450 27.71 -13.06 19.54
C GLY C 450 26.66 -12.45 20.44
N SER C 451 26.66 -12.86 21.70
CA SER C 451 25.63 -12.49 22.65
C SER C 451 26.25 -11.83 23.88
N GLU C 452 25.40 -11.13 24.63
CA GLU C 452 25.84 -10.50 25.86
C GLU C 452 26.36 -11.53 26.86
N GLU C 453 25.81 -12.75 26.82
CA GLU C 453 26.24 -13.79 27.74
C GLU C 453 27.69 -14.20 27.53
N GLY C 454 28.26 -13.93 26.36
CA GLY C 454 29.64 -14.26 26.10
C GLY C 454 29.78 -15.62 25.48
N SER C 455 28.95 -15.91 24.48
CA SER C 455 29.01 -17.16 23.75
C SER C 455 28.61 -16.91 22.32
N VAL C 456 29.42 -17.38 21.37
CA VAL C 456 29.06 -17.24 19.97
C VAL C 456 28.03 -18.31 19.65
N TYR C 457 27.22 -18.07 18.63
CA TYR C 457 26.28 -19.07 18.15
C TYR C 457 26.28 -19.05 16.63
N THR C 458 26.51 -20.22 16.04
CA THR C 458 26.33 -20.40 14.60
C THR C 458 24.87 -20.75 14.35
N ALA C 459 24.26 -20.04 13.40
CA ALA C 459 22.83 -20.13 13.17
C ALA C 459 22.55 -20.12 11.68
N CYS C 460 21.35 -20.59 11.33
CA CYS C 460 20.89 -20.68 9.95
C CYS C 460 19.67 -19.78 9.78
N ARG C 461 19.55 -19.20 8.58
CA ARG C 461 18.51 -18.20 8.34
C ARG C 461 17.19 -18.83 7.91
N HIS C 462 17.21 -19.65 6.86
CA HIS C 462 16.02 -20.35 6.39
C HIS C 462 16.30 -21.82 6.15
N GLY C 463 15.36 -22.66 6.55
CA GLY C 463 15.51 -24.09 6.42
C GLY C 463 14.64 -24.81 7.41
N SER C 464 14.71 -26.14 7.37
CA SER C 464 13.98 -26.95 8.33
C SER C 464 14.48 -26.69 9.74
N LYS C 465 15.80 -26.53 9.91
CA LYS C 465 16.43 -26.26 11.20
C LYS C 465 16.63 -24.77 11.44
N ALA C 466 15.73 -23.93 10.93
CA ALA C 466 15.89 -22.48 11.05
C ALA C 466 15.96 -22.07 12.52
N GLY C 467 16.94 -21.22 12.84
CA GLY C 467 17.21 -20.79 14.19
C GLY C 467 18.67 -20.99 14.56
N ILE C 468 18.92 -21.06 15.86
CA ILE C 468 20.28 -21.30 16.36
C ILE C 468 20.63 -22.76 16.15
N SER C 469 21.85 -23.00 15.66
CA SER C 469 22.34 -24.35 15.39
C SER C 469 23.33 -24.83 16.43
N GLU C 470 24.42 -24.08 16.67
CA GLU C 470 25.49 -24.54 17.54
C GLU C 470 25.95 -23.41 18.44
N MET C 471 26.47 -23.77 19.61
CA MET C 471 26.86 -22.82 20.66
C MET C 471 28.36 -22.95 20.88
N PHE C 472 28.98 -21.82 21.24
CA PHE C 472 30.41 -21.72 21.47
C PHE C 472 30.60 -20.99 22.78
N GLU C 473 31.26 -21.64 23.74
CA GLU C 473 31.24 -21.25 25.15
C GLU C 473 32.52 -20.58 25.61
N GLY C 474 33.46 -20.29 24.69
CA GLY C 474 34.81 -19.94 25.12
C GLY C 474 34.90 -18.65 25.91
N HIS C 475 34.21 -17.60 25.47
CA HIS C 475 34.42 -16.28 26.05
C HIS C 475 33.91 -16.21 27.49
N GLN C 476 34.50 -15.32 28.26
CA GLN C 476 34.17 -15.11 29.67
C GLN C 476 33.50 -13.75 29.92
N GLY C 477 33.27 -12.96 28.88
CA GLY C 477 32.56 -11.71 29.02
C GLY C 477 31.70 -11.45 27.81
N PRO C 478 30.93 -10.37 27.82
CA PRO C 478 30.09 -10.06 26.65
C PRO C 478 30.92 -9.87 25.40
N ILE C 479 30.36 -10.29 24.27
CA ILE C 479 31.03 -10.19 22.98
C ILE C 479 30.69 -8.84 22.35
N THR C 480 31.72 -8.13 21.92
CA THR C 480 31.57 -6.82 21.31
C THR C 480 31.41 -6.92 19.80
N GLY C 481 32.22 -7.74 19.15
CA GLY C 481 32.15 -7.88 17.72
C GLY C 481 32.71 -9.18 17.19
N ILE C 482 31.99 -9.81 16.28
CA ILE C 482 32.43 -11.00 15.58
C ILE C 482 32.57 -10.67 14.11
N HIS C 483 33.63 -11.17 13.49
CA HIS C 483 33.83 -10.99 12.06
C HIS C 483 34.29 -12.30 11.44
N CYS C 484 33.57 -12.75 10.42
CA CYS C 484 33.94 -13.92 9.66
C CYS C 484 35.09 -13.57 8.72
N HIS C 485 35.81 -14.61 8.29
CA HIS C 485 36.95 -14.42 7.41
C HIS C 485 36.47 -13.87 6.07
N ALA C 486 37.12 -12.81 5.61
CA ALA C 486 36.70 -12.08 4.42
C ALA C 486 37.50 -12.39 3.18
N ALA C 487 38.80 -12.67 3.32
CA ALA C 487 39.63 -12.91 2.15
C ALA C 487 39.25 -14.24 1.50
N VAL C 488 39.04 -14.20 0.19
CA VAL C 488 38.66 -15.37 -0.60
C VAL C 488 39.74 -15.60 -1.64
N GLY C 489 40.24 -16.83 -1.71
CA GLY C 489 41.32 -17.15 -2.62
C GLY C 489 41.56 -18.63 -2.78
N ALA C 490 42.84 -19.02 -2.81
CA ALA C 490 43.20 -20.40 -3.14
C ALA C 490 42.64 -21.37 -2.11
N VAL C 491 42.92 -21.13 -0.83
CA VAL C 491 42.55 -22.04 0.25
C VAL C 491 41.33 -21.47 0.96
N ASP C 492 40.29 -22.29 1.11
CA ASP C 492 39.04 -21.84 1.69
C ASP C 492 39.20 -21.69 3.20
N PHE C 493 38.84 -20.50 3.71
CA PHE C 493 38.90 -20.21 5.14
C PHE C 493 37.59 -19.60 5.64
N SER C 494 36.48 -19.81 4.91
CA SER C 494 35.22 -19.19 5.28
C SER C 494 34.71 -19.66 6.64
N HIS C 495 35.09 -20.86 7.07
CA HIS C 495 34.65 -21.36 8.37
C HIS C 495 35.29 -20.64 9.55
N LEU C 496 36.28 -19.78 9.32
CA LEU C 496 36.96 -19.07 10.39
C LEU C 496 36.22 -17.78 10.74
N PHE C 497 36.24 -17.43 12.02
CA PHE C 497 35.70 -16.15 12.47
C PHE C 497 36.35 -15.76 13.79
N VAL C 498 36.62 -14.46 13.94
CA VAL C 498 37.26 -13.94 15.15
C VAL C 498 36.21 -13.21 15.95
N THR C 499 36.39 -13.17 17.27
CA THR C 499 35.47 -12.47 18.16
C THR C 499 36.24 -11.74 19.23
N SER C 500 35.95 -10.45 19.39
CA SER C 500 36.43 -9.65 20.50
C SER C 500 35.40 -9.69 21.61
N SER C 501 35.81 -9.33 22.82
CA SER C 501 34.93 -9.43 23.98
C SER C 501 35.46 -8.58 25.11
N PHE C 502 34.61 -8.41 26.12
CA PHE C 502 34.95 -7.66 27.31
C PHE C 502 35.91 -8.38 28.23
N ASP C 503 36.25 -9.64 27.95
CA ASP C 503 37.16 -10.40 28.79
C ASP C 503 38.62 -10.18 28.43
N TRP C 504 38.94 -9.04 27.82
CA TRP C 504 40.30 -8.64 27.48
C TRP C 504 40.91 -9.59 26.45
N THR C 505 40.09 -10.30 25.70
CA THR C 505 40.53 -11.37 24.82
C THR C 505 39.94 -11.22 23.44
N VAL C 506 40.72 -11.62 22.44
CA VAL C 506 40.25 -11.82 21.08
C VAL C 506 40.49 -13.28 20.76
N LYS C 507 39.42 -13.99 20.40
CA LYS C 507 39.45 -15.43 20.21
C LYS C 507 39.17 -15.76 18.76
N LEU C 508 40.08 -16.52 18.14
CA LEU C 508 39.81 -17.12 16.85
C LEU C 508 38.87 -18.30 17.03
N TRP C 509 38.15 -18.64 15.96
CA TRP C 509 37.17 -19.72 16.04
C TRP C 509 37.01 -20.33 14.66
N THR C 510 36.65 -21.61 14.66
CA THR C 510 36.14 -22.29 13.47
C THR C 510 34.73 -22.77 13.75
N THR C 511 33.91 -22.79 12.69
CA THR C 511 32.57 -23.36 12.82
C THR C 511 32.61 -24.84 13.14
N LYS C 512 33.73 -25.52 12.84
CA LYS C 512 33.84 -26.94 13.13
C LYS C 512 33.96 -27.20 14.63
N ASN C 513 35.00 -26.64 15.25
CA ASN C 513 35.24 -26.86 16.67
C ASN C 513 34.12 -26.26 17.50
N ASN C 514 34.16 -26.55 18.80
CA ASN C 514 33.26 -25.96 19.79
C ASN C 514 34.01 -25.19 20.87
N LYS C 515 35.33 -25.07 20.76
CA LYS C 515 36.17 -24.35 21.71
C LYS C 515 37.14 -23.48 20.93
N PRO C 516 37.69 -22.45 21.57
CA PRO C 516 38.53 -21.51 20.81
C PRO C 516 39.77 -22.18 20.24
N LEU C 517 40.19 -21.71 19.07
CA LEU C 517 41.47 -22.13 18.52
C LEU C 517 42.61 -21.46 19.28
N TYR C 518 42.60 -20.14 19.34
CA TYR C 518 43.68 -19.37 19.93
C TYR C 518 43.11 -18.12 20.56
N SER C 519 43.71 -17.70 21.67
CA SER C 519 43.27 -16.54 22.43
C SER C 519 44.42 -15.55 22.50
N PHE C 520 44.18 -14.34 22.01
CA PHE C 520 45.17 -13.27 22.03
C PHE C 520 44.83 -12.31 23.16
N GLU C 521 45.52 -12.47 24.29
CA GLU C 521 45.25 -11.69 25.50
C GLU C 521 46.30 -10.62 25.73
N ASP C 522 46.96 -10.16 24.65
CA ASP C 522 47.94 -9.10 24.79
C ASP C 522 47.32 -7.81 25.32
N ASN C 523 46.03 -7.62 25.15
CA ASN C 523 45.39 -6.37 25.52
C ASN C 523 45.37 -6.24 27.04
N ALA C 524 45.68 -5.04 27.52
CA ALA C 524 45.62 -4.70 28.93
C ALA C 524 44.29 -4.08 29.34
N ASP C 525 43.35 -3.92 28.41
CA ASP C 525 42.02 -3.43 28.72
C ASP C 525 40.96 -4.19 27.95
N TYR C 526 39.76 -3.61 27.86
CA TYR C 526 38.72 -4.22 27.06
C TYR C 526 39.14 -4.24 25.60
N VAL C 527 38.52 -5.12 24.83
CA VAL C 527 38.65 -5.12 23.38
C VAL C 527 37.26 -4.92 22.80
N TYR C 528 37.10 -3.88 21.99
CA TYR C 528 35.79 -3.41 21.58
C TYR C 528 35.40 -3.85 20.18
N ASP C 529 36.35 -4.08 19.29
CA ASP C 529 36.01 -4.48 17.94
C ASP C 529 37.19 -5.17 17.30
N VAL C 530 36.90 -6.16 16.48
CA VAL C 530 37.89 -6.93 15.74
C VAL C 530 37.39 -7.13 14.32
N MET C 531 38.29 -7.05 13.35
CA MET C 531 37.90 -7.27 11.97
C MET C 531 39.08 -7.83 11.17
N TRP C 532 38.80 -8.87 10.39
CA TRP C 532 39.77 -9.40 9.46
C TRP C 532 40.06 -8.39 8.37
N SER C 533 41.27 -8.43 7.82
CA SER C 533 41.54 -7.67 6.62
C SER C 533 40.73 -8.27 5.47
N PRO C 534 40.28 -7.46 4.51
CA PRO C 534 39.50 -8.02 3.41
C PRO C 534 40.33 -8.77 2.38
N THR C 535 41.63 -8.50 2.31
CA THR C 535 42.53 -9.10 1.33
C THR C 535 43.50 -10.08 1.97
N HIS C 536 44.28 -9.63 2.94
CA HIS C 536 45.24 -10.51 3.58
C HIS C 536 44.50 -11.59 4.37
N PRO C 537 44.84 -12.88 4.22
CA PRO C 537 44.08 -13.90 4.95
C PRO C 537 44.43 -13.96 6.42
N ALA C 538 45.66 -13.62 6.81
CA ALA C 538 46.10 -13.74 8.19
C ALA C 538 46.04 -12.43 8.97
N LEU C 539 45.85 -11.29 8.31
CA LEU C 539 45.86 -10.01 8.99
C LEU C 539 44.48 -9.70 9.56
N PHE C 540 44.43 -9.39 10.86
CA PHE C 540 43.21 -8.92 11.49
C PHE C 540 43.53 -7.87 12.54
N ALA C 541 42.70 -6.84 12.62
CA ALA C 541 42.95 -5.69 13.46
C ALA C 541 41.92 -5.61 14.59
N CYS C 542 42.41 -5.35 15.80
CA CYS C 542 41.56 -5.23 16.98
C CYS C 542 41.86 -3.91 17.68
N VAL C 543 40.82 -3.30 18.23
CA VAL C 543 40.92 -2.00 18.90
C VAL C 543 40.63 -2.19 20.37
N ASP C 544 41.42 -1.53 21.22
CA ASP C 544 41.40 -1.72 22.66
C ASP C 544 41.03 -0.41 23.34
N GLY C 545 40.40 -0.51 24.50
CA GLY C 545 39.93 0.63 25.25
C GLY C 545 41.01 1.58 25.73
N MET C 546 42.27 1.16 25.72
CA MET C 546 43.37 2.03 26.12
C MET C 546 43.77 3.00 25.01
N GLY C 547 43.11 2.97 23.86
CA GLY C 547 43.45 3.83 22.75
C GLY C 547 44.34 3.21 21.71
N ARG C 548 44.53 1.89 21.75
CA ARG C 548 45.52 1.22 20.93
C ARG C 548 44.83 0.40 19.84
N LEU C 549 45.30 0.56 18.62
CA LEU C 549 44.86 -0.24 17.47
C LEU C 549 45.98 -1.18 17.10
N ASP C 550 45.70 -2.49 17.11
CA ASP C 550 46.69 -3.54 16.91
C ASP C 550 46.32 -4.37 15.70
N LEU C 551 47.22 -4.43 14.71
CA LEU C 551 47.10 -5.38 13.61
C LEU C 551 47.95 -6.60 13.92
N TRP C 552 47.31 -7.77 13.91
CA TRP C 552 47.97 -9.05 14.10
C TRP C 552 48.07 -9.73 12.74
N ASN C 553 49.29 -10.09 12.35
CA ASN C 553 49.55 -10.86 11.14
C ASN C 553 50.00 -12.25 11.60
N LEU C 554 49.04 -13.18 11.63
CA LEU C 554 49.31 -14.48 12.25
C LEU C 554 50.41 -15.24 11.53
N ASN C 555 50.56 -15.02 10.22
CA ASN C 555 51.65 -15.65 9.49
C ASN C 555 53.00 -15.17 10.00
N ASN C 556 53.19 -13.86 10.04
CA ASN C 556 54.48 -13.30 10.46
C ASN C 556 54.66 -13.37 11.96
N ASP C 557 53.57 -13.22 12.72
CA ASP C 557 53.66 -13.24 14.18
C ASP C 557 52.28 -13.53 14.72
N THR C 558 52.12 -14.69 15.37
CA THR C 558 50.83 -15.13 15.90
C THR C 558 50.64 -14.79 17.37
N GLU C 559 51.57 -14.05 17.97
CA GLU C 559 51.64 -13.95 19.43
C GLU C 559 51.73 -12.52 19.94
N VAL C 560 52.51 -11.66 19.30
CA VAL C 560 52.59 -10.24 19.66
C VAL C 560 51.98 -9.49 18.47
N PRO C 561 51.38 -8.31 18.64
CA PRO C 561 50.84 -7.61 17.48
C PRO C 561 51.92 -7.32 16.44
N THR C 562 51.60 -7.63 15.19
CA THR C 562 52.54 -7.35 14.11
C THR C 562 52.80 -5.87 13.97
N ALA C 563 51.75 -5.06 14.14
CA ALA C 563 51.90 -3.61 14.13
C ALA C 563 50.89 -3.02 15.10
N SER C 564 51.16 -1.80 15.55
CA SER C 564 50.26 -1.16 16.50
C SER C 564 50.46 0.34 16.45
N ILE C 565 49.47 1.07 16.97
CA ILE C 565 49.61 2.51 17.11
C ILE C 565 48.51 3.00 18.03
N SER C 566 48.86 3.96 18.91
CA SER C 566 47.85 4.52 19.84
C SER C 566 47.35 5.87 19.28
N VAL C 567 46.05 6.13 19.39
CA VAL C 567 45.50 7.45 18.94
C VAL C 567 46.01 8.51 19.93
N GLU C 568 46.05 9.78 19.53
CA GLU C 568 46.65 10.82 20.41
C GLU C 568 45.62 11.19 21.48
N GLY C 569 46.04 11.17 22.76
CA GLY C 569 45.12 11.40 23.85
C GLY C 569 44.45 10.17 24.40
N ASN C 570 44.92 8.99 23.97
CA ASN C 570 44.36 7.68 24.41
C ASN C 570 42.84 7.72 24.62
N PRO C 571 42.02 7.93 23.57
CA PRO C 571 40.56 7.86 23.70
C PRO C 571 40.12 6.41 23.45
N ALA C 572 39.09 5.94 24.16
CA ALA C 572 38.67 4.53 23.98
C ALA C 572 38.24 4.32 22.54
N LEU C 573 38.66 3.22 21.91
CA LEU C 573 38.35 3.01 20.47
C LEU C 573 37.16 2.06 20.36
N ASN C 574 36.05 2.52 19.77
CA ASN C 574 34.82 1.70 19.73
C ASN C 574 34.73 0.80 18.49
N ARG C 575 34.86 1.37 17.27
CA ARG C 575 34.61 0.55 16.06
C ARG C 575 35.71 0.62 15.00
N VAL C 576 36.39 -0.51 14.73
CA VAL C 576 37.40 -0.56 13.69
C VAL C 576 36.74 -1.07 12.42
N ARG C 577 37.24 -0.64 11.28
CA ARG C 577 36.64 -1.02 10.01
C ARG C 577 37.67 -0.83 8.90
N TRP C 578 37.98 -1.90 8.19
CA TRP C 578 38.92 -1.82 7.08
C TRP C 578 38.28 -1.13 5.90
N THR C 579 39.12 -0.51 5.07
CA THR C 579 38.71 -0.17 3.73
C THR C 579 38.64 -1.45 2.90
N HIS C 580 37.79 -1.45 1.88
CA HIS C 580 37.62 -2.66 1.10
C HIS C 580 38.88 -3.00 0.32
N SER C 581 39.67 -1.99 -0.07
CA SER C 581 40.94 -2.25 -0.72
C SER C 581 41.94 -2.93 0.21
N GLY C 582 41.77 -2.80 1.53
CA GLY C 582 42.70 -3.34 2.48
C GLY C 582 43.89 -2.46 2.80
N ARG C 583 43.96 -1.26 2.22
CA ARG C 583 45.10 -0.36 2.43
C ARG C 583 44.83 0.71 3.46
N GLU C 584 43.68 0.72 4.12
CA GLU C 584 43.31 1.79 5.04
C GLU C 584 42.42 1.18 6.12
N ILE C 585 42.65 1.59 7.38
CA ILE C 585 41.83 1.14 8.50
C ILE C 585 41.31 2.38 9.22
N ALA C 586 39.99 2.46 9.36
CA ALA C 586 39.37 3.61 10.05
C ALA C 586 39.00 3.21 11.48
N VAL C 587 39.31 4.04 12.47
CA VAL C 587 38.89 3.72 13.87
C VAL C 587 38.05 4.88 14.43
N GLY C 588 36.91 4.56 15.06
CA GLY C 588 36.07 5.61 15.66
C GLY C 588 36.28 5.66 17.17
N ASP C 589 36.69 6.82 17.70
CA ASP C 589 37.00 6.93 19.15
C ASP C 589 35.78 7.39 19.95
N SER C 590 35.90 7.41 21.28
CA SER C 590 34.80 7.87 22.18
C SER C 590 34.53 9.36 21.91
N GLU C 591 35.56 10.12 21.53
CA GLU C 591 35.41 11.57 21.26
C GLU C 591 34.42 11.79 20.11
N GLY C 592 34.33 10.84 19.17
CA GLY C 592 33.47 11.03 17.98
C GLY C 592 34.29 11.46 16.78
N GLN C 593 35.62 11.42 16.91
CA GLN C 593 36.52 11.77 15.79
C GLN C 593 36.98 10.47 15.11
N ILE C 594 36.73 10.32 13.81
CA ILE C 594 37.23 9.13 13.08
C ILE C 594 38.71 9.35 12.79
N VAL C 595 39.57 8.37 13.10
CA VAL C 595 41.02 8.48 12.80
C VAL C 595 41.34 7.43 11.74
N ILE C 596 41.95 7.84 10.62
CA ILE C 596 42.20 6.89 9.51
C ILE C 596 43.70 6.58 9.46
N TYR C 597 44.07 5.30 9.37
CA TYR C 597 45.48 4.93 9.38
C TYR C 597 45.77 4.15 8.11
N ASP C 598 46.72 4.65 7.32
CA ASP C 598 47.21 3.93 6.16
C ASP C 598 48.18 2.86 6.62
N VAL C 599 48.03 1.67 6.08
CA VAL C 599 48.81 0.52 6.49
C VAL C 599 50.00 0.38 5.55
N GLY C 600 51.15 -0.01 6.11
CA GLY C 600 52.32 -0.24 5.28
C GLY C 600 52.09 -1.38 4.30
N GLU C 601 52.65 -1.22 3.10
CA GLU C 601 52.43 -2.21 2.05
C GLU C 601 53.02 -3.57 2.41
N GLN C 602 54.08 -3.60 3.23
CA GLN C 602 54.64 -4.88 3.64
C GLN C 602 53.67 -5.68 4.48
N ILE C 603 52.79 -5.01 5.22
CA ILE C 603 51.80 -5.69 6.06
C ILE C 603 50.49 -5.90 5.29
N ALA C 604 49.99 -4.85 4.65
CA ALA C 604 48.69 -4.93 3.99
C ALA C 604 48.73 -5.90 2.80
N VAL C 605 49.72 -5.76 1.94
CA VAL C 605 49.77 -6.54 0.71
C VAL C 605 50.11 -7.99 1.08
N PRO C 606 49.29 -8.98 0.73
CA PRO C 606 49.69 -10.36 0.99
C PRO C 606 50.63 -10.88 -0.07
N ARG C 607 51.65 -11.59 0.37
CA ARG C 607 52.55 -12.26 -0.57
C ARG C 607 51.84 -13.44 -1.20
N ASN C 608 52.46 -14.02 -2.22
CA ASN C 608 51.83 -15.10 -2.96
C ASN C 608 51.59 -16.31 -2.08
N ASP C 609 52.57 -16.65 -1.23
CA ASP C 609 52.50 -17.85 -0.39
C ASP C 609 51.88 -17.59 0.97
N GLU C 610 51.31 -16.41 1.21
CA GLU C 610 50.71 -16.13 2.51
C GLU C 610 49.54 -17.05 2.80
N TRP C 611 48.85 -17.50 1.75
CA TRP C 611 47.69 -18.38 1.97
C TRP C 611 48.14 -19.77 2.40
N ALA C 612 49.16 -20.30 1.73
CA ALA C 612 49.73 -21.58 2.16
C ALA C 612 50.35 -21.45 3.55
N ARG C 613 51.01 -20.32 3.83
CA ARG C 613 51.58 -20.11 5.15
C ARG C 613 50.50 -20.07 6.21
N PHE C 614 49.37 -19.44 5.92
CA PHE C 614 48.28 -19.43 6.89
C PHE C 614 47.71 -20.82 7.08
N GLY C 615 47.67 -21.62 6.02
CA GLY C 615 47.28 -23.01 6.18
C GLY C 615 48.21 -23.74 7.13
N ARG C 616 49.52 -23.56 6.95
CA ARG C 616 50.48 -24.20 7.85
C ARG C 616 50.33 -23.70 9.28
N THR C 617 50.14 -22.39 9.46
CA THR C 617 50.01 -21.83 10.78
C THR C 617 48.76 -22.35 11.48
N LEU C 618 47.66 -22.45 10.74
CA LEU C 618 46.45 -23.06 11.29
C LEU C 618 46.66 -24.51 11.65
N ALA C 619 47.42 -25.24 10.83
CA ALA C 619 47.74 -26.62 11.18
C ALA C 619 48.53 -26.70 12.47
N GLU C 620 49.45 -25.76 12.69
CA GLU C 620 50.26 -25.76 13.90
C GLU C 620 49.41 -25.59 15.15
N ILE C 621 48.35 -24.79 15.06
CA ILE C 621 47.47 -24.56 16.20
C ILE C 621 46.63 -25.80 16.44
N ARG D 103 -11.41 67.53 -32.63
CA ARG D 103 -11.32 66.35 -31.78
C ARG D 103 -11.60 66.72 -30.33
N CYS D 104 -12.44 65.92 -29.67
CA CYS D 104 -12.89 66.19 -28.31
C CYS D 104 -12.11 65.30 -27.34
N ASN D 105 -11.48 65.94 -26.35
CA ASN D 105 -10.75 65.19 -25.33
C ASN D 105 -11.72 64.32 -24.53
N VAL D 106 -11.31 63.08 -24.30
CA VAL D 106 -12.09 62.09 -23.57
C VAL D 106 -11.31 61.67 -22.33
N TRP D 107 -11.96 61.74 -21.17
CA TRP D 107 -11.34 61.42 -19.89
C TRP D 107 -12.25 60.47 -19.12
N ILE D 108 -11.77 59.25 -18.89
CA ILE D 108 -12.50 58.22 -18.18
C ILE D 108 -11.81 57.99 -16.85
N LEU D 109 -12.53 58.25 -15.76
CA LEU D 109 -12.00 58.10 -14.41
C LEU D 109 -12.31 56.72 -13.86
N ASP D 110 -11.34 56.12 -13.19
CA ASP D 110 -11.53 54.82 -12.59
C ASP D 110 -12.53 54.89 -11.45
N GLY D 111 -13.22 53.77 -11.21
CA GLY D 111 -14.35 53.76 -10.29
C GLY D 111 -13.98 54.02 -8.85
N ASP D 112 -12.74 53.77 -8.46
CA ASP D 112 -12.31 53.94 -7.07
C ASP D 112 -12.04 55.42 -6.83
N LEU D 113 -12.42 55.91 -5.65
CA LEU D 113 -12.16 57.28 -5.27
C LEU D 113 -10.68 57.57 -5.06
N TYR D 114 -9.86 56.52 -4.90
CA TYR D 114 -8.44 56.72 -4.66
C TYR D 114 -7.77 57.47 -5.81
N HIS D 115 -8.33 57.38 -7.02
CA HIS D 115 -7.82 58.08 -8.19
C HIS D 115 -8.64 59.33 -8.53
N LYS D 116 -9.59 59.73 -7.68
CA LYS D 116 -10.40 60.90 -7.99
C LYS D 116 -9.55 62.16 -8.09
N GLY D 117 -8.43 62.20 -7.37
CA GLY D 117 -7.52 63.33 -7.47
C GLY D 117 -6.91 63.50 -8.85
N LEU D 118 -7.00 62.48 -9.71
CA LEU D 118 -6.58 62.64 -11.10
C LEU D 118 -7.45 63.62 -11.86
N LEU D 119 -8.64 63.95 -11.34
CA LEU D 119 -9.54 64.85 -12.06
C LEU D 119 -8.93 66.21 -12.33
N LYS D 120 -7.96 66.64 -11.53
CA LYS D 120 -7.31 67.93 -11.77
C LYS D 120 -6.56 67.95 -13.10
N PHE D 121 -6.13 66.79 -13.60
CA PHE D 121 -5.47 66.71 -14.89
C PHE D 121 -6.43 66.47 -16.04
N ALA D 122 -7.73 66.32 -15.78
CA ALA D 122 -8.73 66.16 -16.81
C ALA D 122 -9.50 67.44 -17.10
N VAL D 123 -9.71 68.28 -16.09
CA VAL D 123 -10.43 69.54 -16.22
C VAL D 123 -9.67 70.61 -15.46
N SER D 124 -9.44 71.74 -16.13
CA SER D 124 -8.81 72.92 -15.53
C SER D 124 -9.78 74.09 -15.65
N ALA D 125 -9.38 75.23 -15.09
CA ALA D 125 -10.22 76.42 -15.14
C ALA D 125 -10.44 76.87 -16.57
N GLU D 126 -9.38 76.89 -17.37
CA GLU D 126 -9.50 77.32 -18.76
C GLU D 126 -10.33 76.32 -19.57
N SER D 127 -10.23 75.03 -19.27
CA SER D 127 -10.90 73.99 -20.03
C SER D 127 -12.24 73.58 -19.47
N LEU D 128 -12.69 74.19 -18.35
CA LEU D 128 -13.97 73.80 -17.79
C LEU D 128 -15.15 74.08 -18.72
N PRO D 129 -15.33 75.30 -19.25
CA PRO D 129 -16.52 75.54 -20.08
C PRO D 129 -16.57 74.70 -21.34
N GLU D 130 -15.42 74.39 -21.93
CA GLU D 130 -15.37 73.53 -23.11
C GLU D 130 -15.71 72.08 -22.80
N THR D 131 -15.64 71.66 -21.54
CA THR D 131 -15.83 70.26 -21.17
C THR D 131 -17.31 69.94 -21.02
N LEU D 132 -17.70 68.77 -21.52
CA LEU D 132 -19.02 68.20 -21.31
C LEU D 132 -18.88 67.00 -20.38
N VAL D 133 -19.72 66.96 -19.35
CA VAL D 133 -19.65 65.95 -18.30
C VAL D 133 -20.60 64.81 -18.66
N ILE D 134 -20.08 63.59 -18.59
CA ILE D 134 -20.84 62.37 -18.88
C ILE D 134 -20.82 61.51 -17.62
N PHE D 135 -22.01 61.12 -17.16
CA PHE D 135 -22.19 60.25 -16.00
C PHE D 135 -22.80 58.94 -16.45
N VAL D 136 -22.13 57.83 -16.14
CA VAL D 136 -22.56 56.50 -16.56
C VAL D 136 -23.44 55.89 -15.48
N ALA D 137 -24.48 55.20 -15.90
CA ALA D 137 -25.39 54.47 -15.01
C ALA D 137 -25.50 53.04 -15.52
N ASP D 138 -25.15 52.07 -14.66
CA ASP D 138 -25.16 50.66 -15.03
C ASP D 138 -26.54 50.07 -14.78
N MET D 139 -27.21 49.66 -15.86
CA MET D 139 -28.53 49.06 -15.75
C MET D 139 -28.48 47.56 -15.50
N SER D 140 -27.31 46.94 -15.60
CA SER D 140 -27.14 45.58 -15.09
C SER D 140 -27.11 45.56 -13.57
N ARG D 141 -26.79 46.68 -12.93
CA ARG D 141 -26.81 46.83 -11.49
C ARG D 141 -27.64 48.09 -11.27
N PRO D 142 -28.96 48.00 -11.43
CA PRO D 142 -29.79 49.21 -11.29
C PRO D 142 -29.83 49.75 -9.88
N TRP D 143 -29.68 48.87 -8.87
CA TRP D 143 -29.94 49.27 -7.49
C TRP D 143 -28.95 50.33 -6.99
N THR D 144 -27.73 50.35 -7.51
CA THR D 144 -26.73 51.34 -7.09
C THR D 144 -26.73 52.61 -7.94
N VAL D 145 -27.68 52.78 -8.86
CA VAL D 145 -27.54 53.81 -9.89
C VAL D 145 -27.57 55.20 -9.26
N MET D 146 -28.58 55.49 -8.43
CA MET D 146 -28.63 56.80 -7.77
C MET D 146 -27.54 56.96 -6.72
N GLU D 147 -27.19 55.90 -5.99
CA GLU D 147 -26.10 56.05 -5.02
C GLU D 147 -24.81 56.42 -5.74
N SER D 148 -24.53 55.74 -6.86
CA SER D 148 -23.37 56.08 -7.66
C SER D 148 -23.49 57.49 -8.24
N LEU D 149 -24.70 57.90 -8.63
CA LEU D 149 -24.86 59.20 -9.26
C LEU D 149 -24.65 60.34 -8.28
N GLN D 150 -25.26 60.29 -7.08
CA GLN D 150 -24.91 61.27 -6.07
C GLN D 150 -23.46 61.19 -5.63
N LYS D 151 -22.85 60.01 -5.65
CA LYS D 151 -21.44 59.89 -5.32
C LYS D 151 -20.60 60.68 -6.32
N TRP D 152 -20.79 60.43 -7.61
CA TRP D 152 -19.93 61.05 -8.61
C TRP D 152 -20.27 62.52 -8.82
N ALA D 153 -21.56 62.88 -8.76
CA ALA D 153 -21.94 64.28 -8.86
C ALA D 153 -21.38 65.07 -7.69
N SER D 154 -21.45 64.51 -6.49
CA SER D 154 -20.85 65.18 -5.33
C SER D 154 -19.35 65.30 -5.49
N VAL D 155 -18.71 64.29 -6.08
CA VAL D 155 -17.27 64.37 -6.34
C VAL D 155 -16.99 65.53 -7.30
N LEU D 156 -17.83 65.69 -8.32
CA LEU D 156 -17.64 66.79 -9.27
C LEU D 156 -17.84 68.14 -8.59
N ARG D 157 -18.83 68.24 -7.70
CA ARG D 157 -19.03 69.49 -6.96
C ARG D 157 -17.82 69.80 -6.09
N GLU D 158 -17.29 68.79 -5.40
CA GLU D 158 -16.07 68.99 -4.62
C GLU D 158 -14.90 69.40 -5.49
N HIS D 159 -14.78 68.82 -6.68
CA HIS D 159 -13.71 69.21 -7.59
C HIS D 159 -13.85 70.67 -8.01
N ILE D 160 -15.06 71.10 -8.34
CA ILE D 160 -15.26 72.48 -8.76
C ILE D 160 -15.01 73.41 -7.58
N ASP D 161 -15.25 72.96 -6.35
CA ASP D 161 -14.93 73.77 -5.18
C ASP D 161 -13.44 74.07 -5.09
N LYS D 162 -12.59 73.08 -5.36
CA LYS D 162 -11.16 73.30 -5.23
C LYS D 162 -10.59 74.19 -6.34
N MET D 163 -11.36 74.44 -7.39
CA MET D 163 -10.88 75.21 -8.52
C MET D 163 -10.80 76.70 -8.22
N LYS D 164 -11.62 77.20 -7.29
CA LYS D 164 -11.61 78.59 -6.88
C LYS D 164 -11.91 79.54 -8.04
N ILE D 165 -12.95 79.21 -8.78
CA ILE D 165 -13.45 80.11 -9.82
C ILE D 165 -14.00 81.37 -9.14
N PRO D 166 -13.86 82.57 -9.73
CA PRO D 166 -14.48 83.75 -9.11
C PRO D 166 -15.98 83.60 -9.01
N PRO D 167 -16.63 84.08 -7.93
CA PRO D 167 -18.09 83.93 -7.83
C PRO D 167 -18.84 84.59 -8.97
N GLU D 168 -18.36 85.73 -9.47
CA GLU D 168 -19.00 86.36 -10.61
C GLU D 168 -18.93 85.47 -11.85
N LYS D 169 -17.76 84.87 -12.09
CA LYS D 169 -17.63 83.95 -13.22
C LYS D 169 -18.48 82.71 -13.04
N MET D 170 -18.56 82.19 -11.82
CA MET D 170 -19.40 81.02 -11.56
C MET D 170 -20.86 81.33 -11.83
N ARG D 171 -21.34 82.49 -11.36
CA ARG D 171 -22.71 82.88 -11.62
C ARG D 171 -22.93 83.16 -13.10
N GLU D 172 -21.91 83.66 -13.80
CA GLU D 172 -22.01 83.82 -15.24
C GLU D 172 -22.20 82.46 -15.93
N LEU D 173 -21.45 81.45 -15.49
CA LEU D 173 -21.62 80.11 -16.05
C LEU D 173 -23.00 79.56 -15.74
N GLU D 174 -23.49 79.78 -14.52
CA GLU D 174 -24.84 79.34 -14.17
C GLU D 174 -25.88 80.03 -15.06
N ARG D 175 -25.72 81.33 -15.29
CA ARG D 175 -26.66 82.06 -16.14
C ARG D 175 -26.62 81.55 -17.57
N LYS D 176 -25.42 81.27 -18.09
CA LYS D 176 -25.32 80.72 -19.44
C LYS D 176 -26.01 79.36 -19.52
N PHE D 177 -25.76 78.49 -18.54
CA PHE D 177 -26.34 77.16 -18.57
C PHE D 177 -27.87 77.23 -18.46
N VAL D 178 -28.38 78.06 -17.55
CA VAL D 178 -29.83 78.13 -17.38
C VAL D 178 -30.48 78.76 -18.60
N LYS D 179 -29.81 79.75 -19.21
CA LYS D 179 -30.32 80.32 -20.45
C LYS D 179 -30.41 79.25 -21.54
N ASP D 180 -29.39 78.39 -21.64
CA ASP D 180 -29.50 77.25 -22.54
C ASP D 180 -30.63 76.31 -22.13
N PHE D 181 -30.94 76.26 -20.82
CA PHE D 181 -31.95 75.33 -20.33
C PHE D 181 -33.37 75.76 -20.70
N GLN D 182 -33.80 76.94 -20.23
CA GLN D 182 -35.20 77.32 -20.47
C GLN D 182 -35.48 77.60 -21.95
N ASP D 183 -34.44 77.94 -22.72
CA ASP D 183 -34.65 78.28 -24.13
C ASP D 183 -34.95 77.06 -24.99
N TYR D 184 -34.84 75.85 -24.44
CA TYR D 184 -35.07 74.64 -25.24
C TYR D 184 -36.50 74.61 -25.75
N MET D 185 -36.66 74.24 -27.02
CA MET D 185 -37.96 73.99 -27.62
C MET D 185 -37.89 72.71 -28.42
N GLU D 186 -39.05 72.08 -28.58
CA GLU D 186 -39.14 70.80 -29.30
C GLU D 186 -38.73 70.98 -30.77
N ILE D 225 -22.05 73.68 -15.81
CA ILE D 225 -21.60 73.07 -17.05
C ILE D 225 -22.61 71.99 -17.48
N PRO D 226 -22.59 71.59 -18.75
CA PRO D 226 -23.52 70.54 -19.20
C PRO D 226 -23.26 69.23 -18.48
N VAL D 227 -24.34 68.50 -18.21
CA VAL D 227 -24.29 67.18 -17.58
C VAL D 227 -25.21 66.26 -18.35
N LEU D 228 -24.68 65.12 -18.81
CA LEU D 228 -25.44 64.13 -19.57
C LEU D 228 -25.32 62.78 -18.88
N VAL D 229 -26.45 62.18 -18.56
CA VAL D 229 -26.51 60.86 -17.95
C VAL D 229 -26.75 59.84 -19.05
N VAL D 230 -25.83 58.88 -19.16
CA VAL D 230 -25.88 57.83 -20.17
C VAL D 230 -26.05 56.50 -19.44
N CYS D 231 -27.06 55.73 -19.85
CA CYS D 231 -27.32 54.43 -19.27
C CYS D 231 -26.71 53.35 -20.16
N THR D 232 -25.91 52.48 -19.55
CA THR D 232 -25.18 51.44 -20.27
C THR D 232 -25.69 50.07 -19.85
N LYS D 233 -25.75 49.15 -20.82
CA LYS D 233 -26.28 47.80 -20.61
C LYS D 233 -27.76 47.84 -20.21
N CYS D 234 -28.53 48.69 -20.90
CA CYS D 234 -29.97 48.71 -20.68
C CYS D 234 -30.63 47.42 -21.16
N ASP D 235 -29.99 46.68 -22.06
CA ASP D 235 -30.50 45.38 -22.47
C ASP D 235 -30.60 44.41 -21.30
N ALA D 236 -29.85 44.64 -20.23
CA ALA D 236 -29.97 43.85 -19.01
C ALA D 236 -31.34 43.98 -18.35
N VAL D 237 -32.20 44.89 -18.82
CA VAL D 237 -33.60 44.89 -18.43
C VAL D 237 -34.20 43.52 -18.70
N SER D 238 -33.83 42.91 -19.82
CA SER D 238 -34.31 41.56 -20.13
C SER D 238 -33.92 40.56 -19.04
N VAL D 239 -32.77 40.76 -18.41
CA VAL D 239 -32.40 39.91 -17.28
C VAL D 239 -33.28 40.21 -16.08
N LEU D 240 -33.56 41.49 -15.82
CA LEU D 240 -34.33 41.86 -14.64
C LEU D 240 -35.73 41.26 -14.66
N GLU D 241 -36.29 41.05 -15.86
CA GLU D 241 -37.61 40.44 -15.96
C GLU D 241 -37.58 38.97 -15.56
N LYS D 242 -36.46 38.28 -15.81
CA LYS D 242 -36.40 36.83 -15.63
C LYS D 242 -35.75 36.41 -14.32
N GLU D 243 -34.82 37.20 -13.78
CA GLU D 243 -34.06 36.83 -12.59
C GLU D 243 -34.61 37.45 -11.31
N HIS D 244 -35.22 38.63 -11.39
CA HIS D 244 -35.72 39.35 -10.21
C HIS D 244 -37.21 39.66 -10.30
N ASP D 245 -37.92 39.14 -11.31
CA ASP D 245 -39.37 39.30 -11.41
C ASP D 245 -39.78 40.76 -11.50
N TYR D 246 -38.96 41.56 -12.18
CA TYR D 246 -39.30 42.96 -12.38
C TYR D 246 -40.49 43.08 -13.34
N ARG D 247 -41.07 44.27 -13.39
CA ARG D 247 -42.18 44.56 -14.29
C ARG D 247 -42.11 46.03 -14.69
N ASP D 248 -43.13 46.47 -15.43
CA ASP D 248 -43.15 47.85 -15.90
C ASP D 248 -43.22 48.85 -14.75
N GLU D 249 -43.80 48.45 -13.61
CA GLU D 249 -43.85 49.35 -12.46
C GLU D 249 -42.46 49.64 -11.93
N HIS D 250 -41.62 48.61 -11.82
CA HIS D 250 -40.26 48.82 -11.32
C HIS D 250 -39.45 49.66 -12.28
N LEU D 251 -39.59 49.41 -13.59
CA LEU D 251 -38.85 50.20 -14.58
C LEU D 251 -39.31 51.65 -14.58
N ASP D 252 -40.63 51.87 -14.45
CA ASP D 252 -41.14 53.22 -14.28
C ASP D 252 -40.55 53.86 -13.04
N PHE D 253 -40.41 53.08 -11.96
CA PHE D 253 -39.83 53.60 -10.72
C PHE D 253 -38.41 54.11 -10.96
N ILE D 254 -37.56 53.28 -11.58
CA ILE D 254 -36.15 53.67 -11.70
C ILE D 254 -36.03 54.82 -12.70
N GLN D 255 -36.78 54.80 -13.80
CA GLN D 255 -36.62 55.87 -14.77
C GLN D 255 -37.23 57.18 -14.26
N SER D 256 -38.29 57.13 -13.46
CA SER D 256 -38.78 58.34 -12.81
C SER D 256 -37.76 58.88 -11.83
N HIS D 257 -37.09 57.99 -11.10
CA HIS D 257 -35.99 58.42 -10.24
C HIS D 257 -34.90 59.11 -11.05
N LEU D 258 -34.54 58.53 -12.20
CA LEU D 258 -33.47 59.09 -13.02
C LEU D 258 -33.88 60.44 -13.60
N ARG D 259 -35.13 60.58 -14.00
CA ARG D 259 -35.59 61.87 -14.53
C ARG D 259 -35.69 62.93 -13.44
N ARG D 260 -36.08 62.55 -12.21
CA ARG D 260 -36.06 63.53 -11.12
C ARG D 260 -34.63 63.94 -10.79
N PHE D 261 -33.68 63.01 -10.83
CA PHE D 261 -32.28 63.39 -10.64
C PHE D 261 -31.81 64.32 -11.75
N CYS D 262 -32.18 64.02 -12.99
CA CYS D 262 -31.78 64.88 -14.09
C CYS D 262 -32.37 66.28 -13.95
N LEU D 263 -33.61 66.37 -13.46
CA LEU D 263 -34.17 67.67 -13.13
C LEU D 263 -33.37 68.35 -12.03
N GLN D 264 -32.93 67.60 -11.03
CA GLN D 264 -32.16 68.19 -9.94
C GLN D 264 -30.86 68.78 -10.46
N TYR D 265 -30.18 68.08 -11.37
CA TYR D 265 -28.93 68.56 -11.96
C TYR D 265 -29.11 69.14 -13.36
N GLY D 266 -30.34 69.21 -13.87
CA GLY D 266 -30.56 69.80 -15.17
C GLY D 266 -29.86 69.07 -16.29
N ALA D 267 -29.96 67.74 -16.31
CA ALA D 267 -29.24 66.89 -17.23
C ALA D 267 -30.17 66.25 -18.24
N ALA D 268 -29.58 65.71 -19.31
CA ALA D 268 -30.30 64.99 -20.35
C ALA D 268 -30.06 63.50 -20.19
N LEU D 269 -31.15 62.74 -20.13
CA LEU D 269 -31.12 61.30 -19.92
C LEU D 269 -31.23 60.58 -21.25
N ILE D 270 -30.48 59.49 -21.39
CA ILE D 270 -30.49 58.68 -22.60
C ILE D 270 -30.19 57.24 -22.22
N TYR D 271 -30.78 56.32 -22.98
CA TYR D 271 -30.60 54.88 -22.80
C TYR D 271 -29.87 54.32 -24.00
N THR D 272 -28.90 53.44 -23.75
CA THR D 272 -28.03 52.88 -24.78
C THR D 272 -27.81 51.41 -24.53
N SER D 273 -27.34 50.72 -25.57
CA SER D 273 -26.96 49.30 -25.47
C SER D 273 -25.89 49.03 -26.52
N VAL D 274 -24.63 48.99 -26.09
CA VAL D 274 -23.54 48.68 -27.02
C VAL D 274 -23.69 47.25 -27.54
N LYS D 275 -24.23 46.35 -26.72
CA LYS D 275 -24.48 44.99 -27.16
C LYS D 275 -25.47 44.97 -28.32
N GLU D 276 -26.51 45.81 -28.24
CA GLU D 276 -27.51 45.93 -29.29
C GLU D 276 -27.34 47.17 -30.15
N GLU D 277 -26.32 47.99 -29.89
CA GLU D 277 -26.04 49.19 -30.71
C GLU D 277 -27.23 50.14 -30.75
N LYS D 278 -27.83 50.39 -29.60
CA LYS D 278 -29.02 51.23 -29.51
C LYS D 278 -28.63 52.65 -29.11
N ASN D 279 -29.13 53.62 -29.88
CA ASN D 279 -29.00 55.04 -29.58
C ASN D 279 -27.56 55.53 -29.60
N LEU D 280 -26.64 54.78 -30.21
CA LEU D 280 -25.25 55.23 -30.28
C LEU D 280 -25.13 56.45 -31.20
N ASP D 281 -25.76 56.40 -32.37
CA ASP D 281 -25.75 57.56 -33.26
C ASP D 281 -26.48 58.74 -32.63
N LEU D 282 -27.59 58.47 -31.96
CA LEU D 282 -28.31 59.53 -31.24
C LEU D 282 -27.42 60.16 -30.18
N LEU D 283 -26.71 59.32 -29.42
CA LEU D 283 -25.70 59.82 -28.49
C LEU D 283 -24.72 60.74 -29.19
N TYR D 284 -24.01 60.22 -30.19
CA TYR D 284 -22.96 60.97 -30.89
C TYR D 284 -23.46 62.31 -31.40
N LYS D 285 -24.66 62.32 -31.97
CA LYS D 285 -25.24 63.57 -32.44
C LYS D 285 -25.48 64.55 -31.30
N TYR D 286 -26.03 64.07 -30.18
CA TYR D 286 -26.29 64.97 -29.06
C TYR D 286 -24.99 65.48 -28.45
N ILE D 287 -23.98 64.62 -28.35
CA ILE D 287 -22.68 65.05 -27.81
C ILE D 287 -22.10 66.14 -28.68
N VAL D 288 -22.09 65.94 -30.00
CA VAL D 288 -21.53 66.95 -30.89
C VAL D 288 -22.34 68.24 -30.81
N HIS D 289 -23.66 68.12 -30.69
CA HIS D 289 -24.50 69.32 -30.59
C HIS D 289 -24.18 70.12 -29.34
N LYS D 290 -24.06 69.44 -28.19
CA LYS D 290 -23.87 70.14 -26.94
C LYS D 290 -22.44 70.64 -26.75
N THR D 291 -21.46 70.01 -27.40
CA THR D 291 -20.07 70.48 -27.30
C THR D 291 -19.75 71.53 -28.37
N TYR D 292 -19.87 71.17 -29.64
CA TYR D 292 -19.52 72.06 -30.74
C TYR D 292 -20.66 73.01 -31.12
N GLY D 293 -21.82 72.90 -30.50
CA GLY D 293 -22.95 73.73 -30.88
C GLY D 293 -23.63 73.32 -32.16
N PHE D 294 -23.46 72.07 -32.59
CA PHE D 294 -24.11 71.61 -33.81
C PHE D 294 -25.62 71.51 -33.61
N HIS D 295 -26.33 71.36 -34.71
CA HIS D 295 -27.79 71.24 -34.68
C HIS D 295 -28.20 69.92 -34.05
N PHE D 296 -29.47 69.87 -33.62
CA PHE D 296 -30.07 68.65 -33.10
C PHE D 296 -31.54 68.65 -33.45
N THR D 297 -32.05 67.46 -33.80
CA THR D 297 -33.42 67.32 -34.31
C THR D 297 -34.19 66.15 -33.71
N THR D 298 -33.56 65.19 -33.05
CA THR D 298 -34.30 64.03 -32.57
C THR D 298 -35.22 64.44 -31.41
N PRO D 299 -36.46 63.90 -31.34
CA PRO D 299 -37.36 64.30 -30.24
C PRO D 299 -37.15 63.43 -29.00
N ALA D 300 -37.94 63.71 -27.96
CA ALA D 300 -37.85 62.94 -26.72
C ALA D 300 -38.68 61.68 -26.84
N LEU D 301 -38.07 60.54 -26.52
CA LEU D 301 -38.74 59.24 -26.50
C LEU D 301 -38.79 58.78 -25.05
N VAL D 302 -40.00 58.62 -24.52
CA VAL D 302 -40.19 58.27 -23.11
C VAL D 302 -41.21 57.14 -22.92
N VAL D 303 -41.57 56.45 -23.99
CA VAL D 303 -42.51 55.33 -23.93
C VAL D 303 -41.78 54.01 -23.78
N GLU D 304 -40.76 53.79 -24.61
CA GLU D 304 -40.01 52.53 -24.55
C GLU D 304 -39.20 52.48 -23.26
N LYS D 305 -39.16 51.29 -22.66
CA LYS D 305 -38.50 51.16 -21.36
C LYS D 305 -36.99 51.27 -21.48
N ASP D 306 -36.39 50.57 -22.44
CA ASP D 306 -34.94 50.46 -22.56
C ASP D 306 -34.35 51.33 -23.67
N ALA D 307 -35.11 52.33 -24.14
CA ALA D 307 -34.61 53.25 -25.17
C ALA D 307 -35.05 54.69 -24.88
N VAL D 308 -35.22 55.03 -23.60
CA VAL D 308 -35.66 56.38 -23.24
C VAL D 308 -34.59 57.38 -23.64
N PHE D 309 -35.03 58.52 -24.18
CA PHE D 309 -34.15 59.64 -24.45
C PHE D 309 -34.87 60.93 -24.10
N ILE D 310 -34.20 61.78 -23.32
CA ILE D 310 -34.77 63.04 -22.84
C ILE D 310 -33.71 64.13 -22.98
N PRO D 311 -33.78 65.01 -23.97
CA PRO D 311 -32.82 66.12 -24.00
C PRO D 311 -33.10 67.11 -22.88
N ALA D 312 -32.09 67.94 -22.60
CA ALA D 312 -32.17 68.87 -21.48
C ALA D 312 -33.30 69.87 -21.68
N GLY D 313 -34.03 70.13 -20.59
CA GLY D 313 -35.16 71.04 -20.60
C GLY D 313 -36.50 70.38 -20.87
N TRP D 314 -36.51 69.20 -21.50
CA TRP D 314 -37.77 68.54 -21.82
C TRP D 314 -38.52 68.12 -20.57
N ASP D 315 -37.80 67.57 -19.59
CA ASP D 315 -38.43 66.94 -18.44
C ASP D 315 -38.98 67.99 -17.47
N ASN D 316 -40.04 67.60 -16.77
CA ASN D 316 -40.66 68.43 -15.75
C ASN D 316 -41.45 67.52 -14.83
N GLU D 317 -41.71 67.99 -13.60
CA GLU D 317 -42.44 67.19 -12.62
C GLU D 317 -43.83 66.81 -13.16
N LYS D 318 -44.48 67.73 -13.86
CA LYS D 318 -45.74 67.41 -14.51
C LYS D 318 -45.57 66.31 -15.55
N LYS D 319 -44.50 66.40 -16.34
CA LYS D 319 -44.22 65.36 -17.33
C LYS D 319 -43.79 64.06 -16.68
N ILE D 320 -43.06 64.14 -15.56
CA ILE D 320 -42.68 62.93 -14.85
C ILE D 320 -43.88 62.26 -14.18
N ALA D 321 -44.95 63.02 -13.92
CA ALA D 321 -46.10 62.46 -13.23
C ALA D 321 -46.83 61.39 -14.04
N ILE D 322 -46.55 61.27 -15.34
CA ILE D 322 -47.23 60.27 -16.15
C ILE D 322 -46.85 58.86 -15.70
N LEU D 323 -45.58 58.66 -15.34
CA LEU D 323 -45.14 57.34 -14.90
C LEU D 323 -45.78 56.94 -13.58
N HIS D 324 -46.10 57.92 -12.73
CA HIS D 324 -46.71 57.62 -11.44
C HIS D 324 -48.11 57.05 -11.60
N GLU D 325 -48.76 57.30 -12.73
CA GLU D 325 -50.06 56.69 -12.99
C GLU D 325 -49.94 55.17 -13.07
N ASN D 326 -48.87 54.68 -13.72
CA ASN D 326 -48.67 53.24 -13.84
C ASN D 326 -48.43 52.56 -12.50
N PHE D 327 -48.00 53.31 -11.49
CA PHE D 327 -47.74 52.72 -10.19
C PHE D 327 -49.03 52.16 -9.59
N THR D 328 -48.95 50.93 -9.09
CA THR D 328 -50.07 50.28 -8.41
C THR D 328 -49.73 49.81 -7.00
N THR D 329 -48.45 49.75 -6.63
CA THR D 329 -48.01 49.34 -5.30
C THR D 329 -47.09 50.36 -4.64
N VAL D 330 -46.28 51.06 -5.42
CA VAL D 330 -45.31 52.01 -4.89
C VAL D 330 -45.82 53.43 -5.13
N LYS D 331 -45.17 54.40 -4.50
CA LYS D 331 -45.45 55.82 -4.65
C LYS D 331 -44.19 56.53 -5.13
N PRO D 332 -44.32 57.71 -5.75
CA PRO D 332 -43.11 58.44 -6.16
C PRO D 332 -42.18 58.79 -5.01
N GLU D 333 -42.73 59.06 -3.82
CA GLU D 333 -41.95 59.51 -2.67
C GLU D 333 -41.34 58.34 -1.88
N ASP D 334 -41.65 57.10 -2.23
CA ASP D 334 -41.08 55.96 -1.52
C ASP D 334 -39.57 55.88 -1.76
N ALA D 335 -38.86 55.37 -0.77
CA ALA D 335 -37.41 55.26 -0.87
C ALA D 335 -37.02 54.28 -1.97
N TYR D 336 -35.89 54.57 -2.62
CA TYR D 336 -35.38 53.68 -3.66
C TYR D 336 -35.11 52.29 -3.08
N GLU D 337 -34.41 52.24 -1.95
CA GLU D 337 -33.82 50.99 -1.48
C GLU D 337 -34.89 49.99 -1.04
N ASP D 338 -35.95 50.47 -0.39
CA ASP D 338 -36.98 49.57 0.12
C ASP D 338 -37.68 48.85 -1.03
N PHE D 339 -37.99 49.57 -2.11
CA PHE D 339 -38.69 48.96 -3.24
C PHE D 339 -37.75 48.11 -4.09
N ILE D 340 -36.70 48.74 -4.63
CA ILE D 340 -35.69 48.04 -5.41
C ILE D 340 -34.59 47.63 -4.45
N VAL D 341 -34.34 46.33 -4.37
CA VAL D 341 -33.48 45.75 -3.32
C VAL D 341 -32.13 45.38 -3.93
N LYS D 342 -31.06 45.70 -3.20
CA LYS D 342 -29.74 45.22 -3.57
C LYS D 342 -29.66 43.73 -3.24
N PRO D 343 -29.44 42.84 -4.21
CA PRO D 343 -29.44 41.41 -3.88
C PRO D 343 -28.31 41.06 -2.91
N PRO D 344 -28.55 40.15 -1.94
CA PRO D 344 -27.43 39.70 -1.10
C PRO D 344 -26.63 38.60 -1.77
N VAL D 345 -25.65 38.99 -2.60
CA VAL D 345 -24.86 38.03 -3.35
C VAL D 345 -24.19 37.05 -2.40
N ARG D 346 -24.31 35.76 -2.72
CA ARG D 346 -23.84 34.69 -1.84
C ARG D 346 -22.32 34.56 -1.95
N LYS D 347 -21.63 35.55 -1.40
CA LYS D 347 -20.18 35.52 -1.33
C LYS D 347 -19.73 34.37 -0.44
N LEU D 348 -18.59 33.77 -0.78
CA LEU D 348 -18.05 32.67 0.01
C LEU D 348 -17.63 33.21 1.37
N VAL D 349 -18.43 32.93 2.39
CA VAL D 349 -18.13 33.34 3.75
C VAL D 349 -17.09 32.37 4.30
N HIS D 350 -15.86 32.85 4.46
CA HIS D 350 -14.78 32.00 4.93
C HIS D 350 -15.08 31.49 6.33
N ASP D 351 -14.82 30.20 6.55
CA ASP D 351 -15.20 29.56 7.80
C ASP D 351 -14.40 30.11 8.97
N LYS D 352 -14.89 29.86 10.18
CA LYS D 352 -14.22 30.33 11.37
C LYS D 352 -12.84 29.68 11.50
N GLU D 353 -11.90 30.45 12.02
CA GLU D 353 -10.54 29.97 12.21
C GLU D 353 -10.53 28.92 13.33
N LEU D 354 -10.38 27.65 12.96
CA LEU D 354 -10.22 26.59 13.95
C LEU D 354 -8.77 26.60 14.43
N ALA D 355 -8.59 26.73 15.75
CA ALA D 355 -7.28 26.93 16.36
C ALA D 355 -7.02 25.82 17.36
N ALA D 356 -5.86 25.18 17.25
CA ALA D 356 -5.46 24.20 18.23
C ALA D 356 -5.19 24.87 19.57
N GLU D 357 -5.59 24.20 20.65
CA GLU D 357 -5.33 24.73 21.97
C GLU D 357 -3.83 24.76 22.24
N ASP D 358 -3.39 25.75 23.00
CA ASP D 358 -1.99 25.79 23.41
C ASP D 358 -1.67 24.59 24.28
N GLU D 359 -0.41 24.17 24.24
CA GLU D 359 -0.03 22.96 24.96
C GLU D 359 -0.23 23.12 26.45
N GLN D 360 0.04 24.32 26.99
CA GLN D 360 -0.06 24.51 28.42
C GLN D 360 -1.51 24.45 28.88
N VAL D 361 -2.42 25.16 28.19
CA VAL D 361 -3.82 25.13 28.60
C VAL D 361 -4.41 23.74 28.36
N PHE D 362 -4.00 23.08 27.28
CA PHE D 362 -4.48 21.74 27.01
C PHE D 362 -4.06 20.78 28.11
N LEU D 363 -2.80 20.85 28.52
CA LEU D 363 -2.33 19.95 29.57
C LEU D 363 -2.95 20.30 30.91
N MET D 364 -3.22 21.58 31.17
CA MET D 364 -3.95 21.94 32.39
C MET D 364 -5.35 21.33 32.38
N LYS D 365 -6.03 21.41 31.23
CA LYS D 365 -7.35 20.80 31.12
C LYS D 365 -7.28 19.30 31.33
N GLN D 366 -6.28 18.65 30.74
CA GLN D 366 -6.16 17.21 30.91
C GLN D 366 -5.83 16.84 32.34
N GLN D 367 -5.02 17.66 33.02
CA GLN D 367 -4.79 17.43 34.44
C GLN D 367 -6.07 17.54 35.24
N SER D 368 -6.89 18.55 34.93
CA SER D 368 -8.16 18.72 35.62
C SER D 368 -9.05 17.50 35.39
N LEU D 369 -9.07 16.99 34.17
CA LEU D 369 -9.86 15.79 33.88
C LEU D 369 -9.32 14.59 34.64
N LEU D 370 -8.00 14.46 34.71
CA LEU D 370 -7.39 13.27 35.30
C LEU D 370 -7.56 13.24 36.81
N ALA D 371 -7.32 14.37 37.48
CA ALA D 371 -7.39 14.42 38.93
C ALA D 371 -8.80 14.15 39.43
N LYS D 372 -9.81 14.74 38.78
CA LYS D 372 -11.19 14.60 39.23
C LYS D 372 -11.77 13.22 38.94
N GLN D 373 -11.08 12.38 38.16
CA GLN D 373 -11.57 11.04 37.86
C GLN D 373 -11.48 10.15 39.10
N GLU D 426 -44.76 10.45 9.51
CA GLU D 426 -44.94 9.90 10.84
C GLU D 426 -46.16 10.53 11.50
N GLY D 427 -46.12 11.85 11.68
CA GLY D 427 -47.27 12.55 12.22
C GLY D 427 -48.44 12.57 11.26
N VAL D 428 -48.16 12.78 9.97
CA VAL D 428 -49.23 12.84 8.98
C VAL D 428 -49.88 11.47 8.83
N LEU D 429 -49.09 10.40 8.96
CA LEU D 429 -49.67 9.06 8.92
C LEU D 429 -50.64 8.87 10.07
N ALA D 430 -50.26 9.29 11.28
CA ALA D 430 -51.16 9.19 12.42
C ALA D 430 -52.40 10.04 12.21
N SER D 431 -52.25 11.21 11.61
CA SER D 431 -53.41 12.06 11.33
C SER D 431 -54.37 11.35 10.37
N PHE D 432 -53.84 10.71 9.33
CA PHE D 432 -54.69 9.97 8.40
C PHE D 432 -55.41 8.82 9.10
N PHE D 433 -54.69 8.10 9.96
CA PHE D 433 -55.30 6.92 10.58
C PHE D 433 -56.26 7.31 11.69
N ASN D 434 -56.14 8.53 12.22
CA ASN D 434 -57.19 9.07 13.09
C ASN D 434 -58.39 9.53 12.27
N SER D 435 -58.14 10.11 11.10
CA SER D 435 -59.23 10.53 10.23
C SER D 435 -60.09 9.36 9.81
N LEU D 436 -59.46 8.23 9.49
CA LEU D 436 -60.19 7.03 9.12
C LEU D 436 -60.62 6.19 10.34
N LEU D 437 -60.43 6.72 11.55
CA LEU D 437 -60.94 6.12 12.77
C LEU D 437 -62.13 6.88 13.33
N SER D 438 -62.18 8.19 13.14
CA SER D 438 -63.31 8.97 13.62
C SER D 438 -64.61 8.55 12.94
N LYS D 439 -64.56 8.32 11.63
CA LYS D 439 -65.73 7.92 10.87
C LYS D 439 -66.05 6.45 11.10
N VAL E 259 -0.10 -69.82 33.60
CA VAL E 259 -1.12 -68.94 33.04
C VAL E 259 -1.26 -67.65 33.84
N THR E 260 -1.22 -67.74 35.18
CA THR E 260 -1.41 -66.54 36.01
C THR E 260 -0.29 -65.54 35.80
N LYS E 261 0.95 -66.02 35.65
CA LYS E 261 2.10 -65.15 35.50
C LYS E 261 2.25 -64.57 34.09
N LEU E 262 1.32 -64.85 33.18
CA LEU E 262 1.42 -64.36 31.81
C LEU E 262 1.42 -62.83 31.80
N ASP E 263 2.35 -62.26 31.04
CA ASP E 263 2.46 -60.82 30.90
C ASP E 263 3.03 -60.51 29.53
N ARG E 264 2.58 -59.38 28.95
CA ARG E 264 2.96 -58.97 27.61
C ARG E 264 3.55 -57.57 27.65
N ASP E 265 4.62 -57.38 26.90
CA ASP E 265 5.19 -56.05 26.71
C ASP E 265 4.27 -55.25 25.81
N PRO E 266 3.77 -54.08 26.22
CA PRO E 266 2.79 -53.38 25.37
C PRO E 266 3.42 -52.62 24.22
N ALA E 267 4.74 -52.38 24.26
CA ALA E 267 5.39 -51.62 23.19
C ALA E 267 5.28 -52.36 21.85
N SER E 268 5.47 -53.67 21.87
CA SER E 268 5.37 -54.48 20.66
C SER E 268 3.92 -54.85 20.42
N GLY E 269 3.47 -54.71 19.17
CA GLY E 269 2.14 -55.10 18.77
C GLY E 269 1.15 -53.95 18.84
N THR E 270 0.00 -54.17 18.21
CA THR E 270 -1.03 -53.16 18.10
C THR E 270 -1.92 -53.16 19.34
N ALA E 271 -2.94 -52.29 19.33
CA ALA E 271 -3.85 -52.18 20.46
C ALA E 271 -4.84 -53.32 20.49
N LEU E 272 -5.28 -53.78 19.31
CA LEU E 272 -6.21 -54.91 19.26
C LEU E 272 -5.60 -56.15 19.91
N GLN E 273 -4.29 -56.35 19.70
CA GLN E 273 -3.63 -57.47 20.33
C GLN E 273 -3.65 -57.36 21.86
N GLU E 274 -3.41 -56.15 22.39
CA GLU E 274 -3.44 -55.96 23.83
C GLU E 274 -4.83 -56.25 24.40
N ILE E 275 -5.86 -55.71 23.75
CA ILE E 275 -7.22 -55.88 24.28
C ILE E 275 -7.65 -57.33 24.20
N SER E 276 -7.32 -58.00 23.09
CA SER E 276 -7.64 -59.42 22.96
C SER E 276 -6.90 -60.24 24.02
N PHE E 277 -5.63 -59.90 24.27
CA PHE E 277 -4.87 -60.62 25.27
C PHE E 277 -5.51 -60.47 26.64
N TRP E 278 -5.89 -59.25 27.00
CA TRP E 278 -6.44 -59.05 28.34
C TRP E 278 -7.81 -59.72 28.48
N LEU E 279 -8.66 -59.63 27.45
CA LEU E 279 -9.94 -60.31 27.49
C LEU E 279 -9.76 -61.82 27.65
N ASN E 280 -8.86 -62.40 26.84
CA ASN E 280 -8.66 -63.83 26.88
C ASN E 280 -8.07 -64.26 28.22
N LEU E 281 -7.18 -63.43 28.78
CA LEU E 281 -6.58 -63.74 30.11
C LEU E 281 -7.69 -63.65 31.17
N GLU E 282 -8.60 -62.69 31.02
CA GLU E 282 -9.73 -62.53 31.98
C GLU E 282 -10.60 -63.78 31.94
N ARG E 283 -10.79 -64.37 30.75
CA ARG E 283 -11.72 -65.52 30.64
C ARG E 283 -11.00 -66.80 31.06
N ALA E 284 -9.70 -66.92 30.74
CA ALA E 284 -8.95 -68.09 31.19
C ALA E 284 -8.89 -68.14 32.71
N LEU E 285 -8.69 -66.98 33.35
CA LEU E 285 -8.63 -66.96 34.80
C LEU E 285 -9.97 -67.32 35.41
N TYR E 286 -11.06 -66.85 34.81
CA TYR E 286 -12.38 -67.24 35.30
C TYR E 286 -12.61 -68.74 35.14
N ARG E 287 -12.17 -69.31 34.00
CA ARG E 287 -12.30 -70.75 33.81
C ARG E 287 -11.48 -71.53 34.84
N ILE E 288 -10.27 -71.08 35.12
CA ILE E 288 -9.43 -71.77 36.09
C ILE E 288 -10.03 -71.67 37.48
N GLN E 289 -10.59 -70.51 37.83
CA GLN E 289 -11.26 -70.36 39.12
C GLN E 289 -12.47 -71.28 39.22
N GLU E 290 -13.22 -71.40 38.12
CA GLU E 290 -14.37 -72.32 38.12
C GLU E 290 -13.91 -73.76 38.31
N LYS E 291 -12.81 -74.14 37.68
CA LYS E 291 -12.25 -75.47 37.88
C LYS E 291 -11.82 -75.67 39.33
N ARG E 292 -11.21 -74.65 39.92
CA ARG E 292 -10.74 -74.76 41.30
C ARG E 292 -11.90 -74.94 42.27
N LEU E 322 -3.48 -67.21 41.73
CA LEU E 322 -4.72 -67.10 40.96
C LEU E 322 -5.56 -65.93 41.44
N LYS E 323 -5.67 -65.76 42.76
CA LYS E 323 -6.51 -64.70 43.31
C LYS E 323 -5.98 -63.31 42.92
N GLN E 324 -4.66 -63.14 42.99
CA GLN E 324 -4.09 -61.82 42.73
C GLN E 324 -4.28 -61.43 41.27
N ALA E 325 -3.97 -62.35 40.35
CA ALA E 325 -4.21 -62.07 38.95
C ALA E 325 -5.69 -61.92 38.65
N LEU E 326 -6.55 -62.60 39.41
CA LEU E 326 -7.99 -62.44 39.22
C LEU E 326 -8.42 -61.02 39.52
N GLU E 327 -7.99 -60.48 40.66
CA GLU E 327 -8.30 -59.08 40.95
C GLU E 327 -7.63 -58.16 39.95
N THR E 328 -6.50 -58.57 39.37
CA THR E 328 -5.78 -57.65 38.45
C THR E 328 -6.55 -57.57 37.11
N VAL E 329 -7.03 -58.71 36.61
CA VAL E 329 -7.83 -58.73 35.35
C VAL E 329 -9.17 -58.03 35.57
N ASN E 330 -9.79 -58.21 36.74
CA ASN E 330 -11.13 -57.63 37.01
C ASN E 330 -11.05 -56.10 36.93
N ASP E 331 -9.97 -55.51 37.46
CA ASP E 331 -9.78 -54.04 37.41
C ASP E 331 -9.69 -53.61 35.94
N TYR E 332 -9.04 -54.40 35.10
CA TYR E 332 -8.80 -53.97 33.69
C TYR E 332 -9.94 -54.41 32.77
N ASN E 333 -10.89 -55.19 33.28
CA ASN E 333 -11.95 -55.77 32.40
C ASN E 333 -12.83 -54.71 31.70
N PRO E 334 -13.36 -53.63 32.32
CA PRO E 334 -14.26 -52.69 31.62
C PRO E 334 -13.75 -52.21 30.24
N LEU E 335 -12.46 -51.91 30.14
CA LEU E 335 -11.89 -51.36 28.88
C LEU E 335 -11.81 -52.49 27.83
N MET E 336 -11.35 -53.67 28.24
CA MET E 336 -11.23 -54.84 27.33
C MET E 336 -12.63 -55.32 26.91
N LYS E 337 -13.60 -55.29 27.82
CA LYS E 337 -14.94 -55.85 27.53
C LYS E 337 -15.59 -55.14 26.33
N ASP E 338 -15.47 -53.81 26.24
CA ASP E 338 -16.18 -53.11 25.14
C ASP E 338 -15.29 -51.99 24.57
N PHE E 339 -14.15 -52.33 24.00
CA PHE E 339 -13.27 -51.31 23.36
C PHE E 339 -13.63 -51.18 21.88
N PRO E 340 -14.02 -49.99 21.38
CA PRO E 340 -14.44 -49.84 19.99
C PRO E 340 -13.28 -49.58 19.03
N LEU E 341 -12.39 -50.57 18.84
CA LEU E 341 -11.31 -50.41 17.83
C LEU E 341 -11.85 -50.92 16.48
N ASN E 342 -12.98 -51.64 16.52
CA ASN E 342 -13.55 -52.21 15.28
C ASN E 342 -13.97 -51.08 14.33
N ASP E 343 -14.59 -50.02 14.86
CA ASP E 343 -15.10 -48.92 14.00
C ASP E 343 -13.90 -48.24 13.33
N LEU E 344 -12.74 -48.23 13.99
CA LEU E 344 -11.55 -47.60 13.43
C LEU E 344 -10.92 -48.49 12.37
N LEU E 345 -10.70 -49.76 12.70
CA LEU E 345 -10.06 -50.67 11.76
C LEU E 345 -10.96 -50.94 10.56
N SER E 346 -12.28 -50.87 10.75
CA SER E 346 -13.23 -50.97 9.65
C SER E 346 -13.52 -49.65 8.98
N ALA E 347 -12.93 -48.55 9.45
CA ALA E 347 -13.18 -47.24 8.86
C ALA E 347 -12.52 -47.13 7.50
N THR E 348 -13.25 -46.56 6.54
CA THR E 348 -12.78 -46.33 5.18
C THR E 348 -12.69 -44.86 4.82
N GLU E 349 -13.60 -44.04 5.33
CA GLU E 349 -13.68 -42.62 5.01
C GLU E 349 -13.13 -41.81 6.17
N LEU E 350 -12.51 -40.67 5.85
CA LEU E 350 -11.68 -39.96 6.81
C LEU E 350 -12.50 -39.39 7.96
N ASP E 351 -13.65 -38.79 7.67
CA ASP E 351 -14.50 -38.33 8.76
C ASP E 351 -15.02 -39.50 9.59
N LYS E 352 -15.19 -40.67 8.98
CA LYS E 352 -15.47 -41.86 9.76
C LYS E 352 -14.29 -42.24 10.64
N ILE E 353 -13.06 -42.03 10.15
CA ILE E 353 -11.89 -42.24 11.01
C ILE E 353 -11.93 -41.29 12.20
N ARG E 354 -12.36 -40.04 11.96
CA ARG E 354 -12.50 -39.09 13.05
C ARG E 354 -13.54 -39.56 14.06
N GLN E 355 -14.68 -40.05 13.57
CA GLN E 355 -15.72 -40.56 14.46
C GLN E 355 -15.20 -41.74 15.27
N ALA E 356 -14.46 -42.64 14.63
CA ALA E 356 -13.89 -43.79 15.33
C ALA E 356 -12.90 -43.33 16.40
N LEU E 357 -12.07 -42.34 16.07
CA LEU E 357 -11.09 -41.85 17.03
C LEU E 357 -11.75 -41.23 18.25
N VAL E 358 -12.81 -40.44 18.03
CA VAL E 358 -13.49 -39.86 19.18
C VAL E 358 -14.21 -40.94 19.99
N ALA E 359 -14.75 -41.96 19.34
CA ALA E 359 -15.32 -43.07 20.10
C ALA E 359 -14.25 -43.72 20.98
N ILE E 360 -13.06 -43.95 20.41
CA ILE E 360 -11.97 -44.56 21.16
C ILE E 360 -11.58 -43.71 22.35
N PHE E 361 -11.48 -42.40 22.15
CA PHE E 361 -10.99 -41.53 23.23
C PHE E 361 -12.03 -41.34 24.31
N THR E 362 -13.30 -41.13 23.94
CA THR E 362 -14.33 -41.02 24.96
C THR E 362 -14.51 -42.34 25.70
N HIS E 363 -14.12 -43.47 25.10
CA HIS E 363 -13.98 -44.67 25.90
C HIS E 363 -12.78 -44.57 26.83
N LEU E 364 -11.62 -44.18 26.28
CA LEU E 364 -10.37 -44.22 27.04
C LEU E 364 -10.38 -43.30 28.24
N ARG E 365 -11.32 -42.36 28.31
CA ARG E 365 -11.48 -41.60 29.54
C ARG E 365 -11.93 -42.47 30.72
N LYS E 366 -12.37 -43.71 30.48
CA LYS E 366 -12.80 -44.58 31.56
C LYS E 366 -11.67 -45.04 32.47
N ILE E 367 -10.40 -44.78 32.12
CA ILE E 367 -9.26 -45.31 32.87
C ILE E 367 -9.28 -44.92 34.35
N ARG E 368 -10.05 -43.91 34.75
CA ARG E 368 -10.01 -43.50 36.16
C ARG E 368 -10.58 -44.55 37.10
N ASN E 369 -11.38 -45.50 36.61
CA ASN E 369 -12.03 -46.46 37.51
C ASN E 369 -11.15 -47.67 37.81
N THR E 370 -9.96 -47.76 37.24
CA THR E 370 -9.12 -48.95 37.30
C THR E 370 -7.75 -48.60 37.84
N LYS E 371 -7.02 -49.65 38.26
CA LYS E 371 -5.66 -49.53 38.75
C LYS E 371 -4.65 -49.84 37.66
N TYR E 372 -4.99 -49.49 36.43
CA TYR E 372 -4.17 -49.83 35.28
C TYR E 372 -2.85 -49.07 35.30
N PRO E 373 -1.75 -49.68 34.86
CA PRO E 373 -0.47 -48.93 34.82
C PRO E 373 -0.55 -47.81 33.80
N ILE E 374 -0.23 -46.60 34.25
CA ILE E 374 -0.32 -45.44 33.37
C ILE E 374 0.68 -45.56 32.23
N GLN E 375 1.86 -46.13 32.49
CA GLN E 375 2.81 -46.35 31.42
C GLN E 375 2.26 -47.32 30.38
N ARG E 376 1.59 -48.38 30.84
CA ARG E 376 0.93 -49.30 29.91
C ARG E 376 -0.17 -48.59 29.14
N ALA E 377 -0.87 -47.66 29.79
CA ALA E 377 -1.88 -46.88 29.08
C ALA E 377 -1.25 -46.01 28.00
N LEU E 378 -0.10 -45.41 28.31
CA LEU E 378 0.60 -44.60 27.30
C LEU E 378 1.05 -45.47 26.14
N ARG E 379 1.53 -46.68 26.43
CA ARG E 379 1.90 -47.59 25.34
C ARG E 379 0.67 -47.99 24.53
N LEU E 380 -0.49 -48.13 25.19
CA LEU E 380 -1.72 -48.41 24.48
C LEU E 380 -2.09 -47.25 23.57
N VAL E 381 -1.89 -46.02 24.04
CA VAL E 381 -2.14 -44.86 23.20
C VAL E 381 -1.18 -44.85 22.01
N GLU E 382 0.07 -45.25 22.24
CA GLU E 382 1.01 -45.39 21.13
C GLU E 382 0.50 -46.41 20.11
N ALA E 383 0.01 -47.55 20.59
CA ALA E 383 -0.50 -48.56 19.67
C ALA E 383 -1.73 -48.06 18.91
N ILE E 384 -2.58 -47.30 19.59
CA ILE E 384 -3.75 -46.73 18.92
C ILE E 384 -3.31 -45.74 17.86
N SER E 385 -2.26 -44.96 18.14
CA SER E 385 -1.72 -44.05 17.15
C SER E 385 -1.17 -44.82 15.95
N ARG E 386 -0.51 -45.95 16.20
CA ARG E 386 -0.01 -46.77 15.11
C ARG E 386 -1.15 -47.32 14.27
N ASP E 387 -2.24 -47.74 14.93
CA ASP E 387 -3.42 -48.19 14.20
C ASP E 387 -3.99 -47.07 13.34
N LEU E 388 -4.05 -45.87 13.90
CA LEU E 388 -4.53 -44.71 13.13
C LEU E 388 -3.64 -44.45 11.93
N SER E 389 -2.32 -44.55 12.12
CA SER E 389 -1.39 -44.32 11.02
C SER E 389 -1.59 -45.36 9.92
N SER E 390 -1.74 -46.63 10.30
CA SER E 390 -1.96 -47.66 9.30
C SER E 390 -3.27 -47.44 8.55
N GLN E 391 -4.33 -47.08 9.28
CA GLN E 391 -5.62 -46.84 8.64
C GLN E 391 -5.55 -45.67 7.68
N LEU E 392 -4.89 -44.57 8.10
CA LEU E 392 -4.76 -43.41 7.22
C LEU E 392 -3.95 -43.76 5.98
N LEU E 393 -2.86 -44.51 6.16
CA LEU E 393 -2.04 -44.91 5.02
C LEU E 393 -2.88 -45.73 4.04
N LYS E 394 -3.64 -46.69 4.54
CA LYS E 394 -4.43 -47.54 3.66
C LYS E 394 -5.49 -46.71 2.93
N VAL E 395 -6.20 -45.84 3.66
CA VAL E 395 -7.28 -45.07 3.06
C VAL E 395 -6.75 -44.14 1.98
N LEU E 396 -5.66 -43.43 2.27
CA LEU E 396 -5.13 -42.49 1.29
C LEU E 396 -4.40 -43.19 0.15
N GLY E 397 -3.82 -44.36 0.39
CA GLY E 397 -3.25 -45.13 -0.70
C GLY E 397 -4.31 -45.63 -1.66
N THR E 398 -5.47 -46.01 -1.12
CA THR E 398 -6.59 -46.38 -2.00
C THR E 398 -6.97 -45.22 -2.89
N ARG E 399 -7.02 -44.01 -2.33
CA ARG E 399 -7.14 -42.81 -3.14
C ARG E 399 -5.84 -42.57 -3.91
N LYS E 400 -5.94 -41.75 -4.94
CA LYS E 400 -4.79 -41.33 -5.74
C LYS E 400 -4.51 -39.87 -5.43
N LEU E 401 -3.72 -39.64 -4.38
CA LEU E 401 -3.50 -38.29 -3.88
C LEU E 401 -2.79 -37.42 -4.90
N MET E 402 -1.70 -37.92 -5.47
CA MET E 402 -0.95 -37.11 -6.43
C MET E 402 -1.64 -37.00 -7.78
N HIS E 403 -2.60 -37.88 -8.07
CA HIS E 403 -3.29 -37.87 -9.35
C HIS E 403 -4.57 -37.03 -9.32
N VAL E 404 -5.19 -36.84 -8.15
CA VAL E 404 -6.45 -36.09 -8.11
C VAL E 404 -6.19 -34.63 -8.43
N ALA E 405 -7.25 -33.95 -8.85
CA ALA E 405 -7.17 -32.51 -9.08
C ALA E 405 -6.89 -31.80 -7.77
N TYR E 406 -6.45 -30.54 -7.89
CA TYR E 406 -5.97 -29.82 -6.71
C TYR E 406 -7.09 -29.58 -5.70
N GLU E 407 -8.29 -29.24 -6.17
CA GLU E 407 -9.39 -28.99 -5.23
C GLU E 407 -9.73 -30.26 -4.45
N GLU E 408 -9.80 -31.40 -5.13
CA GLU E 408 -10.08 -32.66 -4.43
C GLU E 408 -8.95 -32.99 -3.47
N PHE E 409 -7.70 -32.74 -3.88
CA PHE E 409 -6.59 -32.95 -2.98
C PHE E 409 -6.71 -32.07 -1.74
N GLU E 410 -7.13 -30.82 -1.91
CA GLU E 410 -7.32 -29.94 -0.77
C GLU E 410 -8.41 -30.45 0.15
N LYS E 411 -9.50 -30.98 -0.42
CA LYS E 411 -10.57 -31.53 0.40
C LYS E 411 -10.05 -32.70 1.24
N VAL E 412 -9.29 -33.59 0.61
CA VAL E 412 -8.73 -34.72 1.34
C VAL E 412 -7.76 -34.25 2.42
N MET E 413 -6.96 -33.24 2.10
CA MET E 413 -5.98 -32.73 3.05
C MET E 413 -6.68 -32.12 4.26
N VAL E 414 -7.73 -31.34 4.04
CA VAL E 414 -8.40 -30.72 5.18
C VAL E 414 -9.10 -31.77 6.02
N ALA E 415 -9.64 -32.83 5.39
CA ALA E 415 -10.19 -33.93 6.18
C ALA E 415 -9.11 -34.57 7.05
N CYS E 416 -7.93 -34.82 6.48
CA CYS E 416 -6.85 -35.44 7.24
C CYS E 416 -6.38 -34.54 8.37
N PHE E 417 -6.29 -33.24 8.12
CA PHE E 417 -5.85 -32.33 9.17
C PHE E 417 -6.91 -32.16 10.23
N GLU E 418 -8.20 -32.29 9.87
CA GLU E 418 -9.23 -32.38 10.89
C GLU E 418 -9.01 -33.60 11.77
N VAL E 419 -8.65 -34.73 11.16
CA VAL E 419 -8.37 -35.94 11.94
C VAL E 419 -7.21 -35.70 12.90
N PHE E 420 -6.14 -35.09 12.41
CA PHE E 420 -4.98 -34.85 13.28
C PHE E 420 -5.30 -33.86 14.38
N GLN E 421 -6.04 -32.80 14.06
CA GLN E 421 -6.41 -31.83 15.08
C GLN E 421 -7.28 -32.46 16.15
N THR E 422 -8.18 -33.37 15.74
CA THR E 422 -8.99 -34.09 16.72
C THR E 422 -8.11 -34.95 17.61
N TRP E 423 -7.11 -35.63 17.01
CA TRP E 423 -6.18 -36.39 17.83
C TRP E 423 -5.52 -35.50 18.86
N ASP E 424 -5.05 -34.32 18.43
CA ASP E 424 -4.34 -33.44 19.34
C ASP E 424 -5.24 -32.98 20.49
N ASP E 425 -6.43 -32.48 20.17
CA ASP E 425 -7.31 -31.95 21.22
C ASP E 425 -7.74 -33.06 22.17
N GLU E 426 -8.16 -34.20 21.64
CA GLU E 426 -8.65 -35.27 22.50
C GLU E 426 -7.53 -35.90 23.30
N TYR E 427 -6.33 -36.01 22.74
CA TYR E 427 -5.19 -36.47 23.50
C TYR E 427 -4.85 -35.47 24.61
N GLU E 428 -5.03 -34.18 24.36
CA GLU E 428 -4.81 -33.20 25.42
C GLU E 428 -5.81 -33.41 26.56
N LYS E 429 -7.08 -33.61 26.23
CA LYS E 429 -8.08 -33.84 27.27
C LYS E 429 -7.75 -35.11 28.06
N LEU E 430 -7.39 -36.18 27.36
CA LEU E 430 -7.01 -37.41 28.05
C LEU E 430 -5.78 -37.17 28.92
N GLN E 431 -4.81 -36.41 28.42
CA GLN E 431 -3.60 -36.14 29.20
C GLN E 431 -3.95 -35.42 30.49
N VAL E 432 -4.90 -34.49 30.43
CA VAL E 432 -5.37 -33.84 31.66
C VAL E 432 -5.91 -34.89 32.62
N LEU E 433 -6.72 -35.82 32.09
CA LEU E 433 -7.33 -36.82 32.96
C LEU E 433 -6.28 -37.73 33.60
N LEU E 434 -5.36 -38.26 32.79
CA LEU E 434 -4.32 -39.14 33.32
C LEU E 434 -3.38 -38.41 34.27
N ARG E 435 -3.11 -37.12 34.02
CA ARG E 435 -2.33 -36.36 34.99
C ARG E 435 -3.06 -36.25 36.32
N ASP E 436 -4.37 -36.03 36.27
CA ASP E 436 -5.15 -36.01 37.51
C ASP E 436 -5.07 -37.36 38.22
N ILE E 437 -5.15 -38.45 37.47
CA ILE E 437 -5.06 -39.77 38.08
C ILE E 437 -3.69 -39.97 38.72
N VAL E 438 -2.62 -39.61 38.01
CA VAL E 438 -1.27 -39.78 38.53
C VAL E 438 -1.09 -38.95 39.80
N LYS E 439 -1.70 -37.76 39.84
CA LYS E 439 -1.73 -37.00 41.07
C LYS E 439 -2.42 -37.77 42.18
N ARG E 440 -3.57 -38.37 41.86
CA ARG E 440 -4.32 -39.11 42.89
C ARG E 440 -3.59 -40.37 43.32
N LYS E 441 -3.08 -41.14 42.36
CA LYS E 441 -2.43 -42.43 42.62
C LYS E 441 -0.91 -42.32 42.51
N ARG E 442 -0.32 -41.23 43.00
CA ARG E 442 1.11 -41.00 42.83
C ARG E 442 1.94 -42.10 43.49
N GLU E 443 1.49 -42.59 44.65
CA GLU E 443 2.25 -43.61 45.37
C GLU E 443 2.34 -44.93 44.60
N GLU E 444 1.43 -45.17 43.65
CA GLU E 444 1.38 -46.45 42.96
C GLU E 444 2.32 -46.54 41.76
N ASN E 445 2.94 -45.44 41.35
CA ASN E 445 3.83 -45.44 40.18
C ASN E 445 5.01 -44.53 40.47
N LEU E 446 6.21 -45.12 40.57
CA LEU E 446 7.41 -44.36 40.86
C LEU E 446 7.94 -43.63 39.64
N LYS E 447 7.56 -44.05 38.43
CA LYS E 447 8.13 -43.52 37.20
C LYS E 447 7.31 -42.35 36.71
N MET E 448 7.97 -41.20 36.50
CA MET E 448 7.32 -39.98 36.07
C MET E 448 7.51 -39.70 34.58
N VAL E 449 7.98 -40.67 33.80
CA VAL E 449 8.14 -40.46 32.37
C VAL E 449 6.78 -40.23 31.75
N TRP E 450 6.68 -39.21 30.90
CA TRP E 450 5.42 -38.73 30.37
C TRP E 450 5.48 -38.44 28.88
N ARG E 451 6.62 -38.67 28.24
CA ARG E 451 6.81 -38.34 26.83
C ARG E 451 6.43 -39.55 25.97
N ILE E 452 5.52 -39.32 25.03
CA ILE E 452 5.12 -40.32 24.05
C ILE E 452 5.17 -39.66 22.67
N ASN E 453 5.70 -40.39 21.69
CA ASN E 453 5.77 -39.91 20.31
C ASN E 453 4.77 -40.71 19.47
N PRO E 454 3.60 -40.14 19.12
CA PRO E 454 2.66 -40.91 18.31
C PRO E 454 3.24 -41.30 16.97
N ALA E 455 2.88 -42.50 16.50
CA ALA E 455 3.46 -43.03 15.29
C ALA E 455 3.08 -42.19 14.07
N HIS E 456 1.87 -41.63 14.07
CA HIS E 456 1.37 -40.91 12.90
C HIS E 456 1.96 -39.52 12.73
N ARG E 457 2.69 -39.01 13.72
CA ARG E 457 3.29 -37.69 13.57
C ARG E 457 4.27 -37.68 12.41
N LYS E 458 5.06 -38.75 12.28
CA LYS E 458 5.92 -38.92 11.12
C LYS E 458 5.12 -38.87 9.82
N LEU E 459 3.89 -39.38 9.84
CA LEU E 459 3.02 -39.20 8.69
C LEU E 459 2.46 -37.79 8.63
N GLN E 460 2.10 -37.22 9.79
CA GLN E 460 1.45 -35.92 9.81
C GLN E 460 2.34 -34.85 9.20
N ALA E 461 3.63 -34.85 9.53
CA ALA E 461 4.54 -33.95 8.85
C ALA E 461 4.61 -34.29 7.37
N ARG E 462 4.76 -35.59 7.05
CA ARG E 462 4.91 -36.00 5.66
C ARG E 462 3.71 -35.60 4.83
N LEU E 463 2.51 -35.83 5.38
CA LEU E 463 1.31 -35.43 4.66
C LEU E 463 1.29 -33.93 4.43
N ASP E 464 1.71 -33.15 5.45
CA ASP E 464 1.77 -31.70 5.28
C ASP E 464 2.67 -31.33 4.13
N GLN E 465 3.73 -32.10 3.89
CA GLN E 465 4.64 -31.75 2.82
C GLN E 465 3.97 -31.83 1.46
N MET E 466 2.98 -32.72 1.29
CA MET E 466 2.23 -32.66 0.04
C MET E 466 1.33 -31.43 0.02
N ARG E 467 0.70 -31.11 1.15
CA ARG E 467 -0.20 -29.97 1.19
C ARG E 467 0.53 -28.68 0.88
N LYS E 468 1.73 -28.51 1.43
CA LYS E 468 2.54 -27.35 1.07
C LYS E 468 3.06 -27.48 -0.36
N PHE E 469 3.31 -28.70 -0.83
CA PHE E 469 3.96 -28.86 -2.12
C PHE E 469 3.03 -28.53 -3.27
N ARG E 470 1.92 -29.26 -3.38
CA ARG E 470 1.03 -29.11 -4.53
C ARG E 470 0.52 -27.69 -4.66
N ARG E 471 0.25 -27.03 -3.53
CA ARG E 471 -0.10 -25.62 -3.55
C ARG E 471 0.96 -24.81 -4.26
N GLN E 472 2.22 -24.95 -3.82
CA GLN E 472 3.32 -24.24 -4.46
C GLN E 472 3.46 -24.63 -5.92
N HIS E 473 2.99 -25.81 -6.30
CA HIS E 473 2.96 -26.15 -7.71
C HIS E 473 1.76 -25.51 -8.40
N GLU E 474 0.58 -25.66 -7.80
CA GLU E 474 -0.63 -25.19 -8.47
C GLU E 474 -0.60 -23.68 -8.66
N GLN E 475 -0.23 -22.95 -7.60
CA GLN E 475 -0.08 -21.51 -7.70
C GLN E 475 0.90 -21.13 -8.80
N LEU E 476 1.90 -21.96 -9.05
CA LEU E 476 2.74 -21.76 -10.23
C LEU E 476 2.00 -22.19 -11.49
N ARG E 477 1.51 -23.43 -11.51
CA ARG E 477 1.10 -24.05 -12.76
C ARG E 477 0.00 -23.28 -13.45
N ALA E 478 -1.07 -22.96 -12.71
CA ALA E 478 -2.17 -22.19 -13.29
C ALA E 478 -1.68 -20.86 -13.83
N VAL E 479 -0.75 -20.21 -13.12
CA VAL E 479 -0.21 -18.94 -13.60
C VAL E 479 0.51 -19.15 -14.92
N ILE E 480 1.30 -20.23 -15.02
CA ILE E 480 1.98 -20.48 -16.29
C ILE E 480 1.00 -20.89 -17.37
N VAL E 481 -0.22 -21.31 -17.01
CA VAL E 481 -1.25 -21.53 -18.01
C VAL E 481 -1.90 -20.23 -18.47
N ARG E 482 -1.85 -19.18 -17.64
CA ARG E 482 -2.50 -17.91 -17.95
C ARG E 482 -1.55 -16.95 -18.66
N VAL E 483 -0.47 -16.57 -17.99
CA VAL E 483 0.38 -15.50 -18.51
C VAL E 483 1.16 -15.97 -19.75
N LEU E 484 1.65 -17.21 -19.74
CA LEU E 484 2.32 -17.76 -20.91
C LEU E 484 1.36 -18.29 -21.96
N ARG E 485 0.06 -18.06 -21.80
CA ARG E 485 -0.94 -18.49 -22.78
C ARG E 485 -0.64 -17.88 -24.16
N ASP E 513 5.97 -18.09 -28.71
CA ASP E 513 7.33 -18.24 -28.26
C ASP E 513 7.61 -19.69 -27.85
N ALA E 514 8.75 -20.23 -28.32
CA ALA E 514 9.12 -21.59 -27.92
C ALA E 514 9.38 -21.68 -26.42
N ALA E 515 9.82 -20.59 -25.81
CA ALA E 515 10.10 -20.60 -24.38
C ALA E 515 8.83 -20.86 -23.57
N ASP E 516 7.68 -20.41 -24.04
CA ASP E 516 6.43 -20.63 -23.29
C ASP E 516 6.11 -22.12 -23.20
N ALA E 517 6.08 -22.80 -24.34
CA ALA E 517 5.79 -24.23 -24.34
C ALA E 517 6.89 -25.00 -23.62
N ASN E 518 8.14 -24.56 -23.77
CA ASN E 518 9.24 -25.22 -23.07
C ASN E 518 9.07 -25.12 -21.56
N ALA E 519 8.67 -23.94 -21.06
CA ALA E 519 8.44 -23.78 -19.63
C ALA E 519 7.27 -24.64 -19.17
N ILE E 520 6.20 -24.69 -19.97
CA ILE E 520 5.02 -25.47 -19.58
C ILE E 520 5.38 -26.95 -19.48
N GLU E 521 6.05 -27.47 -20.50
CA GLU E 521 6.41 -28.89 -20.50
C GLU E 521 7.46 -29.18 -19.44
N GLU E 522 8.35 -28.23 -19.14
CA GLU E 522 9.33 -28.43 -18.09
C GLU E 522 8.66 -28.54 -16.74
N VAL E 523 7.68 -27.68 -16.46
CA VAL E 523 6.95 -27.74 -15.20
C VAL E 523 6.20 -29.06 -15.11
N ASN E 524 5.55 -29.48 -16.20
CA ASN E 524 4.82 -30.74 -16.18
C ASN E 524 5.75 -31.92 -15.94
N LEU E 525 6.92 -31.91 -16.58
CA LEU E 525 7.89 -32.99 -16.36
C LEU E 525 8.38 -33.02 -14.93
N ALA E 526 8.63 -31.84 -14.34
CA ALA E 526 9.06 -31.80 -12.95
C ALA E 526 8.00 -32.37 -12.03
N TYR E 527 6.74 -32.01 -12.27
CA TYR E 527 5.68 -32.53 -11.41
C TYR E 527 5.54 -34.03 -11.57
N GLU E 528 5.65 -34.53 -12.80
CA GLU E 528 5.59 -35.98 -13.00
C GLU E 528 6.72 -36.68 -12.28
N ASN E 529 7.93 -36.12 -12.35
CA ASN E 529 9.07 -36.73 -11.69
C ASN E 529 8.88 -36.81 -10.19
N VAL E 530 8.37 -35.74 -9.57
CA VAL E 530 8.08 -35.83 -8.14
C VAL E 530 6.94 -36.81 -7.90
N LYS E 531 5.97 -36.86 -8.80
CA LYS E 531 4.82 -37.74 -8.66
C LYS E 531 5.20 -39.21 -8.71
N GLU E 532 6.33 -39.55 -9.33
CA GLU E 532 6.73 -40.95 -9.39
C GLU E 532 7.00 -41.52 -8.00
N VAL E 533 7.64 -40.75 -7.12
CA VAL E 533 7.97 -41.25 -5.80
C VAL E 533 6.70 -41.53 -5.00
N ASP E 534 6.69 -42.64 -4.28
CA ASP E 534 5.56 -43.01 -3.43
C ASP E 534 5.52 -42.04 -2.25
N GLY E 535 4.64 -41.05 -2.33
CA GLY E 535 4.59 -40.03 -1.31
C GLY E 535 4.21 -40.57 0.06
N LEU E 536 3.24 -41.48 0.10
CA LEU E 536 2.76 -42.01 1.37
C LEU E 536 3.77 -42.92 2.06
N ASP E 537 4.85 -43.30 1.39
CA ASP E 537 5.92 -44.02 2.07
C ASP E 537 6.51 -43.13 3.16
N VAL E 538 6.71 -43.70 4.34
CA VAL E 538 7.07 -42.94 5.54
C VAL E 538 8.38 -43.37 6.15
N SER E 539 8.96 -44.49 5.74
CA SER E 539 10.16 -45.02 6.36
C SER E 539 11.37 -44.23 5.86
N LYS E 540 12.58 -44.73 6.15
CA LYS E 540 13.79 -44.03 5.74
C LYS E 540 13.88 -43.96 4.22
N GLU E 541 13.51 -45.04 3.53
CA GLU E 541 13.54 -45.05 2.07
C GLU E 541 12.60 -43.97 1.52
N GLY E 542 11.38 -43.91 2.06
CA GLY E 542 10.45 -42.88 1.63
C GLY E 542 10.97 -41.49 1.91
N THR E 543 11.58 -41.29 3.08
CA THR E 543 12.10 -39.97 3.43
C THR E 543 13.18 -39.52 2.47
N GLU E 544 14.15 -40.40 2.18
CA GLU E 544 15.24 -39.99 1.30
C GLU E 544 14.77 -39.83 -0.13
N ALA E 545 13.88 -40.72 -0.60
CA ALA E 545 13.33 -40.56 -1.95
C ALA E 545 12.57 -39.24 -2.07
N TRP E 546 11.78 -38.91 -1.05
CA TRP E 546 11.03 -37.65 -1.06
C TRP E 546 11.99 -36.46 -1.09
N GLU E 547 13.03 -36.49 -0.25
CA GLU E 547 13.97 -35.37 -0.22
C GLU E 547 14.66 -35.20 -1.57
N ALA E 548 15.09 -36.31 -2.18
CA ALA E 548 15.76 -36.22 -3.47
C ALA E 548 14.83 -35.68 -4.55
N ALA E 549 13.58 -36.17 -4.58
CA ALA E 549 12.65 -35.71 -5.59
C ALA E 549 12.33 -34.23 -5.43
N MET E 550 12.11 -33.79 -4.19
CA MET E 550 11.85 -32.37 -3.95
C MET E 550 13.05 -31.51 -4.32
N LYS E 551 14.27 -31.98 -4.05
CA LYS E 551 15.44 -31.22 -4.46
C LYS E 551 15.51 -31.10 -5.99
N ARG E 552 15.24 -32.21 -6.69
CA ARG E 552 15.26 -32.16 -8.15
C ARG E 552 14.21 -31.19 -8.68
N TYR E 553 13.00 -31.23 -8.12
CA TYR E 553 11.95 -30.33 -8.56
C TYR E 553 12.29 -28.87 -8.24
N ASP E 554 12.92 -28.63 -7.10
CA ASP E 554 13.29 -27.27 -6.75
C ASP E 554 14.30 -26.71 -7.73
N GLU E 555 15.33 -27.49 -8.08
CA GLU E 555 16.31 -26.98 -9.03
C GLU E 555 15.68 -26.80 -10.42
N ARG E 556 14.79 -27.70 -10.81
CA ARG E 556 14.12 -27.54 -12.10
C ARG E 556 13.27 -26.28 -12.15
N ILE E 557 12.52 -26.01 -11.07
CA ILE E 557 11.68 -24.81 -11.05
C ILE E 557 12.53 -23.56 -11.00
N ASP E 558 13.64 -23.62 -10.25
CA ASP E 558 14.57 -22.45 -10.22
C ASP E 558 14.98 -22.18 -11.66
N ARG E 559 15.27 -23.24 -12.42
CA ARG E 559 15.62 -23.08 -13.85
C ARG E 559 14.41 -22.54 -14.62
N VAL E 560 13.20 -23.02 -14.35
CA VAL E 560 12.01 -22.43 -15.04
C VAL E 560 11.98 -20.93 -14.78
N GLU E 561 12.27 -20.48 -13.55
CA GLU E 561 12.21 -19.03 -13.22
C GLU E 561 13.26 -18.26 -14.04
N THR E 562 14.44 -18.84 -14.25
CA THR E 562 15.47 -18.18 -15.12
C THR E 562 14.95 -18.12 -16.56
N ARG E 563 14.32 -19.19 -17.04
CA ARG E 563 13.77 -19.21 -18.42
C ARG E 563 12.69 -18.13 -18.53
N ILE E 564 12.08 -17.75 -17.40
CA ILE E 564 11.05 -16.72 -17.41
C ILE E 564 11.68 -15.34 -17.33
N THR E 565 12.74 -15.19 -16.55
CA THR E 565 13.45 -13.92 -16.51
C THR E 565 14.04 -13.58 -17.87
N ALA E 566 14.31 -14.59 -18.69
CA ALA E 566 14.71 -14.32 -20.07
C ALA E 566 13.62 -13.52 -20.80
N ARG E 567 12.36 -13.93 -20.65
CA ARG E 567 11.28 -13.15 -21.26
C ARG E 567 11.16 -11.80 -20.58
N LEU E 568 11.44 -11.73 -19.28
CA LEU E 568 11.40 -10.45 -18.60
C LEU E 568 12.40 -9.46 -19.19
N ARG E 569 13.56 -9.93 -19.63
CA ARG E 569 14.50 -9.07 -20.33
C ARG E 569 14.04 -8.77 -21.75
N ASP E 570 13.44 -9.76 -22.42
CA ASP E 570 12.90 -9.51 -23.76
C ASP E 570 11.76 -8.49 -23.73
N GLN E 571 11.17 -8.23 -22.55
CA GLN E 571 10.27 -7.10 -22.36
C GLN E 571 10.88 -5.82 -22.92
N LEU E 572 11.99 -5.37 -22.35
CA LEU E 572 12.68 -4.22 -22.92
C LEU E 572 13.23 -4.53 -24.30
N GLY E 573 13.58 -5.79 -24.55
CA GLY E 573 14.06 -6.16 -25.87
C GLY E 573 13.11 -5.82 -26.99
N THR E 574 11.80 -5.83 -26.71
CA THR E 574 10.76 -5.54 -27.69
C THR E 574 10.11 -4.17 -27.49
N ALA E 575 9.59 -3.91 -26.30
CA ALA E 575 8.78 -2.72 -26.09
C ALA E 575 9.61 -1.45 -26.23
N LYS E 576 9.06 -0.47 -26.94
CA LYS E 576 9.71 0.83 -27.15
C LYS E 576 9.03 1.95 -26.38
N ASN E 577 7.70 1.94 -26.26
CA ASN E 577 6.95 3.00 -25.62
C ASN E 577 6.46 2.53 -24.26
N ALA E 578 6.01 3.50 -23.45
CA ALA E 578 5.59 3.18 -22.10
C ALA E 578 4.35 2.30 -22.09
N ASN E 579 3.41 2.51 -23.01
CA ASN E 579 2.15 1.79 -22.96
C ASN E 579 2.36 0.30 -23.24
N GLU E 580 3.20 -0.03 -24.23
CA GLU E 580 3.46 -1.43 -24.53
C GLU E 580 4.13 -2.12 -23.35
N MET E 581 5.09 -1.44 -22.71
CA MET E 581 5.77 -2.03 -21.57
C MET E 581 4.82 -2.22 -20.40
N PHE E 582 3.95 -1.25 -20.15
CA PHE E 582 2.97 -1.40 -19.09
C PHE E 582 2.01 -2.54 -19.38
N ARG E 583 1.62 -2.70 -20.64
CA ARG E 583 0.71 -3.80 -20.96
C ARG E 583 1.39 -5.14 -20.80
N ILE E 584 2.68 -5.23 -21.11
CA ILE E 584 3.42 -6.45 -20.81
C ILE E 584 3.46 -6.68 -19.31
N PHE E 585 3.57 -5.59 -18.53
CA PHE E 585 3.53 -5.73 -17.08
C PHE E 585 2.19 -6.28 -16.61
N SER E 586 1.11 -5.78 -17.20
CA SER E 586 -0.22 -6.16 -16.73
C SER E 586 -0.59 -7.57 -17.16
N ARG E 587 -0.18 -7.97 -18.36
CA ARG E 587 -0.47 -9.33 -18.83
C ARG E 587 0.20 -10.37 -17.94
N PHE E 588 1.43 -10.12 -17.54
CA PHE E 588 2.22 -11.05 -16.74
C PHE E 588 2.19 -10.69 -15.26
N ASN E 589 1.14 -9.99 -14.81
CA ASN E 589 1.14 -9.44 -13.45
C ASN E 589 1.19 -10.54 -12.40
N ALA E 590 0.47 -11.63 -12.61
CA ALA E 590 0.49 -12.73 -11.64
C ALA E 590 1.87 -13.33 -11.54
N LEU E 591 2.59 -13.42 -12.66
CA LEU E 591 3.93 -14.01 -12.65
C LEU E 591 4.89 -13.20 -11.79
N PHE E 592 4.62 -11.91 -11.59
CA PHE E 592 5.46 -11.08 -10.74
C PHE E 592 5.22 -11.34 -9.26
N VAL E 593 4.18 -12.09 -8.89
CA VAL E 593 3.99 -12.44 -7.49
C VAL E 593 5.09 -13.36 -6.99
N ARG E 594 5.78 -14.07 -7.88
CA ARG E 594 6.81 -15.00 -7.47
C ARG E 594 7.97 -14.26 -6.82
N PRO E 595 8.70 -14.90 -5.91
CA PRO E 595 9.73 -14.15 -5.18
C PRO E 595 10.97 -13.87 -6.00
N HIS E 596 11.42 -14.83 -6.80
CA HIS E 596 12.63 -14.60 -7.60
C HIS E 596 12.34 -13.66 -8.76
N ILE E 597 11.12 -13.67 -9.28
CA ILE E 597 10.79 -12.86 -10.44
C ILE E 597 10.77 -11.37 -10.07
N ARG E 598 10.28 -11.04 -8.88
CA ARG E 598 10.05 -9.64 -8.53
C ARG E 598 11.36 -8.85 -8.51
N GLY E 599 12.42 -9.44 -7.96
CA GLY E 599 13.67 -8.72 -7.86
C GLY E 599 14.40 -8.54 -9.18
N ALA E 600 14.11 -9.38 -10.17
CA ALA E 600 14.77 -9.23 -11.47
C ALA E 600 14.42 -7.91 -12.11
N ILE E 601 13.15 -7.51 -12.03
CA ILE E 601 12.64 -6.29 -12.64
C ILE E 601 12.64 -5.21 -11.56
N ARG E 602 13.63 -4.33 -11.62
CA ARG E 602 13.70 -3.17 -10.73
C ARG E 602 13.96 -1.88 -11.49
N GLU E 603 14.66 -1.93 -12.61
CA GLU E 603 14.92 -0.71 -13.37
C GLU E 603 13.68 -0.25 -14.12
N TYR E 604 12.88 -1.16 -14.65
CA TYR E 604 11.66 -0.76 -15.34
C TYR E 604 10.64 -0.19 -14.35
N GLN E 605 10.64 -0.68 -13.11
CA GLN E 605 9.67 -0.22 -12.14
C GLN E 605 9.84 1.26 -11.85
N THR E 606 11.07 1.71 -11.66
CA THR E 606 11.31 3.14 -11.41
C THR E 606 10.88 3.99 -12.60
N GLN E 607 11.22 3.56 -13.81
CA GLN E 607 10.86 4.32 -14.99
C GLN E 607 9.35 4.44 -15.14
N LEU E 608 8.64 3.32 -14.96
CA LEU E 608 7.20 3.35 -15.13
C LEU E 608 6.54 4.17 -14.02
N ILE E 609 7.06 4.10 -12.81
CA ILE E 609 6.45 4.89 -11.73
C ILE E 609 6.69 6.37 -11.96
N GLN E 610 7.86 6.74 -12.49
CA GLN E 610 8.09 8.14 -12.83
C GLN E 610 7.15 8.59 -13.94
N ARG E 611 6.93 7.74 -14.94
CA ARG E 611 5.99 8.09 -16.01
C ARG E 611 4.58 8.27 -15.48
N VAL E 612 4.16 7.38 -14.57
CA VAL E 612 2.83 7.50 -14.00
C VAL E 612 2.72 8.75 -13.13
N LYS E 613 3.79 9.11 -12.43
CA LYS E 613 3.78 10.36 -11.68
C LYS E 613 3.61 11.55 -12.62
N ASP E 614 4.27 11.51 -13.78
CA ASP E 614 4.06 12.56 -14.77
C ASP E 614 2.61 12.59 -15.23
N ASP E 615 2.00 11.43 -15.42
CA ASP E 615 0.62 11.37 -15.89
C ASP E 615 -0.33 11.97 -14.87
N ILE E 616 -0.19 11.59 -13.60
CA ILE E 616 -1.09 12.14 -12.59
C ILE E 616 -0.80 13.61 -12.36
N GLU E 617 0.44 14.05 -12.59
CA GLU E 617 0.72 15.48 -12.54
C GLU E 617 -0.04 16.20 -13.65
N SER E 618 -0.10 15.61 -14.84
CA SER E 618 -0.89 16.19 -15.92
C SER E 618 -2.36 16.24 -15.54
N LEU E 619 -2.86 15.21 -14.87
CA LEU E 619 -4.24 15.22 -14.41
C LEU E 619 -4.47 16.32 -13.39
N HIS E 620 -3.51 16.52 -12.49
CA HIS E 620 -3.60 17.63 -11.55
C HIS E 620 -3.67 18.95 -12.29
N ASP E 621 -2.87 19.10 -13.35
CA ASP E 621 -2.90 20.32 -14.13
C ASP E 621 -4.27 20.52 -14.79
N LYS E 622 -4.85 19.45 -15.32
CA LYS E 622 -6.16 19.57 -15.95
C LYS E 622 -7.22 19.96 -14.94
N PHE E 623 -7.18 19.37 -13.75
CA PHE E 623 -8.20 19.69 -12.75
C PHE E 623 -7.99 21.05 -12.14
N LYS E 624 -6.75 21.53 -12.07
CA LYS E 624 -6.51 22.85 -11.54
C LYS E 624 -7.20 23.91 -12.39
N VAL E 625 -7.12 23.78 -13.71
CA VAL E 625 -7.91 24.62 -14.60
C VAL E 625 -9.38 24.33 -14.32
N GLN E 626 -10.08 25.32 -13.78
CA GLN E 626 -11.45 25.11 -13.34
C GLN E 626 -12.33 24.76 -14.53
N TYR E 627 -13.47 24.13 -14.25
CA TYR E 627 -14.31 23.61 -15.32
C TYR E 627 -14.87 24.68 -16.23
N PRO E 628 -15.43 25.80 -15.75
CA PRO E 628 -16.01 26.77 -16.68
C PRO E 628 -15.02 27.36 -17.65
N GLN E 629 -13.74 27.44 -17.29
CA GLN E 629 -12.73 27.91 -18.22
C GLN E 629 -12.25 26.82 -19.16
N SER E 630 -12.50 25.56 -18.86
CA SER E 630 -11.95 24.47 -19.66
C SER E 630 -12.67 24.37 -20.99
N GLN E 631 -11.96 23.83 -21.98
CA GLN E 631 -12.56 23.60 -23.29
C GLN E 631 -13.67 22.56 -23.22
N ALA E 632 -13.59 21.64 -22.26
CA ALA E 632 -14.62 20.62 -22.11
C ALA E 632 -15.98 21.24 -21.83
N CYS E 633 -16.01 22.34 -21.06
CA CYS E 633 -17.28 22.98 -20.78
C CYS E 633 -17.94 23.49 -22.05
N LYS E 634 -17.18 24.21 -22.88
CA LYS E 634 -17.72 24.73 -24.12
C LYS E 634 -18.17 23.61 -25.04
N MET E 635 -17.31 22.62 -25.25
CA MET E 635 -17.66 21.57 -26.20
C MET E 635 -18.80 20.71 -25.68
N SER E 636 -18.99 20.63 -24.36
CA SER E 636 -20.12 19.89 -23.84
C SER E 636 -21.40 20.69 -23.99
N HIS E 637 -21.31 22.01 -23.87
CA HIS E 637 -22.47 22.84 -24.18
C HIS E 637 -22.84 22.71 -25.64
N VAL E 638 -21.85 22.51 -26.52
CA VAL E 638 -22.14 22.38 -27.94
C VAL E 638 -23.02 21.17 -28.20
N ARG E 639 -22.75 20.07 -27.50
CA ARG E 639 -23.43 18.80 -27.74
C ARG E 639 -24.70 18.64 -26.91
N ASP E 640 -25.35 19.73 -26.55
CA ASP E 640 -26.64 19.74 -25.87
C ASP E 640 -26.55 19.23 -24.44
N LEU E 641 -25.35 19.04 -23.91
CA LEU E 641 -25.21 18.61 -22.53
C LEU E 641 -25.46 19.79 -21.59
N PRO E 642 -26.25 19.64 -20.53
CA PRO E 642 -26.47 20.78 -19.63
C PRO E 642 -25.23 21.04 -18.79
N PRO E 643 -25.16 22.22 -18.15
CA PRO E 643 -23.91 22.61 -17.48
C PRO E 643 -23.56 21.84 -16.22
N VAL E 644 -24.51 21.63 -15.32
CA VAL E 644 -24.23 20.93 -14.08
C VAL E 644 -23.84 19.49 -14.37
N SER E 645 -24.58 18.83 -15.27
CA SER E 645 -24.20 17.49 -15.68
C SER E 645 -22.84 17.50 -16.33
N GLY E 646 -22.51 18.56 -17.07
CA GLY E 646 -21.19 18.65 -17.67
C GLY E 646 -20.09 18.68 -16.64
N SER E 647 -20.27 19.48 -15.58
CA SER E 647 -19.26 19.55 -14.53
C SER E 647 -19.11 18.20 -13.83
N ILE E 648 -20.24 17.56 -13.51
CA ILE E 648 -20.18 16.29 -12.80
C ILE E 648 -19.51 15.24 -13.66
N ILE E 649 -19.84 15.22 -14.95
CA ILE E 649 -19.25 14.25 -15.87
C ILE E 649 -17.75 14.47 -15.99
N TRP E 650 -17.33 15.73 -16.09
CA TRP E 650 -15.90 16.03 -16.17
C TRP E 650 -15.15 15.51 -14.96
N ALA E 651 -15.67 15.83 -13.77
CA ALA E 651 -15.02 15.36 -12.55
C ALA E 651 -15.02 13.84 -12.47
N LYS E 652 -16.11 13.20 -12.92
CA LYS E 652 -16.16 11.75 -12.89
C LYS E 652 -15.11 11.13 -13.79
N GLN E 653 -14.88 11.71 -14.97
CA GLN E 653 -13.87 11.15 -15.85
C GLN E 653 -12.47 11.33 -15.27
N ILE E 654 -12.20 12.48 -14.65
CA ILE E 654 -10.89 12.67 -14.03
C ILE E 654 -10.71 11.64 -12.92
N ASP E 655 -11.78 11.36 -12.17
CA ASP E 655 -11.71 10.33 -11.14
C ASP E 655 -11.43 8.96 -11.75
N ARG E 656 -12.09 8.65 -12.86
CA ARG E 656 -11.86 7.37 -13.53
C ARG E 656 -10.41 7.25 -13.97
N GLN E 657 -9.84 8.33 -14.48
CA GLN E 657 -8.46 8.28 -14.95
C GLN E 657 -7.50 8.12 -13.78
N LEU E 658 -7.79 8.77 -12.65
CA LEU E 658 -6.95 8.56 -11.47
C LEU E 658 -7.02 7.12 -11.01
N THR E 659 -8.20 6.52 -11.06
CA THR E 659 -8.33 5.10 -10.73
C THR E 659 -7.50 4.25 -11.67
N ALA E 660 -7.54 4.57 -12.96
CA ALA E 660 -6.76 3.82 -13.93
C ALA E 660 -5.27 3.91 -13.65
N TYR E 661 -4.78 5.11 -13.34
CA TYR E 661 -3.36 5.27 -13.06
C TYR E 661 -2.94 4.57 -11.77
N MET E 662 -3.79 4.61 -10.74
CA MET E 662 -3.46 3.88 -9.52
C MET E 662 -3.43 2.38 -9.80
N LYS E 663 -4.32 1.90 -10.66
CA LYS E 663 -4.27 0.49 -11.04
C LYS E 663 -3.01 0.19 -11.83
N ARG E 664 -2.55 1.14 -12.65
CA ARG E 664 -1.28 0.96 -13.34
C ARG E 664 -0.14 0.79 -12.35
N VAL E 665 -0.12 1.63 -11.31
CA VAL E 665 0.91 1.52 -10.28
C VAL E 665 0.82 0.18 -9.57
N GLU E 666 -0.41 -0.26 -9.27
CA GLU E 666 -0.58 -1.53 -8.57
C GLU E 666 -0.06 -2.69 -9.41
N ASP E 667 -0.32 -2.66 -10.71
CA ASP E 667 0.24 -3.68 -11.59
C ASP E 667 1.75 -3.61 -11.63
N VAL E 668 2.31 -2.39 -11.71
CA VAL E 668 3.76 -2.24 -11.85
C VAL E 668 4.47 -2.77 -10.62
N LEU E 669 4.04 -2.35 -9.43
CA LEU E 669 4.69 -2.73 -8.19
C LEU E 669 4.08 -3.94 -7.53
N GLY E 670 3.06 -4.55 -8.13
CA GLY E 670 2.50 -5.75 -7.54
C GLY E 670 1.74 -5.44 -6.25
N LYS E 671 1.49 -6.49 -5.49
CA LYS E 671 0.77 -6.35 -4.23
C LYS E 671 1.61 -5.57 -3.23
N GLY E 672 0.93 -4.90 -2.31
CA GLY E 672 1.61 -4.09 -1.32
C GLY E 672 2.13 -2.77 -1.83
N TRP E 673 1.60 -2.27 -2.95
CA TRP E 673 2.04 -1.01 -3.50
C TRP E 673 1.66 0.18 -2.61
N GLU E 674 0.73 0.00 -1.67
CA GLU E 674 0.34 1.10 -0.80
C GLU E 674 1.50 1.55 0.07
N ASN E 675 2.36 0.61 0.49
CA ASN E 675 3.44 0.88 1.43
C ASN E 675 4.82 0.74 0.80
N HIS E 676 4.91 0.91 -0.51
CA HIS E 676 6.18 0.87 -1.22
C HIS E 676 6.90 2.21 -1.09
N VAL E 677 8.19 2.24 -1.45
CA VAL E 677 8.97 3.47 -1.31
C VAL E 677 8.41 4.57 -2.21
N GLU E 678 8.08 4.23 -3.45
CA GLU E 678 7.52 5.18 -4.40
C GLU E 678 6.01 5.06 -4.53
N GLY E 679 5.42 3.96 -4.06
CA GLY E 679 3.98 3.83 -4.06
C GLY E 679 3.29 4.54 -2.93
N GLN E 680 4.01 4.85 -1.85
CA GLN E 680 3.40 5.54 -0.72
C GLN E 680 2.98 6.95 -1.08
N LYS E 681 3.90 7.71 -1.68
CA LYS E 681 3.57 9.07 -2.12
C LYS E 681 2.48 9.03 -3.16
N LEU E 682 2.55 8.06 -4.07
CA LEU E 682 1.51 7.91 -5.09
C LEU E 682 0.15 7.71 -4.45
N LYS E 683 0.06 6.80 -3.48
CA LYS E 683 -1.21 6.50 -2.85
C LYS E 683 -1.73 7.69 -2.06
N GLN E 684 -0.85 8.39 -1.35
CA GLN E 684 -1.30 9.53 -0.54
C GLN E 684 -1.82 10.64 -1.43
N ASP E 685 -1.05 10.99 -2.47
CA ASP E 685 -1.50 12.04 -3.39
C ASP E 685 -2.79 11.63 -4.09
N GLY E 686 -2.88 10.37 -4.51
CA GLY E 686 -4.09 9.92 -5.19
C GLY E 686 -5.32 9.98 -4.30
N ASP E 687 -5.18 9.57 -3.04
CA ASP E 687 -6.30 9.65 -2.11
C ASP E 687 -6.71 11.09 -1.87
N SER E 688 -5.73 11.96 -1.62
CA SER E 688 -6.06 13.36 -1.36
C SER E 688 -6.68 14.02 -2.57
N PHE E 689 -6.27 13.62 -3.77
CA PHE E 689 -6.84 14.18 -5.00
C PHE E 689 -8.26 13.67 -5.21
N ARG E 690 -8.46 12.37 -5.03
CA ARG E 690 -9.79 11.79 -5.20
C ARG E 690 -10.76 12.33 -4.17
N MET E 691 -10.27 12.78 -3.02
CA MET E 691 -11.14 13.40 -2.04
C MET E 691 -11.80 14.65 -2.62
N LYS E 692 -11.08 15.39 -3.46
CA LYS E 692 -11.57 16.63 -4.03
C LYS E 692 -12.21 16.46 -5.41
N LEU E 693 -12.13 15.28 -6.01
CA LEU E 693 -12.87 15.00 -7.24
C LEU E 693 -14.32 14.64 -6.98
N ASN E 694 -14.75 14.56 -5.71
CA ASN E 694 -16.13 14.25 -5.41
C ASN E 694 -17.04 15.37 -5.91
N THR E 695 -18.22 14.98 -6.40
CA THR E 695 -19.19 15.90 -6.99
C THR E 695 -20.50 15.93 -6.23
N GLN E 696 -20.53 15.42 -5.00
CA GLN E 696 -21.78 15.38 -4.26
C GLN E 696 -22.28 16.78 -3.95
N GLU E 697 -21.36 17.71 -3.68
CA GLU E 697 -21.75 19.07 -3.36
C GLU E 697 -22.44 19.73 -4.55
N ILE E 698 -21.97 19.45 -5.77
CA ILE E 698 -22.56 20.08 -6.95
C ILE E 698 -23.99 19.59 -7.13
N PHE E 699 -24.21 18.28 -7.00
CA PHE E 699 -25.57 17.75 -7.13
C PHE E 699 -26.47 18.28 -6.03
N ASP E 700 -25.97 18.35 -4.79
CA ASP E 700 -26.78 18.87 -3.71
C ASP E 700 -27.15 20.33 -3.93
N ASP E 701 -26.21 21.14 -4.39
CA ASP E 701 -26.49 22.55 -4.65
C ASP E 701 -27.50 22.68 -5.78
N TRP E 702 -27.38 21.87 -6.83
CA TRP E 702 -28.34 21.94 -7.91
C TRP E 702 -29.74 21.56 -7.44
N ALA E 703 -29.85 20.50 -6.64
CA ALA E 703 -31.15 20.08 -6.14
C ALA E 703 -31.75 21.16 -5.27
N ARG E 704 -30.94 21.76 -4.39
CA ARG E 704 -31.45 22.83 -3.52
C ARG E 704 -31.93 24.02 -4.34
N LYS E 705 -31.15 24.41 -5.35
CA LYS E 705 -31.54 25.55 -6.17
C LYS E 705 -32.84 25.28 -6.93
N VAL E 706 -32.97 24.09 -7.52
CA VAL E 706 -34.15 23.81 -8.31
C VAL E 706 -35.38 23.71 -7.41
N GLN E 707 -35.23 23.09 -6.24
CA GLN E 707 -36.36 23.06 -5.30
C GLN E 707 -36.71 24.46 -4.82
N GLN E 708 -35.71 25.34 -4.67
CA GLN E 708 -36.00 26.72 -4.33
C GLN E 708 -36.82 27.41 -5.42
N ARG E 709 -36.46 27.17 -6.69
CA ARG E 709 -37.20 27.79 -7.78
C ARG E 709 -38.65 27.33 -7.80
N ASN E 710 -38.88 26.03 -7.64
CA ASN E 710 -40.23 25.47 -7.56
C ASN E 710 -41.03 25.78 -8.84
N LEU E 711 -40.41 25.52 -9.98
CA LEU E 711 -41.08 25.77 -11.25
C LEU E 711 -42.25 24.81 -11.42
N GLY E 712 -42.99 25.00 -12.52
CA GLY E 712 -44.16 24.17 -12.76
C GLY E 712 -44.74 24.46 -14.12
N VAL E 713 -45.76 23.67 -14.46
CA VAL E 713 -46.45 23.77 -15.74
C VAL E 713 -47.96 23.91 -15.59
N SER E 714 -48.52 23.62 -14.42
CA SER E 714 -49.98 23.67 -14.25
C SER E 714 -50.51 25.08 -14.44
N GLY E 715 -51.60 25.18 -15.18
CA GLY E 715 -52.24 26.46 -15.43
C GLY E 715 -52.91 26.47 -16.80
N ARG E 716 -53.47 27.62 -17.12
CA ARG E 716 -54.11 27.79 -18.43
C ARG E 716 -53.05 27.80 -19.52
N ILE E 717 -53.39 27.20 -20.66
CA ILE E 717 -52.38 27.05 -21.72
C ILE E 717 -52.02 28.40 -22.34
N PHE E 718 -52.98 29.32 -22.42
CA PHE E 718 -52.77 30.63 -23.02
C PHE E 718 -52.75 31.71 -21.94
N THR E 719 -52.20 32.86 -22.31
CA THR E 719 -52.15 34.01 -21.42
C THR E 719 -52.21 35.27 -22.28
N ILE E 720 -52.64 36.37 -21.65
CA ILE E 720 -52.81 37.65 -22.35
C ILE E 720 -52.15 38.74 -21.52
N LYS E 734 -51.10 40.86 -26.57
CA LYS E 734 -50.58 39.79 -27.41
C LYS E 734 -50.78 38.44 -26.76
N LEU E 735 -50.90 37.39 -27.57
CA LEU E 735 -51.10 36.05 -27.06
C LEU E 735 -49.78 35.43 -26.63
N LYS E 736 -49.82 34.71 -25.52
CA LYS E 736 -48.65 34.02 -24.97
C LYS E 736 -49.04 32.59 -24.62
N VAL E 737 -48.05 31.71 -24.65
CA VAL E 737 -48.20 30.33 -24.20
C VAL E 737 -47.50 30.20 -22.86
N ASN E 738 -48.25 29.75 -21.85
CA ASN E 738 -47.72 29.67 -20.49
C ASN E 738 -46.74 28.51 -20.39
N PHE E 739 -45.54 28.75 -20.90
CA PHE E 739 -44.49 27.73 -20.92
C PHE E 739 -43.19 28.41 -21.30
N LEU E 740 -42.06 27.97 -20.63
CA LEU E 740 -40.75 28.56 -20.80
C LEU E 740 -39.77 27.53 -21.37
N PRO E 741 -38.79 27.91 -22.21
CA PRO E 741 -37.81 26.92 -22.66
C PRO E 741 -36.95 26.35 -21.54
N GLU E 742 -36.67 27.13 -20.50
CA GLU E 742 -35.75 26.68 -19.46
C GLU E 742 -36.22 25.41 -18.78
N ILE E 743 -37.55 25.18 -18.75
CA ILE E 743 -38.10 24.01 -18.09
C ILE E 743 -37.58 22.73 -18.74
N ILE E 744 -37.19 22.79 -20.01
CA ILE E 744 -36.67 21.58 -20.67
C ILE E 744 -35.31 21.22 -20.11
N THR E 745 -34.48 22.22 -19.81
CA THR E 745 -33.12 21.94 -19.36
C THR E 745 -33.13 21.10 -18.09
N LEU E 746 -34.05 21.41 -17.18
CA LEU E 746 -34.21 20.61 -15.97
C LEU E 746 -34.39 19.13 -16.30
N SER E 747 -35.21 18.83 -17.31
CA SER E 747 -35.40 17.44 -17.70
C SER E 747 -34.08 16.81 -18.10
N LYS E 748 -33.30 17.51 -18.93
CA LYS E 748 -31.98 17.01 -19.29
C LYS E 748 -31.12 16.87 -18.05
N GLU E 749 -31.18 17.87 -17.16
CA GLU E 749 -30.42 17.82 -15.93
C GLU E 749 -30.78 16.60 -15.11
N VAL E 750 -32.05 16.17 -15.17
CA VAL E 750 -32.43 14.96 -14.47
C VAL E 750 -31.84 13.74 -15.17
N ARG E 751 -31.99 13.70 -16.49
CA ARG E 751 -31.75 12.46 -17.23
C ARG E 751 -30.31 11.99 -17.06
N ASN E 752 -29.36 12.88 -17.33
CA ASN E 752 -27.96 12.55 -17.15
C ASN E 752 -27.68 12.14 -15.72
N LEU E 753 -28.26 12.87 -14.75
CA LEU E 753 -28.02 12.55 -13.36
C LEU E 753 -28.51 11.15 -13.02
N LYS E 754 -29.61 10.72 -13.65
CA LYS E 754 -30.11 9.38 -13.34
C LYS E 754 -29.11 8.32 -13.75
N TRP E 755 -28.35 8.56 -14.82
CA TRP E 755 -27.31 7.62 -15.19
C TRP E 755 -26.08 7.79 -14.31
N LEU E 756 -25.82 9.01 -13.83
CA LEU E 756 -24.61 9.25 -13.05
C LEU E 756 -24.63 8.57 -11.70
N GLY E 757 -25.77 8.06 -11.25
CA GLY E 757 -25.87 7.36 -9.99
C GLY E 757 -26.40 8.17 -8.84
N PHE E 758 -26.84 9.41 -9.08
CA PHE E 758 -27.41 10.23 -8.02
C PHE E 758 -28.88 9.92 -7.86
N ARG E 759 -29.35 9.90 -6.61
CA ARG E 759 -30.76 9.71 -6.31
C ARG E 759 -31.43 11.08 -6.38
N VAL E 760 -32.07 11.37 -7.50
CA VAL E 760 -32.74 12.64 -7.71
C VAL E 760 -33.98 12.65 -6.81
N PRO E 761 -34.40 13.78 -6.24
CA PRO E 761 -35.63 13.78 -5.44
C PRO E 761 -36.85 13.46 -6.30
N LEU E 762 -37.86 12.88 -5.65
CA LEU E 762 -39.04 12.41 -6.38
C LEU E 762 -39.81 13.57 -6.98
N ALA E 763 -39.92 14.70 -6.27
CA ALA E 763 -40.63 15.86 -6.81
C ALA E 763 -39.95 16.35 -8.08
N ILE E 764 -38.62 16.38 -8.08
CA ILE E 764 -37.87 16.79 -9.26
C ILE E 764 -38.15 15.85 -10.42
N VAL E 765 -38.19 14.54 -10.14
CA VAL E 765 -38.43 13.57 -11.19
C VAL E 765 -39.81 13.75 -11.78
N ASN E 766 -40.82 13.98 -10.94
CA ASN E 766 -42.17 14.21 -11.44
C ASN E 766 -42.23 15.47 -12.28
N LYS E 767 -41.56 16.54 -11.83
CA LYS E 767 -41.55 17.78 -12.60
C LYS E 767 -40.90 17.57 -13.96
N ALA E 768 -39.78 16.85 -13.99
CA ALA E 768 -39.10 16.58 -15.25
C ALA E 768 -39.96 15.72 -16.17
N HIS E 769 -40.66 14.74 -15.61
CA HIS E 769 -41.53 13.90 -16.43
C HIS E 769 -42.65 14.72 -17.04
N GLN E 770 -43.28 15.60 -16.25
CA GLN E 770 -44.33 16.44 -16.79
C GLN E 770 -43.78 17.38 -17.86
N ALA E 771 -42.60 17.94 -17.64
CA ALA E 771 -42.00 18.82 -18.62
C ALA E 771 -41.75 18.08 -19.93
N ASN E 772 -41.16 16.89 -19.86
CA ASN E 772 -40.92 16.11 -21.06
C ASN E 772 -42.22 15.76 -21.76
N GLN E 773 -43.24 15.41 -20.99
CA GLN E 773 -44.50 14.99 -21.59
C GLN E 773 -45.16 16.15 -22.33
N LEU E 774 -45.13 17.35 -21.76
CA LEU E 774 -45.84 18.49 -22.33
C LEU E 774 -44.99 19.36 -23.25
N TYR E 775 -43.68 19.08 -23.38
CA TYR E 775 -42.84 19.94 -24.20
C TYR E 775 -43.24 19.98 -25.66
N PRO E 776 -43.47 18.85 -26.36
CA PRO E 776 -43.85 18.97 -27.78
C PRO E 776 -45.13 19.74 -28.00
N PHE E 777 -46.12 19.55 -27.14
CA PHE E 777 -47.38 20.27 -27.29
C PHE E 777 -47.19 21.76 -27.03
N ALA E 778 -46.35 22.10 -26.06
CA ALA E 778 -46.06 23.51 -25.81
C ALA E 778 -45.36 24.14 -27.00
N ILE E 779 -44.41 23.43 -27.61
CA ILE E 779 -43.73 23.97 -28.79
C ILE E 779 -44.72 24.14 -29.92
N SER E 780 -45.62 23.17 -30.11
CA SER E 780 -46.60 23.29 -31.18
C SER E 780 -47.47 24.51 -30.97
N LEU E 781 -47.90 24.74 -29.74
CA LEU E 781 -48.72 25.92 -29.44
C LEU E 781 -47.94 27.20 -29.71
N ILE E 782 -46.67 27.25 -29.30
CA ILE E 782 -45.88 28.47 -29.47
C ILE E 782 -45.69 28.75 -30.95
N GLU E 783 -45.36 27.72 -31.73
CA GLU E 783 -45.14 27.91 -33.16
C GLU E 783 -46.42 28.33 -33.86
N SER E 784 -47.56 27.72 -33.47
CA SER E 784 -48.83 28.09 -34.06
C SER E 784 -49.17 29.54 -33.75
N VAL E 785 -48.95 29.97 -32.50
CA VAL E 785 -49.24 31.35 -32.13
C VAL E 785 -48.36 32.31 -32.92
N ARG E 786 -47.07 31.99 -33.05
CA ARG E 786 -46.17 32.87 -33.80
C ARG E 786 -46.59 32.98 -35.26
N THR E 787 -46.91 31.84 -35.88
CA THR E 787 -47.31 31.86 -37.29
C THR E 787 -48.62 32.63 -37.46
N TYR E 788 -49.56 32.45 -36.53
CA TYR E 788 -50.82 33.17 -36.61
C TYR E 788 -50.60 34.67 -36.49
N GLU E 789 -49.74 35.09 -35.57
CA GLU E 789 -49.46 36.52 -35.40
C GLU E 789 -48.83 37.11 -36.66
N ARG E 790 -47.86 36.39 -37.24
CA ARG E 790 -47.21 36.92 -38.44
C ARG E 790 -48.16 36.93 -39.62
N THR E 791 -49.04 35.93 -39.73
CA THR E 791 -50.05 35.94 -40.79
C THR E 791 -51.02 37.11 -40.60
N CYS E 792 -51.39 37.40 -39.35
CA CYS E 792 -52.22 38.57 -39.07
C CYS E 792 -51.53 39.84 -39.53
N GLU E 793 -50.23 39.97 -39.25
CA GLU E 793 -49.51 41.18 -39.66
C GLU E 793 -49.45 41.27 -41.18
N LYS E 794 -49.23 40.13 -41.85
CA LYS E 794 -49.22 40.13 -43.32
C LYS E 794 -50.56 40.55 -43.88
N VAL E 795 -51.66 40.05 -43.31
CA VAL E 795 -52.98 40.44 -43.77
C VAL E 795 -53.20 41.93 -43.54
N GLU E 796 -52.76 42.44 -42.39
CA GLU E 796 -52.96 43.85 -42.08
C GLU E 796 -52.17 44.76 -43.01
N GLU E 797 -50.98 44.33 -43.44
CA GLU E 797 -50.20 45.16 -44.36
C GLU E 797 -50.82 45.26 -45.75
N ARG E 798 -51.80 44.43 -46.08
CA ARG E 798 -52.56 44.52 -47.34
C ARG E 798 -54.02 44.37 -46.98
N ASN E 799 -54.70 45.50 -46.76
CA ASN E 799 -56.10 45.48 -46.37
C ASN E 799 -57.01 44.93 -47.46
N THR E 800 -56.56 44.92 -48.72
CA THR E 800 -57.39 44.45 -49.81
C THR E 800 -57.76 42.98 -49.64
N ILE E 801 -56.79 42.16 -49.23
CA ILE E 801 -57.04 40.72 -49.03
C ILE E 801 -57.67 40.41 -47.69
N SER E 802 -57.93 41.41 -46.85
CA SER E 802 -58.54 41.16 -45.55
C SER E 802 -59.93 40.56 -45.69
N LEU E 803 -60.69 41.02 -46.67
CA LEU E 803 -62.07 40.55 -46.82
C LEU E 803 -62.12 39.08 -47.19
N LEU E 804 -61.24 38.64 -48.09
CA LEU E 804 -61.28 37.25 -48.54
C LEU E 804 -60.85 36.28 -47.44
N VAL E 805 -59.93 36.70 -46.57
CA VAL E 805 -59.35 35.82 -45.56
C VAL E 805 -60.08 35.97 -44.22
N ALA E 806 -61.30 36.53 -44.25
CA ALA E 806 -62.04 36.69 -43.01
C ALA E 806 -62.42 35.35 -42.41
N GLY E 807 -62.80 34.37 -43.25
CA GLY E 807 -63.26 33.10 -42.73
C GLY E 807 -62.20 32.33 -41.97
N LEU E 808 -60.99 32.25 -42.55
CA LEU E 808 -59.91 31.55 -41.87
C LEU E 808 -59.49 32.29 -40.60
N LYS E 809 -59.52 33.62 -40.64
CA LYS E 809 -59.21 34.41 -39.45
C LYS E 809 -60.20 34.09 -38.33
N LYS E 810 -61.49 34.07 -38.65
CA LYS E 810 -62.48 33.74 -37.63
C LYS E 810 -62.34 32.29 -37.17
N GLU E 811 -61.94 31.38 -38.06
CA GLU E 811 -61.76 29.99 -37.66
C GLU E 811 -60.61 29.87 -36.65
N VAL E 812 -59.49 30.54 -36.90
CA VAL E 812 -58.39 30.46 -35.95
C VAL E 812 -58.76 31.18 -34.66
N GLN E 813 -59.55 32.26 -34.74
CA GLN E 813 -60.04 32.90 -33.54
C GLN E 813 -60.89 31.93 -32.72
N ALA E 814 -61.75 31.16 -33.38
CA ALA E 814 -62.56 30.18 -32.69
C ALA E 814 -61.70 29.09 -32.06
N LEU E 815 -60.66 28.66 -32.77
CA LEU E 815 -59.78 27.64 -32.22
C LEU E 815 -59.06 28.16 -30.98
N ILE E 816 -58.58 29.40 -31.03
CA ILE E 816 -57.95 30.00 -29.85
C ILE E 816 -58.94 30.08 -28.70
N ALA E 817 -60.17 30.50 -29.00
CA ALA E 817 -61.19 30.63 -27.97
C ALA E 817 -61.47 29.28 -27.31
N GLU E 818 -61.56 28.22 -28.12
CA GLU E 818 -61.67 26.88 -27.55
C GLU E 818 -60.45 26.54 -26.71
N GLY E 819 -59.28 27.04 -27.10
CA GLY E 819 -58.07 26.75 -26.36
C GLY E 819 -57.94 27.45 -25.02
N ILE E 820 -58.59 28.60 -24.84
CA ILE E 820 -58.41 29.35 -23.59
C ILE E 820 -58.90 28.53 -22.41
N ALA E 821 -60.03 27.86 -22.56
CA ALA E 821 -60.59 27.10 -21.45
C ALA E 821 -59.75 25.88 -21.08
N LEU E 822 -58.83 25.46 -21.93
CA LEU E 822 -58.03 24.28 -21.65
C LEU E 822 -56.99 24.57 -20.58
N VAL E 823 -56.46 23.49 -19.99
CA VAL E 823 -55.35 23.53 -19.07
C VAL E 823 -54.35 22.46 -19.49
N TRP E 824 -53.11 22.62 -19.00
CA TRP E 824 -52.03 21.74 -19.43
C TRP E 824 -52.27 20.29 -19.06
N GLU E 825 -53.06 20.03 -18.03
CA GLU E 825 -53.37 18.66 -17.61
C GLU E 825 -54.53 18.04 -18.39
N SER E 826 -55.21 18.82 -19.22
CA SER E 826 -56.38 18.31 -19.92
C SER E 826 -56.01 17.20 -20.90
N TYR E 827 -56.87 16.19 -20.98
CA TYR E 827 -56.69 15.15 -22.00
C TYR E 827 -56.95 15.67 -23.41
N LYS E 828 -57.55 16.85 -23.55
CA LYS E 828 -57.91 17.39 -24.86
C LYS E 828 -56.74 18.10 -25.55
N LEU E 829 -55.54 18.03 -24.99
CA LEU E 829 -54.40 18.70 -25.61
C LEU E 829 -53.99 17.99 -26.91
N ASP E 830 -54.03 16.67 -26.91
CA ASP E 830 -53.44 15.89 -28.01
C ASP E 830 -54.01 16.24 -29.37
N PRO E 831 -55.33 16.26 -29.59
CA PRO E 831 -55.80 16.67 -30.92
C PRO E 831 -55.75 18.17 -31.13
N TYR E 832 -56.07 18.95 -30.09
CA TYR E 832 -56.22 20.40 -30.25
C TYR E 832 -54.92 21.04 -30.76
N VAL E 833 -53.80 20.73 -30.13
CA VAL E 833 -52.53 21.29 -30.55
C VAL E 833 -52.22 20.87 -31.98
N GLN E 834 -52.60 19.65 -32.36
CA GLN E 834 -52.51 19.29 -33.78
C GLN E 834 -53.48 20.11 -34.60
N ARG E 835 -54.75 20.12 -34.18
CA ARG E 835 -55.81 20.77 -34.95
C ARG E 835 -55.48 22.23 -35.18
N LEU E 836 -55.19 22.97 -34.10
CA LEU E 836 -54.81 24.37 -34.19
C LEU E 836 -53.68 24.53 -35.20
N ALA E 837 -52.65 23.70 -35.06
CA ALA E 837 -51.50 23.79 -35.96
C ALA E 837 -51.94 23.64 -37.40
N GLU E 838 -52.73 22.61 -37.69
CA GLU E 838 -53.22 22.39 -39.05
C GLU E 838 -54.03 23.60 -39.50
N THR E 839 -54.90 24.09 -38.62
CA THR E 839 -55.68 25.28 -38.94
C THR E 839 -54.76 26.43 -39.29
N VAL E 840 -53.77 26.68 -38.43
CA VAL E 840 -52.86 27.80 -38.68
C VAL E 840 -52.13 27.59 -39.98
N PHE E 841 -51.76 26.34 -40.29
CA PHE E 841 -51.06 26.07 -41.54
C PHE E 841 -51.93 26.47 -42.71
N ASN E 842 -53.21 26.11 -42.66
CA ASN E 842 -54.12 26.54 -43.72
C ASN E 842 -54.17 28.06 -43.77
N PHE E 843 -54.28 28.69 -42.60
CA PHE E 843 -54.35 30.15 -42.56
C PHE E 843 -53.08 30.78 -43.11
N GLN E 844 -51.97 30.05 -43.10
CA GLN E 844 -50.78 30.53 -43.80
C GLN E 844 -50.91 30.32 -45.29
N GLU E 845 -51.22 29.09 -45.71
CA GLU E 845 -51.06 28.70 -47.11
C GLU E 845 -51.97 29.52 -48.00
N LYS E 846 -53.24 29.67 -47.60
CA LYS E 846 -54.18 30.48 -48.37
C LYS E 846 -53.65 31.89 -48.53
N VAL E 847 -53.12 32.47 -47.45
CA VAL E 847 -52.57 33.82 -47.55
C VAL E 847 -51.39 33.83 -48.51
N ASP E 848 -50.58 32.77 -48.48
CA ASP E 848 -49.44 32.71 -49.39
C ASP E 848 -49.88 32.67 -50.84
N ASP E 849 -51.11 32.24 -51.12
CA ASP E 849 -51.60 32.30 -52.49
C ASP E 849 -51.97 33.72 -52.90
N LEU E 850 -52.49 34.53 -51.98
CA LEU E 850 -53.02 35.83 -52.36
C LEU E 850 -51.91 36.83 -52.66
N LEU E 851 -50.82 36.80 -51.91
CA LEU E 851 -49.75 37.76 -52.07
C LEU E 851 -48.85 37.38 -53.23
N GLN F 465 -42.33 -21.97 -27.77
CA GLN F 465 -41.34 -21.45 -28.70
C GLN F 465 -41.43 -22.19 -30.03
N MET F 466 -41.57 -23.52 -29.96
CA MET F 466 -41.70 -24.31 -31.18
C MET F 466 -42.97 -23.94 -31.94
N ARG F 467 -44.08 -23.75 -31.22
CA ARG F 467 -45.34 -23.43 -31.89
C ARG F 467 -45.28 -22.09 -32.61
N LYS F 468 -44.67 -21.08 -31.97
CA LYS F 468 -44.50 -19.78 -32.63
C LYS F 468 -43.63 -19.92 -33.88
N PHE F 469 -42.55 -20.71 -33.79
CA PHE F 469 -41.68 -20.91 -34.92
C PHE F 469 -42.46 -21.55 -36.07
N ARG F 470 -43.23 -22.59 -35.78
CA ARG F 470 -43.97 -23.24 -36.85
C ARG F 470 -45.06 -22.33 -37.42
N ARG F 471 -45.72 -21.56 -36.56
CA ARG F 471 -46.75 -20.63 -37.03
C ARG F 471 -46.18 -19.62 -37.99
N GLN F 472 -45.00 -19.08 -37.69
CA GLN F 472 -44.37 -18.12 -38.61
C GLN F 472 -43.87 -18.82 -39.87
N HIS F 473 -43.16 -19.94 -39.71
CA HIS F 473 -42.40 -20.50 -40.82
C HIS F 473 -43.29 -21.24 -41.80
N GLU F 474 -44.32 -21.95 -41.33
CA GLU F 474 -45.23 -22.60 -42.26
C GLU F 474 -45.96 -21.56 -43.10
N GLN F 475 -46.35 -20.45 -42.49
CA GLN F 475 -46.95 -19.34 -43.23
C GLN F 475 -45.98 -18.82 -44.28
N LEU F 476 -44.72 -18.58 -43.88
CA LEU F 476 -43.75 -18.03 -44.83
C LEU F 476 -43.51 -19.01 -45.98
N ARG F 477 -43.30 -20.28 -45.67
CA ARG F 477 -42.99 -21.25 -46.73
C ARG F 477 -44.18 -21.45 -47.65
N ALA F 478 -45.39 -21.51 -47.10
CA ALA F 478 -46.57 -21.71 -47.92
C ALA F 478 -46.83 -20.52 -48.83
N VAL F 479 -46.65 -19.29 -48.32
CA VAL F 479 -47.08 -18.11 -49.04
C VAL F 479 -46.00 -17.48 -49.90
N ILE F 480 -44.71 -17.71 -49.61
CA ILE F 480 -43.66 -17.12 -50.41
C ILE F 480 -43.65 -17.69 -51.82
N VAL F 481 -44.10 -18.94 -51.98
CA VAL F 481 -44.22 -19.48 -53.33
C VAL F 481 -45.29 -18.73 -54.11
N ARG F 482 -46.28 -18.17 -53.41
CA ARG F 482 -47.31 -17.37 -54.08
C ARG F 482 -46.70 -16.16 -54.76
N VAL F 483 -45.81 -15.44 -54.07
CA VAL F 483 -45.22 -14.23 -54.66
C VAL F 483 -44.11 -14.59 -55.64
N ALA F 517 -35.38 -18.96 -56.99
CA ALA F 517 -35.03 -20.34 -56.65
C ALA F 517 -34.01 -20.37 -55.52
N ASN F 518 -33.04 -19.45 -55.54
CA ASN F 518 -32.06 -19.37 -54.44
C ASN F 518 -32.82 -18.94 -53.18
N ALA F 519 -33.86 -18.11 -53.34
CA ALA F 519 -34.66 -17.64 -52.19
C ALA F 519 -35.36 -18.82 -51.51
N ILE F 520 -35.85 -19.78 -52.30
CA ILE F 520 -36.61 -20.93 -51.72
C ILE F 520 -35.61 -21.97 -51.22
N GLU F 521 -34.48 -22.14 -51.91
CA GLU F 521 -33.44 -23.06 -51.45
C GLU F 521 -32.90 -22.64 -50.10
N GLU F 522 -32.69 -21.35 -49.87
CA GLU F 522 -32.10 -20.89 -48.62
C GLU F 522 -33.10 -20.91 -47.46
N VAL F 523 -34.38 -20.64 -47.70
CA VAL F 523 -35.35 -20.81 -46.61
C VAL F 523 -35.50 -22.30 -46.26
N ASN F 524 -35.49 -23.17 -47.27
CA ASN F 524 -35.49 -24.60 -46.99
C ASN F 524 -34.23 -25.01 -46.26
N LEU F 525 -33.10 -24.38 -46.56
CA LEU F 525 -31.85 -24.66 -45.85
C LEU F 525 -31.97 -24.26 -44.39
N ALA F 526 -32.56 -23.10 -44.11
CA ALA F 526 -32.78 -22.69 -42.73
C ALA F 526 -33.67 -23.68 -42.00
N TYR F 527 -34.74 -24.14 -42.66
CA TYR F 527 -35.61 -25.13 -42.05
C TYR F 527 -34.87 -26.44 -41.81
N GLU F 528 -33.92 -26.77 -42.69
CA GLU F 528 -33.09 -27.95 -42.46
C GLU F 528 -32.22 -27.78 -41.22
N ASN F 529 -31.63 -26.59 -41.06
CA ASN F 529 -30.75 -26.38 -39.90
C ASN F 529 -31.52 -26.44 -38.60
N VAL F 530 -32.69 -25.80 -38.54
CA VAL F 530 -33.39 -25.73 -37.26
C VAL F 530 -33.92 -27.10 -36.85
N LYS F 531 -34.27 -27.95 -37.81
CA LYS F 531 -34.65 -29.32 -37.50
C LYS F 531 -33.41 -30.14 -37.18
N TRP F 546 -30.45 -24.72 -29.15
CA TRP F 546 -31.71 -24.24 -29.70
C TRP F 546 -31.66 -22.74 -29.95
N GLU F 547 -31.08 -22.01 -28.99
CA GLU F 547 -30.96 -20.56 -29.15
C GLU F 547 -30.08 -20.22 -30.35
N ALA F 548 -28.98 -20.95 -30.55
CA ALA F 548 -28.09 -20.67 -31.67
C ALA F 548 -28.78 -20.96 -32.99
N ALA F 549 -29.51 -22.08 -33.07
CA ALA F 549 -30.24 -22.40 -34.30
C ALA F 549 -31.31 -21.36 -34.58
N MET F 550 -32.02 -20.90 -33.55
CA MET F 550 -33.02 -19.86 -33.73
C MET F 550 -32.40 -18.57 -34.23
N LYS F 551 -31.27 -18.17 -33.64
CA LYS F 551 -30.63 -16.91 -34.05
C LYS F 551 -30.14 -17.00 -35.48
N ARG F 552 -29.55 -18.13 -35.86
CA ARG F 552 -29.09 -18.27 -37.24
C ARG F 552 -30.27 -18.28 -38.21
N TYR F 553 -31.38 -18.89 -37.80
CA TYR F 553 -32.58 -18.87 -38.63
C TYR F 553 -33.10 -17.45 -38.82
N ASP F 554 -33.14 -16.66 -37.74
CA ASP F 554 -33.56 -15.28 -37.87
C ASP F 554 -32.61 -14.50 -38.77
N GLU F 555 -31.31 -14.76 -38.65
CA GLU F 555 -30.35 -14.06 -39.49
C GLU F 555 -30.59 -14.37 -40.97
N ARG F 556 -30.76 -15.65 -41.31
CA ARG F 556 -30.97 -16.01 -42.71
C ARG F 556 -32.29 -15.46 -43.24
N ILE F 557 -33.36 -15.54 -42.45
CA ILE F 557 -34.66 -15.06 -42.91
C ILE F 557 -34.63 -13.54 -43.07
N ASP F 558 -33.96 -12.84 -42.15
CA ASP F 558 -34.05 -11.36 -42.22
C ASP F 558 -33.19 -10.93 -43.41
N ARG F 559 -32.13 -11.68 -43.71
CA ARG F 559 -31.33 -11.38 -44.93
C ARG F 559 -32.24 -11.55 -46.16
N VAL F 560 -33.09 -12.59 -46.18
CA VAL F 560 -34.05 -12.77 -47.32
C VAL F 560 -34.97 -11.55 -47.34
N GLU F 561 -35.44 -11.10 -46.17
CA GLU F 561 -36.38 -9.96 -46.09
C GLU F 561 -35.74 -8.69 -46.64
N THR F 562 -34.45 -8.46 -46.34
CA THR F 562 -33.74 -7.26 -46.86
C THR F 562 -33.63 -7.35 -48.39
N ARG F 563 -33.36 -8.55 -48.92
CA ARG F 563 -33.31 -8.73 -50.41
C ARG F 563 -34.71 -8.45 -50.97
N ILE F 564 -35.75 -8.93 -50.28
CA ILE F 564 -37.16 -8.66 -50.73
C ILE F 564 -37.43 -7.16 -50.65
N THR F 565 -36.90 -6.48 -49.63
CA THR F 565 -37.08 -5.01 -49.47
C THR F 565 -36.43 -4.31 -50.67
N ALA F 566 -35.28 -4.80 -51.13
CA ALA F 566 -34.64 -4.21 -52.33
C ALA F 566 -35.58 -4.36 -53.53
N ARG F 567 -36.27 -5.50 -53.65
CA ARG F 567 -37.27 -5.68 -54.73
C ARG F 567 -38.41 -4.67 -54.56
N LEU F 568 -38.84 -4.42 -53.32
CA LEU F 568 -39.91 -3.42 -53.06
C LEU F 568 -39.39 -2.01 -53.38
N ARG F 569 -38.09 -1.78 -53.22
CA ARG F 569 -37.54 -0.50 -53.63
C ARG F 569 -37.55 -0.38 -55.15
N ASP F 570 -37.21 -1.47 -55.84
CA ASP F 570 -37.27 -1.47 -57.30
C ASP F 570 -38.68 -1.25 -57.81
N GLN F 571 -39.69 -1.58 -57.00
CA GLN F 571 -41.09 -1.29 -57.35
C GLN F 571 -41.25 0.19 -57.70
N LEU F 572 -40.99 1.08 -56.73
CA LEU F 572 -41.04 2.50 -57.03
C LEU F 572 -39.99 2.91 -58.04
N GLY F 573 -38.86 2.18 -58.09
CA GLY F 573 -37.85 2.50 -59.09
C GLY F 573 -38.36 2.40 -60.51
N THR F 574 -39.19 1.41 -60.80
CA THR F 574 -39.60 1.14 -62.17
C THR F 574 -40.70 2.09 -62.64
N ALA F 575 -41.85 2.02 -61.99
CA ALA F 575 -43.07 2.59 -62.55
C ALA F 575 -43.20 4.07 -62.21
N LYS F 576 -44.08 4.75 -62.97
CA LYS F 576 -44.41 6.15 -62.79
C LYS F 576 -45.85 6.37 -62.35
N ASN F 577 -46.81 5.72 -62.99
CA ASN F 577 -48.22 5.91 -62.70
C ASN F 577 -48.68 4.94 -61.62
N ALA F 578 -49.87 5.22 -61.08
CA ALA F 578 -50.40 4.42 -59.98
C ALA F 578 -50.69 2.99 -60.42
N ASN F 579 -51.19 2.81 -61.64
CA ASN F 579 -51.72 1.50 -62.05
C ASN F 579 -50.63 0.43 -62.07
N GLU F 580 -49.43 0.77 -62.56
CA GLU F 580 -48.37 -0.22 -62.63
C GLU F 580 -47.86 -0.58 -61.24
N MET F 581 -47.74 0.40 -60.35
CA MET F 581 -47.36 0.09 -58.98
C MET F 581 -48.42 -0.76 -58.30
N PHE F 582 -49.69 -0.53 -58.64
CA PHE F 582 -50.77 -1.38 -58.12
C PHE F 582 -50.63 -2.80 -58.65
N ARG F 583 -50.26 -2.95 -59.92
CA ARG F 583 -50.05 -4.29 -60.46
C ARG F 583 -48.93 -5.01 -59.72
N ILE F 584 -47.84 -4.29 -59.44
CA ILE F 584 -46.74 -4.92 -58.71
C ILE F 584 -47.16 -5.23 -57.28
N PHE F 585 -47.99 -4.38 -56.67
CA PHE F 585 -48.53 -4.68 -55.35
C PHE F 585 -49.38 -5.95 -55.36
N SER F 586 -50.21 -6.11 -56.39
CA SER F 586 -51.01 -7.32 -56.50
C SER F 586 -50.12 -8.55 -56.65
N ARG F 587 -49.03 -8.41 -57.39
CA ARG F 587 -48.09 -9.52 -57.51
C ARG F 587 -47.49 -9.91 -56.17
N PHE F 588 -47.44 -8.97 -55.21
CA PHE F 588 -46.79 -9.18 -53.91
C PHE F 588 -47.84 -9.21 -52.82
N ASN F 589 -48.22 -10.43 -52.42
CA ASN F 589 -49.14 -10.68 -51.32
C ASN F 589 -48.49 -11.39 -50.14
N ALA F 590 -47.41 -12.14 -50.39
CA ALA F 590 -46.78 -12.96 -49.34
C ALA F 590 -46.26 -12.12 -48.19
N LEU F 591 -45.95 -10.85 -48.44
CA LEU F 591 -45.15 -10.04 -47.53
C LEU F 591 -45.97 -9.17 -46.60
N PHE F 592 -47.29 -9.10 -46.78
CA PHE F 592 -48.11 -8.29 -45.88
C PHE F 592 -48.07 -8.86 -44.46
N VAL F 593 -48.09 -10.18 -44.32
CA VAL F 593 -48.10 -10.79 -42.99
C VAL F 593 -46.79 -10.50 -42.27
N ARG F 594 -45.68 -10.47 -43.00
CA ARG F 594 -44.38 -10.31 -42.36
C ARG F 594 -44.23 -8.88 -41.86
N PRO F 595 -44.01 -8.63 -40.55
CA PRO F 595 -43.88 -7.24 -40.09
C PRO F 595 -42.46 -6.71 -40.19
N HIS F 596 -41.78 -6.99 -41.30
CA HIS F 596 -40.56 -6.33 -41.72
C HIS F 596 -40.73 -5.63 -43.04
N ILE F 597 -41.45 -6.28 -43.97
CA ILE F 597 -41.84 -5.64 -45.21
C ILE F 597 -42.86 -4.53 -44.97
N ARG F 598 -43.51 -4.53 -43.80
CA ARG F 598 -44.53 -3.52 -43.54
C ARG F 598 -43.97 -2.11 -43.60
N GLY F 599 -42.67 -1.93 -43.33
CA GLY F 599 -42.08 -0.62 -43.49
C GLY F 599 -41.96 -0.20 -44.94
N ALA F 600 -41.39 -1.08 -45.78
CA ALA F 600 -41.29 -0.78 -47.20
C ALA F 600 -42.65 -0.68 -47.84
N ILE F 601 -43.64 -1.38 -47.28
CA ILE F 601 -45.02 -1.35 -47.83
C ILE F 601 -45.73 -0.08 -47.35
N ARG F 602 -45.52 0.30 -46.10
CA ARG F 602 -46.16 1.52 -45.52
C ARG F 602 -45.69 2.76 -46.28
N GLU F 603 -44.44 2.78 -46.72
CA GLU F 603 -43.92 4.02 -47.36
C GLU F 603 -44.77 4.39 -48.57
N TYR F 604 -45.04 3.46 -49.49
CA TYR F 604 -45.96 3.80 -50.57
C TYR F 604 -47.43 3.67 -50.19
N GLN F 605 -47.75 3.09 -49.03
CA GLN F 605 -49.15 2.92 -48.67
C GLN F 605 -49.85 4.26 -48.53
N THR F 606 -49.22 5.22 -47.87
CA THR F 606 -49.80 6.55 -47.79
C THR F 606 -49.94 7.16 -49.17
N GLN F 607 -48.88 7.05 -49.99
CA GLN F 607 -48.87 7.68 -51.31
C GLN F 607 -50.01 7.18 -52.17
N LEU F 608 -50.36 5.91 -52.04
CA LEU F 608 -51.37 5.30 -52.90
C LEU F 608 -52.77 5.32 -52.29
N ILE F 609 -52.88 5.16 -50.98
CA ILE F 609 -54.19 5.25 -50.33
C ILE F 609 -54.72 6.68 -50.41
N GLN F 610 -53.85 7.68 -50.25
CA GLN F 610 -54.29 9.05 -50.40
C GLN F 610 -54.64 9.36 -51.86
N ARG F 611 -53.93 8.75 -52.80
CA ARG F 611 -54.24 8.96 -54.21
C ARG F 611 -55.63 8.42 -54.54
N VAL F 612 -55.92 7.18 -54.13
CA VAL F 612 -57.24 6.62 -54.43
C VAL F 612 -58.32 7.35 -53.63
N LYS F 613 -57.99 7.86 -52.43
CA LYS F 613 -58.94 8.67 -51.69
C LYS F 613 -59.29 9.94 -52.46
N ASP F 614 -58.29 10.61 -53.02
CA ASP F 614 -58.56 11.78 -53.84
C ASP F 614 -59.37 11.42 -55.08
N ASP F 615 -59.06 10.27 -55.69
CA ASP F 615 -59.79 9.83 -56.87
C ASP F 615 -61.27 9.58 -56.54
N ILE F 616 -61.54 8.99 -55.38
CA ILE F 616 -62.93 8.77 -54.97
C ILE F 616 -63.62 10.11 -54.75
N TYR F 661 -63.10 0.91 -57.68
CA TYR F 661 -62.28 1.62 -56.70
C TYR F 661 -62.14 0.82 -55.41
N MET F 662 -63.09 -0.06 -55.11
CA MET F 662 -62.91 -0.95 -53.96
C MET F 662 -61.73 -1.88 -54.18
N LYS F 663 -61.63 -2.44 -55.39
CA LYS F 663 -60.44 -3.23 -55.75
C LYS F 663 -59.19 -2.36 -55.74
N ARG F 664 -59.29 -1.14 -56.25
CA ARG F 664 -58.18 -0.19 -56.28
C ARG F 664 -57.71 0.20 -54.88
N VAL F 665 -58.56 0.08 -53.87
CA VAL F 665 -58.18 0.35 -52.49
C VAL F 665 -57.64 -0.90 -51.81
N GLU F 666 -58.24 -2.06 -52.10
CA GLU F 666 -57.84 -3.30 -51.43
C GLU F 666 -56.41 -3.68 -51.79
N ASP F 667 -56.02 -3.45 -53.04
CA ASP F 667 -54.78 -4.04 -53.56
C ASP F 667 -53.53 -3.50 -52.86
N VAL F 668 -53.60 -2.29 -52.28
CA VAL F 668 -52.46 -1.69 -51.61
C VAL F 668 -52.49 -1.88 -50.10
N LEU F 669 -53.60 -2.41 -49.56
CA LEU F 669 -53.70 -2.77 -48.15
C LEU F 669 -53.81 -4.27 -47.92
N GLY F 670 -53.93 -5.07 -48.98
CA GLY F 670 -53.85 -6.51 -48.85
C GLY F 670 -55.17 -7.15 -48.46
N LYS F 671 -55.16 -8.48 -48.46
CA LYS F 671 -56.32 -9.25 -48.04
C LYS F 671 -56.59 -9.01 -46.56
N GLY F 672 -57.88 -9.04 -46.19
CA GLY F 672 -58.25 -8.75 -44.82
C GLY F 672 -57.99 -7.32 -44.41
N TRP F 673 -58.39 -6.35 -45.25
CA TRP F 673 -58.13 -4.94 -44.95
C TRP F 673 -58.95 -4.44 -43.77
N GLU F 674 -59.95 -5.22 -43.32
CA GLU F 674 -60.84 -4.75 -42.26
C GLU F 674 -60.12 -4.49 -40.95
N ASN F 675 -58.97 -5.12 -40.73
CA ASN F 675 -58.22 -4.89 -39.50
C ASN F 675 -57.49 -3.55 -39.50
N HIS F 676 -57.05 -3.08 -40.67
CA HIS F 676 -56.22 -1.89 -40.74
C HIS F 676 -57.01 -0.65 -40.34
N VAL F 677 -56.32 0.29 -39.69
CA VAL F 677 -56.99 1.48 -39.16
C VAL F 677 -57.42 2.40 -40.29
N GLU F 678 -56.58 2.58 -41.30
CA GLU F 678 -56.92 3.47 -42.40
C GLU F 678 -58.02 2.89 -43.28
N GLY F 679 -58.06 1.57 -43.41
CA GLY F 679 -59.09 0.95 -44.23
C GLY F 679 -60.47 0.97 -43.58
N GLN F 680 -60.52 1.09 -42.26
CA GLN F 680 -61.80 1.06 -41.56
C GLN F 680 -62.67 2.26 -41.92
N LYS F 681 -62.06 3.39 -42.26
CA LYS F 681 -62.83 4.57 -42.66
C LYS F 681 -63.23 4.44 -44.12
N LYS G 264 2.94 10.80 -42.66
CA LYS G 264 3.03 12.21 -42.36
C LYS G 264 1.75 12.95 -42.74
N LEU G 265 1.28 13.79 -41.82
CA LEU G 265 0.13 14.66 -42.06
C LEU G 265 0.64 16.07 -42.34
N SER G 266 0.13 16.67 -43.42
CA SER G 266 0.59 17.97 -43.89
C SER G 266 -0.60 18.91 -44.05
N LEU G 267 -0.46 20.13 -43.54
CA LEU G 267 -1.46 21.16 -43.72
C LEU G 267 -1.69 21.44 -45.20
N ASN G 268 -2.96 21.53 -45.59
CA ASN G 268 -3.34 21.81 -46.97
C ASN G 268 -4.10 23.12 -47.12
N ARG G 269 -5.24 23.28 -46.45
CA ARG G 269 -6.10 24.46 -46.60
C ARG G 269 -6.83 24.74 -45.30
N GLN G 270 -6.71 25.97 -44.81
CA GLN G 270 -7.61 26.49 -43.79
C GLN G 270 -8.80 27.13 -44.49
N PHE G 271 -10.00 26.81 -44.02
CA PHE G 271 -11.24 27.42 -44.48
C PHE G 271 -11.85 28.16 -43.31
N PHE G 272 -12.14 29.45 -43.52
CA PHE G 272 -12.62 30.31 -42.45
C PHE G 272 -13.12 31.62 -43.03
N ASP G 273 -14.34 32.02 -42.66
CA ASP G 273 -14.94 33.26 -43.12
C ASP G 273 -15.01 34.24 -41.96
N GLU G 274 -14.66 35.50 -42.22
CA GLU G 274 -14.68 36.50 -41.18
C GLU G 274 -16.09 36.73 -40.65
N ARG G 275 -17.05 36.88 -41.56
CA ARG G 275 -18.40 37.24 -41.14
C ARG G 275 -19.12 36.07 -40.50
N TRP G 276 -18.97 34.87 -41.07
CA TRP G 276 -19.88 33.76 -40.81
C TRP G 276 -19.33 32.82 -39.74
N SER G 277 -18.17 32.23 -39.97
CA SER G 277 -17.68 31.17 -39.10
C SER G 277 -17.04 31.68 -37.81
N LYS G 278 -16.82 32.99 -37.68
CA LYS G 278 -16.15 33.49 -36.49
C LYS G 278 -17.07 33.33 -35.28
N HIS G 279 -16.48 32.99 -34.14
CA HIS G 279 -17.21 32.79 -32.89
C HIS G 279 -18.29 31.72 -33.03
N ARG G 280 -18.02 30.72 -33.87
CA ARG G 280 -18.99 29.62 -34.11
C ARG G 280 -18.24 28.30 -34.23
N VAL G 281 -18.54 27.32 -33.38
CA VAL G 281 -17.90 25.98 -33.47
C VAL G 281 -18.46 25.24 -34.70
N VAL G 282 -17.70 24.30 -35.24
CA VAL G 282 -18.23 23.49 -36.38
C VAL G 282 -19.01 22.34 -35.76
N SER G 283 -20.32 22.25 -36.04
CA SER G 283 -21.15 21.21 -35.39
C SER G 283 -21.06 19.91 -36.18
N CYS G 284 -20.80 20.01 -37.50
CA CYS G 284 -20.70 18.82 -38.33
C CYS G 284 -20.07 19.18 -39.66
N LEU G 285 -19.40 18.20 -40.25
CA LEU G 285 -18.85 18.28 -41.58
C LEU G 285 -19.39 17.14 -42.43
N ASP G 286 -19.35 17.31 -43.74
CA ASP G 286 -19.67 16.22 -44.63
C ASP G 286 -19.16 16.55 -46.02
N TRP G 287 -18.74 15.52 -46.74
CA TRP G 287 -18.24 15.63 -48.10
C TRP G 287 -19.29 15.10 -49.07
N SER G 288 -19.47 15.79 -50.18
CA SER G 288 -20.41 15.32 -51.19
C SER G 288 -19.89 14.04 -51.83
N SER G 289 -20.81 13.26 -52.38
CA SER G 289 -20.47 11.99 -53.00
C SER G 289 -20.08 12.14 -54.46
N GLN G 290 -20.83 12.93 -55.22
CA GLN G 290 -20.61 13.05 -56.65
C GLN G 290 -19.66 14.18 -57.00
N TYR G 291 -19.65 15.24 -56.20
CA TYR G 291 -18.69 16.33 -56.34
C TYR G 291 -17.78 16.28 -55.12
N PRO G 292 -16.74 15.44 -55.12
CA PRO G 292 -15.97 15.25 -53.89
C PRO G 292 -15.26 16.49 -53.41
N GLU G 293 -15.01 17.46 -54.29
CA GLU G 293 -14.32 18.67 -53.88
C GLU G 293 -15.15 19.48 -52.88
N LEU G 294 -16.47 19.33 -52.89
CA LEU G 294 -17.31 20.11 -52.00
C LEU G 294 -17.25 19.57 -50.58
N LEU G 295 -17.56 20.44 -49.63
CA LEU G 295 -17.58 20.07 -48.21
C LEU G 295 -18.56 21.00 -47.50
N VAL G 296 -19.70 20.47 -47.10
CA VAL G 296 -20.64 21.23 -46.29
C VAL G 296 -20.17 21.19 -44.85
N ALA G 297 -20.34 22.31 -44.14
CA ALA G 297 -19.98 22.39 -42.75
C ALA G 297 -21.01 23.25 -42.04
N SER G 298 -21.66 22.70 -41.03
CA SER G 298 -22.64 23.44 -40.24
C SER G 298 -21.97 24.14 -39.07
N TYR G 299 -22.69 25.11 -38.51
CA TYR G 299 -22.18 25.91 -37.41
C TYR G 299 -23.33 26.24 -36.48
N ASN G 300 -23.00 26.73 -35.29
CA ASN G 300 -23.99 27.02 -34.26
C ASN G 300 -24.22 28.53 -34.21
N ASN G 301 -25.04 28.96 -33.25
CA ASN G 301 -25.30 30.38 -33.07
C ASN G 301 -24.08 31.12 -32.56
N ASN G 302 -23.84 32.30 -33.11
CA ASN G 302 -22.82 33.20 -32.59
C ASN G 302 -23.36 33.86 -31.33
N GLU G 303 -22.65 33.68 -30.21
CA GLU G 303 -23.13 34.21 -28.94
C GLU G 303 -23.16 35.74 -28.95
N ASP G 304 -22.11 36.37 -29.50
CA ASP G 304 -21.96 37.81 -29.35
C ASP G 304 -23.02 38.58 -30.15
N ALA G 305 -23.24 38.18 -31.40
CA ALA G 305 -24.07 38.94 -32.32
C ALA G 305 -25.45 38.30 -32.43
N PRO G 306 -26.47 38.75 -31.69
CA PRO G 306 -27.81 38.18 -31.89
C PRO G 306 -28.38 38.47 -33.26
N HIS G 307 -27.97 39.55 -33.92
CA HIS G 307 -28.58 39.91 -35.20
C HIS G 307 -28.23 38.90 -36.29
N GLU G 308 -27.08 38.25 -36.21
CA GLU G 308 -26.73 37.26 -37.20
C GLU G 308 -27.62 36.03 -37.06
N PRO G 309 -27.87 35.29 -38.15
CA PRO G 309 -28.66 34.06 -38.01
C PRO G 309 -27.99 33.06 -37.10
N ASP G 310 -28.81 32.32 -36.36
CA ASP G 310 -28.26 31.30 -35.46
C ASP G 310 -27.57 30.19 -36.24
N GLY G 311 -28.26 29.61 -37.20
CA GLY G 311 -27.72 28.49 -37.95
C GLY G 311 -27.06 28.96 -39.22
N VAL G 312 -25.88 28.44 -39.49
CA VAL G 312 -25.15 28.71 -40.72
C VAL G 312 -24.63 27.39 -41.25
N ALA G 313 -24.55 27.28 -42.58
CA ALA G 313 -24.01 26.10 -43.24
C ALA G 313 -23.28 26.56 -44.49
N LEU G 314 -21.98 26.32 -44.54
CA LEU G 314 -21.14 26.79 -45.63
C LEU G 314 -20.65 25.59 -46.43
N VAL G 315 -20.88 25.62 -47.73
CA VAL G 315 -20.37 24.60 -48.64
C VAL G 315 -19.12 25.18 -49.27
N TRP G 316 -17.96 24.66 -48.85
CA TRP G 316 -16.66 25.07 -49.35
C TRP G 316 -16.25 24.16 -50.50
N ASN G 317 -15.32 24.66 -51.32
CA ASN G 317 -14.86 23.96 -52.51
C ASN G 317 -13.35 23.91 -52.51
N MET G 318 -12.80 22.72 -52.67
CA MET G 318 -11.36 22.52 -52.68
C MET G 318 -10.72 22.77 -54.04
N LYS G 319 -11.50 22.67 -55.13
CA LYS G 319 -10.93 22.79 -56.46
C LYS G 319 -10.31 24.17 -56.67
N TYR G 320 -11.06 25.22 -56.38
CA TYR G 320 -10.57 26.58 -56.54
C TYR G 320 -9.73 26.97 -55.34
N LYS G 321 -9.02 28.09 -55.48
CA LYS G 321 -8.22 28.65 -54.40
C LYS G 321 -8.94 29.75 -53.64
N LYS G 322 -10.23 29.98 -53.92
CA LYS G 322 -10.93 31.09 -53.30
C LYS G 322 -11.12 30.79 -51.82
N THR G 323 -10.78 31.77 -50.98
CA THR G 323 -10.92 31.58 -49.54
C THR G 323 -12.39 31.53 -49.12
N THR G 324 -13.26 32.22 -49.85
CA THR G 324 -14.66 32.33 -49.43
C THR G 324 -15.42 31.02 -49.72
N PRO G 325 -16.56 30.81 -49.08
CA PRO G 325 -17.34 29.60 -49.35
C PRO G 325 -17.94 29.62 -50.74
N GLU G 326 -18.11 28.43 -51.32
CA GLU G 326 -18.76 28.32 -52.61
C GLU G 326 -20.23 28.68 -52.49
N TYR G 327 -20.92 28.11 -51.51
CA TYR G 327 -22.27 28.53 -51.16
C TYR G 327 -22.37 28.79 -49.67
N VAL G 328 -23.28 29.67 -49.31
CA VAL G 328 -23.57 29.99 -47.92
C VAL G 328 -25.07 29.88 -47.69
N PHE G 329 -25.45 29.25 -46.58
CA PHE G 329 -26.84 29.11 -46.19
C PHE G 329 -26.95 29.44 -44.73
N HIS G 330 -28.16 29.83 -44.31
CA HIS G 330 -28.39 30.05 -42.90
C HIS G 330 -29.87 29.82 -42.61
N CYS G 331 -30.16 29.56 -41.34
CA CYS G 331 -31.52 29.29 -40.89
C CYS G 331 -31.68 29.75 -39.46
N GLN G 332 -32.94 29.77 -39.01
CA GLN G 332 -33.30 30.49 -37.79
C GLN G 332 -32.65 29.91 -36.54
N SER G 333 -32.33 28.61 -36.55
CA SER G 333 -31.81 27.91 -35.37
C SER G 333 -30.49 27.24 -35.69
N ALA G 334 -29.68 27.05 -34.64
CA ALA G 334 -28.32 26.55 -34.81
C ALA G 334 -28.32 25.17 -35.45
N VAL G 335 -27.55 25.03 -36.53
CA VAL G 335 -27.45 23.76 -37.23
C VAL G 335 -26.49 22.86 -36.48
N MET G 336 -26.89 21.61 -36.28
CA MET G 336 -26.10 20.63 -35.55
C MET G 336 -25.77 19.40 -36.37
N SER G 337 -26.46 19.18 -37.48
CA SER G 337 -26.09 18.17 -38.46
C SER G 337 -26.27 18.75 -39.83
N ALA G 338 -25.47 18.28 -40.78
CA ALA G 338 -25.56 18.75 -42.15
C ALA G 338 -25.06 17.64 -43.06
N THR G 339 -25.74 17.48 -44.19
CA THR G 339 -25.42 16.35 -45.06
C THR G 339 -25.94 16.64 -46.46
N PHE G 340 -25.09 16.39 -47.45
CA PHE G 340 -25.55 16.39 -48.81
C PHE G 340 -26.54 15.25 -49.01
N ALA G 341 -27.65 15.56 -49.66
CA ALA G 341 -28.60 14.52 -50.01
C ALA G 341 -27.90 13.54 -50.94
N LYS G 342 -27.72 12.31 -50.50
CA LYS G 342 -26.79 11.40 -51.17
C LYS G 342 -27.23 11.07 -52.60
N PHE G 343 -28.50 11.30 -52.95
CA PHE G 343 -28.97 11.07 -54.32
C PHE G 343 -29.78 12.26 -54.81
N HIS G 344 -29.40 13.46 -54.38
CA HIS G 344 -30.00 14.70 -54.88
C HIS G 344 -28.93 15.78 -54.79
N PRO G 345 -28.12 15.95 -55.83
CA PRO G 345 -26.92 16.80 -55.69
C PRO G 345 -27.24 18.26 -55.43
N ASN G 346 -28.45 18.72 -55.71
CA ASN G 346 -28.81 20.12 -55.59
C ASN G 346 -29.27 20.49 -54.18
N LEU G 347 -29.19 19.57 -53.23
CA LEU G 347 -29.82 19.70 -51.92
C LEU G 347 -28.77 19.56 -50.83
N VAL G 348 -29.07 20.20 -49.70
CA VAL G 348 -28.24 20.11 -48.49
C VAL G 348 -29.20 20.10 -47.31
N VAL G 349 -29.29 18.96 -46.62
CA VAL G 349 -30.18 18.80 -45.49
C VAL G 349 -29.41 19.19 -44.24
N GLY G 350 -30.11 19.69 -43.24
CA GLY G 350 -29.49 19.94 -41.95
C GLY G 350 -30.50 19.88 -40.83
N GLY G 351 -30.03 19.49 -39.65
CA GLY G 351 -30.84 19.54 -38.46
C GLY G 351 -30.81 20.91 -37.84
N THR G 352 -31.46 21.03 -36.71
CA THR G 352 -31.43 22.27 -35.95
C THR G 352 -31.56 21.95 -34.48
N TYR G 353 -31.10 22.89 -33.64
CA TYR G 353 -31.31 22.74 -32.21
C TYR G 353 -32.79 22.73 -31.88
N SER G 354 -33.58 23.50 -32.64
CA SER G 354 -35.02 23.51 -32.43
C SER G 354 -35.68 22.19 -32.81
N GLY G 355 -34.97 21.30 -33.48
CA GLY G 355 -35.52 20.00 -33.80
C GLY G 355 -36.37 20.07 -35.04
N GLN G 356 -35.76 20.45 -36.15
CA GLN G 356 -36.51 20.83 -37.35
C GLN G 356 -35.57 20.71 -38.53
N ILE G 357 -35.79 19.72 -39.39
CA ILE G 357 -34.97 19.56 -40.57
C ILE G 357 -35.21 20.73 -41.51
N VAL G 358 -34.12 21.29 -42.03
CA VAL G 358 -34.16 22.37 -43.01
C VAL G 358 -33.42 21.90 -44.25
N LEU G 359 -34.04 22.09 -45.40
CA LEU G 359 -33.50 21.67 -46.68
C LEU G 359 -33.13 22.91 -47.49
N TRP G 360 -31.88 22.98 -47.92
CA TRP G 360 -31.38 24.09 -48.73
C TRP G 360 -31.18 23.60 -50.15
N ASP G 361 -31.75 24.32 -51.11
CA ASP G 361 -31.55 24.05 -52.52
C ASP G 361 -30.51 25.02 -53.04
N ASN G 362 -29.42 24.49 -53.61
CA ASN G 362 -28.39 25.37 -54.14
C ASN G 362 -28.84 26.06 -55.41
N ARG G 363 -29.66 25.39 -56.23
CA ARG G 363 -30.16 26.02 -57.45
C ARG G 363 -31.01 27.24 -57.13
N SER G 364 -31.90 27.12 -56.14
CA SER G 364 -32.67 28.27 -55.69
C SER G 364 -31.73 29.31 -55.10
N ASN G 365 -32.09 30.58 -55.29
CA ASN G 365 -31.25 31.68 -54.84
C ASN G 365 -31.47 32.04 -53.38
N LYS G 366 -32.26 31.26 -52.64
CA LYS G 366 -32.60 31.58 -51.26
C LYS G 366 -31.61 30.90 -50.32
N ARG G 367 -30.90 31.71 -49.54
CA ARG G 367 -30.14 31.17 -48.41
C ARG G 367 -31.07 30.65 -47.33
N THR G 368 -32.28 31.17 -47.25
CA THR G 368 -33.29 30.64 -46.35
C THR G 368 -33.67 29.22 -46.80
N PRO G 369 -34.03 28.33 -45.88
CA PRO G 369 -34.45 26.99 -46.32
C PRO G 369 -35.67 27.04 -47.22
N VAL G 370 -35.65 26.23 -48.27
CA VAL G 370 -36.81 26.15 -49.16
C VAL G 370 -37.93 25.35 -48.50
N GLN G 371 -37.59 24.27 -47.82
CA GLN G 371 -38.54 23.44 -47.08
C GLN G 371 -38.06 23.29 -45.66
N ARG G 372 -39.00 23.01 -44.77
CA ARG G 372 -38.69 22.96 -43.35
C ARG G 372 -39.72 22.06 -42.67
N THR G 373 -39.24 21.14 -41.85
CA THR G 373 -40.12 20.18 -41.21
C THR G 373 -40.91 20.84 -40.09
N PRO G 374 -42.01 20.24 -39.65
CA PRO G 374 -42.78 20.84 -38.56
C PRO G 374 -42.02 20.81 -37.25
N LEU G 375 -42.68 21.33 -36.22
CA LEU G 375 -42.24 21.19 -34.83
C LEU G 375 -43.34 20.55 -33.98
N SER G 376 -44.18 19.74 -34.60
CA SER G 376 -45.27 19.08 -33.89
C SER G 376 -44.74 17.88 -33.12
N ALA G 377 -45.64 17.20 -32.41
CA ALA G 377 -45.24 16.02 -31.66
C ALA G 377 -44.79 14.90 -32.60
N ALA G 378 -45.50 14.73 -33.72
CA ALA G 378 -45.13 13.66 -34.65
C ALA G 378 -43.75 13.90 -35.24
N ALA G 379 -43.44 15.14 -35.61
CA ALA G 379 -42.13 15.49 -36.12
C ALA G 379 -41.16 15.68 -34.96
N HIS G 380 -39.92 16.03 -35.28
CA HIS G 380 -38.91 16.25 -34.26
C HIS G 380 -39.19 17.53 -33.49
N THR G 381 -38.84 17.53 -32.21
CA THR G 381 -38.90 18.70 -31.34
C THR G 381 -37.61 18.95 -30.60
N HIS G 382 -36.91 17.90 -30.18
CA HIS G 382 -35.61 18.03 -29.54
C HIS G 382 -34.54 18.16 -30.60
N PRO G 383 -33.31 18.54 -30.23
CA PRO G 383 -32.27 18.74 -31.24
C PRO G 383 -31.99 17.49 -32.04
N VAL G 384 -31.69 17.70 -33.33
CA VAL G 384 -31.50 16.61 -34.29
C VAL G 384 -30.04 16.62 -34.69
N TYR G 385 -29.24 15.80 -34.03
CA TYR G 385 -27.81 15.73 -34.27
C TYR G 385 -27.42 14.74 -35.35
N CYS G 386 -28.35 13.91 -35.83
CA CYS G 386 -28.05 12.88 -36.82
C CYS G 386 -29.11 12.94 -37.91
N VAL G 387 -28.66 13.22 -39.14
CA VAL G 387 -29.49 13.16 -40.33
C VAL G 387 -28.69 12.47 -41.41
N ASN G 388 -29.33 11.59 -42.17
CA ASN G 388 -28.61 10.87 -43.20
C ASN G 388 -29.58 10.29 -44.21
N VAL G 389 -29.20 10.29 -45.48
CA VAL G 389 -29.99 9.67 -46.53
C VAL G 389 -29.53 8.22 -46.68
N VAL G 390 -30.48 7.29 -46.68
CA VAL G 390 -30.19 5.87 -46.76
C VAL G 390 -31.15 5.24 -47.76
N GLY G 391 -30.62 4.39 -48.62
CA GLY G 391 -31.38 3.69 -49.63
C GLY G 391 -30.63 3.72 -50.95
N THR G 392 -31.32 3.28 -52.00
CA THR G 392 -30.79 3.29 -53.36
C THR G 392 -31.35 4.49 -54.11
N GLN G 393 -30.75 4.77 -55.27
CA GLN G 393 -31.21 5.89 -56.07
C GLN G 393 -32.65 5.72 -56.52
N ASN G 394 -33.07 4.47 -56.70
CA ASN G 394 -34.46 4.20 -57.02
C ASN G 394 -35.40 4.56 -55.87
N ALA G 395 -34.94 4.47 -54.63
CA ALA G 395 -35.75 4.86 -53.49
C ALA G 395 -34.89 5.02 -52.25
N HIS G 396 -35.03 6.16 -51.57
CA HIS G 396 -34.16 6.52 -50.46
C HIS G 396 -34.92 7.43 -49.52
N ASN G 397 -34.57 7.36 -48.24
CA ASN G 397 -35.27 8.09 -47.19
C ASN G 397 -34.27 8.85 -46.35
N LEU G 398 -34.72 9.99 -45.83
CA LEU G 398 -33.92 10.81 -44.93
C LEU G 398 -34.27 10.38 -43.51
N ILE G 399 -33.36 9.67 -42.87
CA ILE G 399 -33.54 9.23 -41.49
C ILE G 399 -32.92 10.28 -40.60
N SER G 400 -33.67 10.70 -39.59
CA SER G 400 -33.22 11.69 -38.62
C SER G 400 -33.49 11.19 -37.22
N ILE G 401 -32.55 11.40 -36.32
CA ILE G 401 -32.68 10.95 -34.94
C ILE G 401 -32.38 12.11 -34.02
N SER G 402 -33.33 12.43 -33.16
CA SER G 402 -33.18 13.51 -32.20
C SER G 402 -32.52 13.00 -30.93
N THR G 403 -32.26 13.93 -30.01
CA THR G 403 -31.72 13.56 -28.71
C THR G 403 -32.77 13.03 -27.76
N ASP G 404 -34.04 12.96 -28.18
CA ASP G 404 -35.09 12.34 -27.40
C ASP G 404 -35.41 10.93 -27.88
N GLY G 405 -34.58 10.36 -28.75
CA GLY G 405 -34.76 9.00 -29.18
C GLY G 405 -35.72 8.81 -30.33
N LYS G 406 -36.49 9.85 -30.64
CA LYS G 406 -37.38 9.83 -31.82
C LYS G 406 -36.57 9.73 -33.11
N ILE G 407 -36.93 8.77 -33.96
CA ILE G 407 -36.27 8.64 -35.30
C ILE G 407 -37.40 8.75 -36.33
N CYS G 408 -37.28 9.68 -37.27
CA CYS G 408 -38.40 9.89 -38.23
C CYS G 408 -37.92 9.69 -39.66
N SER G 409 -38.62 8.85 -40.43
CA SER G 409 -38.28 8.70 -41.87
C SER G 409 -38.89 9.89 -42.61
N TRP G 410 -38.13 10.51 -43.52
CA TRP G 410 -38.62 11.70 -44.25
C TRP G 410 -38.33 11.54 -45.74
N SER G 411 -39.26 11.94 -46.60
CA SER G 411 -38.96 11.95 -48.02
C SER G 411 -38.42 13.32 -48.40
N LEU G 412 -37.39 13.34 -49.24
CA LEU G 412 -36.78 14.62 -49.60
C LEU G 412 -37.74 15.48 -50.42
N ASP G 413 -38.66 14.86 -51.17
CA ASP G 413 -39.58 15.64 -51.98
C ASP G 413 -40.53 16.46 -51.12
N MET G 414 -41.17 15.82 -50.15
CA MET G 414 -42.13 16.48 -49.26
C MET G 414 -41.68 16.28 -47.82
N LEU G 415 -41.61 17.38 -47.07
CA LEU G 415 -41.18 17.35 -45.68
C LEU G 415 -42.27 17.76 -44.70
N SER G 416 -43.46 18.15 -45.19
CA SER G 416 -44.50 18.61 -44.29
C SER G 416 -44.96 17.49 -43.37
N HIS G 417 -45.10 16.28 -43.93
CA HIS G 417 -45.58 15.10 -43.15
C HIS G 417 -44.45 14.09 -42.98
N PRO G 418 -44.20 13.51 -41.79
CA PRO G 418 -43.20 12.45 -41.64
C PRO G 418 -43.65 11.16 -42.34
N GLN G 419 -42.76 10.52 -43.12
CA GLN G 419 -43.12 9.23 -43.76
C GLN G 419 -43.40 8.19 -42.68
N ASP G 420 -42.55 8.12 -41.66
CA ASP G 420 -42.79 7.19 -40.53
C ASP G 420 -42.25 7.84 -39.26
N SER G 421 -42.91 7.65 -38.11
CA SER G 421 -42.38 8.18 -36.83
C SER G 421 -42.35 7.06 -35.79
N MET G 422 -41.20 6.84 -35.15
CA MET G 422 -41.13 5.83 -34.05
C MET G 422 -40.13 6.33 -32.99
N GLU G 423 -40.29 5.84 -31.75
CA GLU G 423 -39.38 6.26 -30.65
C GLU G 423 -38.37 5.14 -30.37
N LEU G 424 -37.19 5.48 -29.86
CA LEU G 424 -36.19 4.48 -29.52
C LEU G 424 -36.21 4.29 -28.01
N VAL G 425 -36.20 3.04 -27.57
CA VAL G 425 -36.31 2.72 -26.16
C VAL G 425 -35.59 1.39 -25.89
N HIS G 426 -35.14 1.23 -24.65
CA HIS G 426 -34.53 0.00 -24.19
C HIS G 426 -35.04 -0.27 -22.79
N LYS G 427 -35.03 -1.55 -22.39
CA LYS G 427 -35.55 -1.97 -21.09
C LYS G 427 -36.98 -1.48 -20.89
N GLN G 428 -37.85 -1.83 -21.85
CA GLN G 428 -39.21 -1.33 -21.91
C GLN G 428 -39.13 0.18 -22.03
N SER G 429 -39.48 0.96 -21.01
CA SER G 429 -39.58 2.42 -21.09
C SER G 429 -38.33 3.06 -20.49
N LYS G 430 -37.39 3.41 -21.37
CA LYS G 430 -36.27 4.27 -20.99
C LYS G 430 -35.81 4.91 -22.29
N ALA G 431 -35.91 6.24 -22.38
CA ALA G 431 -35.52 6.93 -23.59
C ALA G 431 -34.03 6.83 -23.82
N VAL G 432 -33.64 6.65 -25.07
CA VAL G 432 -32.24 6.60 -25.49
C VAL G 432 -31.90 7.92 -26.15
N ALA G 433 -31.02 8.69 -25.51
CA ALA G 433 -30.67 10.02 -25.97
C ALA G 433 -29.58 9.88 -27.03
N VAL G 434 -30.00 9.70 -28.27
CA VAL G 434 -29.06 9.42 -29.34
C VAL G 434 -28.23 10.67 -29.61
N THR G 435 -26.90 10.53 -29.52
CA THR G 435 -25.95 11.59 -29.79
C THR G 435 -25.24 11.43 -31.12
N SER G 436 -25.15 10.21 -31.64
CA SER G 436 -24.58 9.99 -32.96
C SER G 436 -25.18 8.73 -33.54
N MET G 437 -25.04 8.59 -34.86
CA MET G 437 -25.66 7.49 -35.57
C MET G 437 -24.88 7.22 -36.83
N SER G 438 -24.68 5.94 -37.13
CA SER G 438 -24.03 5.54 -38.35
C SER G 438 -24.75 4.32 -38.90
N PHE G 439 -24.42 3.94 -40.12
CA PHE G 439 -24.99 2.79 -40.79
C PHE G 439 -23.88 1.88 -41.30
N PRO G 440 -24.10 0.57 -41.40
CA PRO G 440 -23.12 -0.26 -42.11
C PRO G 440 -23.15 0.05 -43.60
N VAL G 441 -22.02 -0.23 -44.25
CA VAL G 441 -21.96 -0.05 -45.70
C VAL G 441 -22.88 -1.06 -46.37
N GLY G 442 -23.80 -0.56 -47.19
CA GLY G 442 -24.70 -1.41 -47.94
C GLY G 442 -25.90 -1.91 -47.16
N ASP G 443 -26.01 -1.60 -45.87
CA ASP G 443 -27.15 -2.01 -45.05
C ASP G 443 -28.06 -0.81 -44.87
N VAL G 444 -29.37 -1.03 -45.04
CA VAL G 444 -30.36 0.02 -44.98
C VAL G 444 -31.44 -0.27 -43.94
N ASN G 445 -31.19 -1.22 -43.04
CA ASN G 445 -32.12 -1.59 -41.98
C ASN G 445 -31.50 -1.58 -40.60
N ASN G 446 -30.24 -2.00 -40.49
CA ASN G 446 -29.52 -1.99 -39.22
C ASN G 446 -28.69 -0.70 -39.11
N PHE G 447 -28.60 -0.20 -37.88
CA PHE G 447 -27.74 0.95 -37.64
C PHE G 447 -27.33 0.93 -36.18
N VAL G 448 -26.31 1.71 -35.84
CA VAL G 448 -25.79 1.79 -34.49
C VAL G 448 -25.80 3.24 -34.05
N VAL G 449 -26.33 3.49 -32.86
CA VAL G 449 -26.51 4.83 -32.32
C VAL G 449 -25.84 4.89 -30.96
N GLY G 450 -24.95 5.86 -30.78
CA GLY G 450 -24.38 6.13 -29.48
C GLY G 450 -25.35 6.98 -28.68
N SER G 451 -25.28 6.84 -27.36
CA SER G 451 -26.19 7.52 -26.45
C SER G 451 -25.43 8.36 -25.44
N GLU G 452 -26.09 9.41 -24.97
CA GLU G 452 -25.54 10.21 -23.89
C GLU G 452 -25.33 9.39 -22.63
N GLU G 453 -26.06 8.28 -22.47
CA GLU G 453 -25.92 7.39 -21.33
C GLU G 453 -24.61 6.61 -21.35
N GLY G 454 -23.85 6.66 -22.44
CA GLY G 454 -22.64 5.89 -22.55
C GLY G 454 -22.80 4.52 -23.15
N SER G 455 -24.03 4.07 -23.41
CA SER G 455 -24.28 2.80 -24.06
C SER G 455 -24.41 3.01 -25.55
N VAL G 456 -24.07 1.97 -26.31
CA VAL G 456 -24.13 2.00 -27.76
C VAL G 456 -25.16 0.98 -28.20
N TYR G 457 -26.17 1.42 -28.94
CA TYR G 457 -27.34 0.61 -29.24
C TYR G 457 -27.37 0.24 -30.70
N THR G 458 -27.44 -1.05 -31.00
CA THR G 458 -27.72 -1.52 -32.34
C THR G 458 -29.23 -1.61 -32.49
N ALA G 459 -29.78 -0.92 -33.49
CA ALA G 459 -31.21 -0.80 -33.68
C ALA G 459 -31.56 -1.14 -35.12
N CYS G 460 -32.81 -1.56 -35.30
CA CYS G 460 -33.36 -1.95 -36.59
C CYS G 460 -34.46 -0.99 -37.00
N ARG G 461 -34.43 -0.58 -38.27
CA ARG G 461 -35.39 0.41 -38.76
C ARG G 461 -36.74 -0.23 -39.03
N HIS G 462 -36.75 -1.37 -39.72
CA HIS G 462 -37.95 -2.18 -39.95
C HIS G 462 -37.72 -3.58 -39.40
N GLY G 463 -38.78 -4.17 -38.87
CA GLY G 463 -38.72 -5.54 -38.40
C GLY G 463 -39.74 -5.79 -37.32
N SER G 464 -39.88 -7.08 -36.98
CA SER G 464 -40.76 -7.46 -35.88
C SER G 464 -40.29 -6.83 -34.58
N LYS G 465 -38.97 -6.75 -34.38
CA LYS G 465 -38.35 -6.07 -33.24
C LYS G 465 -37.82 -4.71 -33.67
N ALA G 466 -38.57 -4.00 -34.50
CA ALA G 466 -38.17 -2.69 -34.95
C ALA G 466 -37.95 -1.77 -33.77
N GLY G 467 -36.82 -1.07 -33.77
CA GLY G 467 -36.35 -0.32 -32.62
C GLY G 467 -34.97 -0.79 -32.19
N ILE G 468 -34.74 -0.73 -30.89
CA ILE G 468 -33.44 -1.12 -30.35
C ILE G 468 -33.37 -2.64 -30.30
N SER G 469 -32.27 -3.20 -30.80
CA SER G 469 -32.07 -4.64 -30.90
C SER G 469 -31.03 -5.14 -29.90
N GLU G 470 -29.99 -4.37 -29.62
CA GLU G 470 -28.93 -4.83 -28.74
C GLU G 470 -28.28 -3.64 -28.04
N MET G 471 -27.87 -3.87 -26.80
CA MET G 471 -27.16 -2.88 -25.99
C MET G 471 -25.70 -3.30 -25.87
N PHE G 472 -24.80 -2.34 -26.04
CA PHE G 472 -23.37 -2.55 -25.94
C PHE G 472 -22.86 -1.63 -24.84
N GLU G 473 -22.26 -2.22 -23.81
CA GLU G 473 -21.75 -1.48 -22.67
C GLU G 473 -20.23 -1.42 -22.74
N GLY G 474 -19.68 -0.46 -22.00
CA GLY G 474 -18.24 -0.32 -21.87
C GLY G 474 -17.76 1.11 -21.81
N HIS G 475 -18.50 2.03 -22.42
CA HIS G 475 -18.13 3.44 -22.38
C HIS G 475 -18.73 4.05 -21.13
N GLN G 476 -17.88 4.68 -20.31
CA GLN G 476 -18.30 5.28 -19.05
C GLN G 476 -18.51 6.79 -19.15
N GLY G 477 -18.51 7.34 -20.36
CA GLY G 477 -18.87 8.71 -20.59
C GLY G 477 -19.84 8.79 -21.76
N PRO G 478 -20.41 9.96 -22.02
CA PRO G 478 -21.29 10.10 -23.17
C PRO G 478 -20.58 9.80 -24.49
N ILE G 479 -21.28 9.11 -25.37
CA ILE G 479 -20.74 8.80 -26.68
C ILE G 479 -20.80 10.06 -27.53
N THR G 480 -19.71 10.37 -28.21
CA THR G 480 -19.65 11.51 -29.11
C THR G 480 -19.78 11.12 -30.57
N GLY G 481 -19.05 10.10 -31.01
CA GLY G 481 -19.03 9.77 -32.41
C GLY G 481 -18.96 8.29 -32.71
N ILE G 482 -19.92 7.79 -33.47
CA ILE G 482 -19.98 6.40 -33.91
C ILE G 482 -19.79 6.35 -35.41
N HIS G 483 -19.02 5.37 -35.88
CA HIS G 483 -18.86 5.17 -37.31
C HIS G 483 -18.60 3.70 -37.61
N CYS G 484 -19.38 3.14 -38.52
CA CYS G 484 -19.18 1.77 -38.97
C CYS G 484 -18.09 1.73 -40.03
N HIS G 485 -17.64 0.52 -40.33
CA HIS G 485 -16.55 0.34 -41.27
C HIS G 485 -17.00 0.70 -42.68
N ALA G 486 -16.12 1.39 -43.40
CA ALA G 486 -16.40 1.89 -44.73
C ALA G 486 -15.66 1.14 -45.83
N ALA G 487 -14.40 0.77 -45.60
CA ALA G 487 -13.62 0.09 -46.63
C ALA G 487 -14.22 -1.27 -46.95
N VAL G 488 -14.26 -1.60 -48.24
CA VAL G 488 -14.82 -2.85 -48.75
C VAL G 488 -13.76 -3.53 -49.58
N GLY G 489 -13.56 -4.81 -49.34
CA GLY G 489 -12.55 -5.58 -50.05
C GLY G 489 -12.92 -7.05 -50.07
N ALA G 490 -11.89 -7.91 -50.07
CA ALA G 490 -12.11 -9.34 -50.14
C ALA G 490 -12.83 -9.85 -48.90
N VAL G 491 -12.45 -9.36 -47.72
CA VAL G 491 -12.94 -9.85 -46.45
C VAL G 491 -14.00 -8.90 -45.92
N ASP G 492 -15.09 -9.47 -45.38
CA ASP G 492 -16.24 -8.70 -44.95
C ASP G 492 -16.04 -8.26 -43.50
N PHE G 493 -15.70 -6.98 -43.32
CA PHE G 493 -15.53 -6.36 -42.00
C PHE G 493 -16.64 -5.37 -41.71
N SER G 494 -17.83 -5.60 -42.27
CA SER G 494 -18.93 -4.66 -42.09
C SER G 494 -19.38 -4.57 -40.65
N HIS G 495 -19.24 -5.66 -39.89
CA HIS G 495 -19.80 -5.70 -38.54
C HIS G 495 -19.08 -4.73 -37.61
N LEU G 496 -17.80 -4.44 -37.86
CA LEU G 496 -17.05 -3.63 -36.91
C LEU G 496 -17.54 -2.19 -36.92
N PHE G 497 -17.28 -1.49 -35.81
CA PHE G 497 -17.51 -0.05 -35.78
C PHE G 497 -16.72 0.54 -34.63
N VAL G 498 -16.38 1.83 -34.76
CA VAL G 498 -15.59 2.55 -33.77
C VAL G 498 -16.46 3.63 -33.15
N THR G 499 -16.42 3.68 -31.82
CA THR G 499 -17.05 4.73 -31.04
C THR G 499 -15.96 5.60 -30.44
N SER G 500 -16.29 6.84 -30.15
CA SER G 500 -15.40 7.73 -29.42
C SER G 500 -16.23 8.50 -28.42
N SER G 501 -15.78 8.53 -27.18
CA SER G 501 -16.62 8.97 -26.07
C SER G 501 -15.85 9.89 -25.15
N PHE G 502 -16.59 10.55 -24.27
CA PHE G 502 -16.03 11.51 -23.32
C PHE G 502 -15.18 10.85 -22.26
N ASP G 503 -15.14 9.53 -22.17
CA ASP G 503 -14.29 8.84 -21.20
C ASP G 503 -12.87 8.65 -21.70
N TRP G 504 -12.41 9.52 -22.61
CA TRP G 504 -11.02 9.62 -23.01
C TRP G 504 -10.60 8.43 -23.85
N THR G 505 -11.55 7.85 -24.57
CA THR G 505 -11.31 6.59 -25.25
C THR G 505 -11.99 6.59 -26.61
N VAL G 506 -11.36 5.87 -27.52
CA VAL G 506 -12.01 5.28 -28.67
C VAL G 506 -12.13 3.81 -28.36
N LYS G 507 -13.21 3.18 -28.84
CA LYS G 507 -13.41 1.76 -28.61
C LYS G 507 -13.89 1.10 -29.89
N LEU G 508 -13.22 0.02 -30.26
CA LEU G 508 -13.59 -0.77 -31.42
C LEU G 508 -14.50 -1.88 -30.95
N TRP G 509 -15.63 -2.04 -31.65
CA TRP G 509 -16.64 -3.03 -31.35
C TRP G 509 -16.92 -3.83 -32.61
N THR G 510 -17.55 -4.99 -32.41
CA THR G 510 -18.21 -5.72 -33.47
C THR G 510 -19.66 -5.94 -33.08
N THR G 511 -20.55 -5.98 -34.07
CA THR G 511 -21.95 -6.19 -33.78
C THR G 511 -22.21 -7.55 -33.17
N LYS G 512 -21.30 -8.51 -33.35
CA LYS G 512 -21.46 -9.82 -32.74
C LYS G 512 -21.27 -9.75 -31.23
N ASN G 513 -20.20 -9.07 -30.81
CA ASN G 513 -19.77 -9.12 -29.41
C ASN G 513 -20.37 -7.98 -28.61
N ASN G 514 -20.90 -8.31 -27.44
CA ASN G 514 -21.59 -7.34 -26.59
C ASN G 514 -20.62 -6.44 -25.83
N LYS G 515 -19.33 -6.74 -25.81
CA LYS G 515 -18.32 -5.99 -25.09
C LYS G 515 -17.33 -5.39 -26.08
N PRO G 516 -16.55 -4.40 -25.67
CA PRO G 516 -15.63 -3.76 -26.62
C PRO G 516 -14.61 -4.76 -27.16
N LEU G 517 -14.44 -4.75 -28.49
CA LEU G 517 -13.35 -5.54 -29.05
C LEU G 517 -12.01 -5.01 -28.57
N TYR G 518 -11.86 -3.70 -28.49
CA TYR G 518 -10.62 -3.14 -27.99
C TYR G 518 -10.86 -1.71 -27.55
N SER G 519 -9.93 -1.19 -26.75
CA SER G 519 -9.97 0.20 -26.29
C SER G 519 -8.64 0.87 -26.65
N PHE G 520 -8.73 1.99 -27.35
CA PHE G 520 -7.59 2.82 -27.68
C PHE G 520 -7.70 4.09 -26.86
N GLU G 521 -6.83 4.24 -25.85
CA GLU G 521 -6.77 5.43 -25.02
C GLU G 521 -5.31 5.84 -24.86
N ASP G 522 -4.82 6.63 -25.81
CA ASP G 522 -3.54 7.32 -25.68
C ASP G 522 -3.74 8.82 -25.56
N ASN G 523 -4.90 9.24 -25.07
CA ASN G 523 -5.30 10.63 -25.04
C ASN G 523 -5.08 11.22 -23.65
N ALA G 524 -5.38 12.51 -23.53
CA ALA G 524 -5.42 13.18 -22.24
C ALA G 524 -6.60 14.15 -22.18
N ASP G 525 -7.68 13.84 -22.88
CA ASP G 525 -8.87 14.68 -22.88
C ASP G 525 -10.03 13.86 -23.43
N TYR G 526 -11.18 14.50 -23.63
CA TYR G 526 -12.26 13.85 -24.34
C TYR G 526 -11.84 13.56 -25.77
N VAL G 527 -12.57 12.67 -26.42
CA VAL G 527 -12.47 12.43 -27.86
C VAL G 527 -13.83 12.72 -28.46
N TYR G 528 -13.85 13.59 -29.47
CA TYR G 528 -15.09 14.16 -29.96
C TYR G 528 -15.62 13.50 -31.21
N ASP G 529 -14.76 13.07 -32.12
CA ASP G 529 -15.23 12.45 -33.34
C ASP G 529 -14.17 11.49 -33.85
N VAL G 530 -14.63 10.30 -34.23
CA VAL G 530 -13.79 9.25 -34.78
C VAL G 530 -14.43 8.77 -36.07
N MET G 531 -13.60 8.45 -37.06
CA MET G 531 -14.10 7.94 -38.32
C MET G 531 -13.12 6.94 -38.91
N TRP G 532 -13.66 5.80 -39.36
CA TRP G 532 -12.90 4.85 -40.13
C TRP G 532 -12.43 5.49 -41.43
N SER G 533 -11.23 5.14 -41.86
CA SER G 533 -10.80 5.59 -43.16
C SER G 533 -11.68 4.93 -44.23
N PRO G 534 -11.92 5.61 -45.36
CA PRO G 534 -12.80 5.02 -46.37
C PRO G 534 -12.10 4.21 -47.45
N THR G 535 -10.77 4.03 -47.36
CA THR G 535 -10.03 3.23 -48.32
C THR G 535 -9.13 2.21 -47.62
N HIS G 536 -8.61 2.57 -46.46
CA HIS G 536 -7.70 1.73 -45.69
C HIS G 536 -8.48 1.01 -44.61
N PRO G 537 -8.38 -0.32 -44.46
CA PRO G 537 -9.30 -1.01 -43.56
C PRO G 537 -8.96 -0.83 -42.11
N ALA G 538 -7.67 -0.80 -41.78
CA ALA G 538 -7.24 -0.73 -40.39
C ALA G 538 -6.98 0.70 -39.90
N LEU G 539 -7.15 1.70 -40.76
CA LEU G 539 -6.88 3.09 -40.40
C LEU G 539 -8.18 3.75 -39.98
N PHE G 540 -8.12 4.49 -38.89
CA PHE G 540 -9.17 5.44 -38.55
C PHE G 540 -8.50 6.68 -37.99
N ALA G 541 -9.29 7.70 -37.73
CA ALA G 541 -8.78 8.96 -37.23
C ALA G 541 -9.70 9.48 -36.15
N CYS G 542 -9.13 9.93 -35.04
CA CYS G 542 -9.87 10.49 -33.91
C CYS G 542 -9.31 11.87 -33.60
N VAL G 543 -10.21 12.80 -33.26
CA VAL G 543 -9.83 14.18 -32.98
C VAL G 543 -10.10 14.48 -31.51
N ASP G 544 -9.11 15.04 -30.83
CA ASP G 544 -9.13 15.21 -29.38
C ASP G 544 -9.48 16.64 -29.03
N GLY G 545 -9.62 16.89 -27.73
CA GLY G 545 -9.88 18.23 -27.24
C GLY G 545 -8.64 19.10 -27.12
N MET G 546 -7.46 18.51 -27.14
CA MET G 546 -6.20 19.25 -27.09
C MET G 546 -5.75 19.72 -28.46
N GLY G 547 -6.60 19.61 -29.48
CA GLY G 547 -6.22 20.00 -30.82
C GLY G 547 -5.45 18.95 -31.59
N ARG G 548 -5.39 17.72 -31.11
CA ARG G 548 -4.60 16.67 -31.73
C ARG G 548 -5.50 15.83 -32.61
N LEU G 549 -5.13 15.71 -33.87
CA LEU G 549 -5.74 14.76 -34.80
C LEU G 549 -4.81 13.56 -34.85
N ASP G 550 -5.33 12.37 -34.53
CA ASP G 550 -4.53 11.17 -34.38
C ASP G 550 -5.07 10.11 -35.31
N LEU G 551 -4.25 9.72 -36.28
CA LEU G 551 -4.54 8.61 -37.18
C LEU G 551 -3.99 7.33 -36.56
N TRP G 552 -4.89 6.41 -36.23
CA TRP G 552 -4.53 5.10 -35.71
C TRP G 552 -4.61 4.09 -36.84
N ASN G 553 -3.45 3.54 -37.22
CA ASN G 553 -3.37 2.39 -38.11
C ASN G 553 -3.12 1.17 -37.23
N LEU G 554 -4.13 0.32 -37.10
CA LEU G 554 -4.03 -0.80 -36.17
C LEU G 554 -3.12 -1.91 -36.66
N ASN G 555 -2.81 -1.96 -37.95
CA ASN G 555 -1.85 -2.94 -38.43
C ASN G 555 -0.42 -2.55 -38.12
N ASN G 556 -0.09 -1.26 -38.23
CA ASN G 556 1.29 -0.82 -38.01
C ASN G 556 1.64 -0.91 -36.52
N ASP G 557 0.89 -0.20 -35.69
CA ASP G 557 1.04 -0.31 -34.24
C ASP G 557 -0.29 0.06 -33.59
N THR G 558 -0.55 -0.55 -32.43
CA THR G 558 -1.87 -0.54 -31.83
C THR G 558 -1.94 0.27 -30.53
N GLU G 559 -0.81 0.50 -29.87
CA GLU G 559 -0.81 1.19 -28.58
C GLU G 559 -0.48 2.67 -28.67
N VAL G 560 -0.04 3.15 -29.82
CA VAL G 560 0.29 4.57 -30.02
C VAL G 560 -0.33 5.01 -31.35
N PRO G 561 -0.69 6.29 -31.53
CA PRO G 561 -1.16 6.71 -32.84
C PRO G 561 -0.10 6.52 -33.91
N THR G 562 -0.54 6.07 -35.09
CA THR G 562 0.38 5.94 -36.21
C THR G 562 0.86 7.30 -36.67
N ALA G 563 -0.03 8.30 -36.70
CA ALA G 563 0.34 9.66 -37.03
C ALA G 563 -0.42 10.61 -36.12
N SER G 564 0.16 11.78 -35.87
CA SER G 564 -0.46 12.78 -35.02
C SER G 564 -0.06 14.15 -35.50
N ILE G 565 -1.02 15.08 -35.49
CA ILE G 565 -0.76 16.46 -35.89
C ILE G 565 -1.62 17.38 -35.05
N SER G 566 -1.03 18.48 -34.56
CA SER G 566 -1.78 19.43 -33.71
C SER G 566 -2.11 20.70 -34.51
N VAL G 567 -3.34 21.20 -34.39
CA VAL G 567 -3.73 22.48 -35.06
C VAL G 567 -3.04 23.62 -34.32
N GLU G 568 -2.85 24.78 -34.98
CA GLU G 568 -2.08 25.89 -34.34
C GLU G 568 -3.00 26.62 -33.36
N GLY G 569 -2.50 26.88 -32.14
CA GLY G 569 -3.32 27.50 -31.13
C GLY G 569 -4.03 26.54 -30.20
N ASN G 570 -3.94 25.25 -30.49
CA ASN G 570 -4.61 24.19 -29.69
C ASN G 570 -6.11 24.49 -29.48
N PRO G 571 -6.94 24.55 -30.54
CA PRO G 571 -8.39 24.70 -30.37
C PRO G 571 -9.00 23.32 -30.10
N ALA G 572 -10.17 23.25 -29.47
CA ALA G 572 -10.81 21.93 -29.30
C ALA G 572 -11.31 21.45 -30.66
N LEU G 573 -11.02 20.19 -31.03
CA LEU G 573 -11.41 19.71 -32.38
C LEU G 573 -12.72 18.92 -32.28
N ASN G 574 -13.84 19.56 -32.61
CA ASN G 574 -15.17 18.91 -32.47
C ASN G 574 -15.38 17.79 -33.50
N ARG G 575 -14.97 17.98 -34.75
CA ARG G 575 -15.32 16.97 -35.79
C ARG G 575 -14.15 16.51 -36.67
N VAL G 576 -14.33 15.40 -37.40
CA VAL G 576 -13.35 14.86 -38.33
C VAL G 576 -14.13 14.17 -39.45
N ARG G 577 -13.69 14.36 -40.68
CA ARG G 577 -14.32 13.69 -41.81
C ARG G 577 -13.27 13.42 -42.88
N TRP G 578 -13.08 12.15 -43.21
CA TRP G 578 -12.22 11.81 -44.33
C TRP G 578 -12.87 12.25 -45.63
N THR G 579 -12.04 12.48 -46.65
CA THR G 579 -12.57 12.63 -47.98
C THR G 579 -12.93 11.27 -48.55
N HIS G 580 -13.76 11.28 -49.59
CA HIS G 580 -14.18 10.02 -50.19
C HIS G 580 -13.01 9.28 -50.81
N SER G 581 -11.98 10.01 -51.23
CA SER G 581 -10.75 9.36 -51.68
C SER G 581 -9.93 8.82 -50.52
N GLY G 582 -10.06 9.41 -49.33
CA GLY G 582 -9.30 9.00 -48.18
C GLY G 582 -7.93 9.63 -48.05
N ARG G 583 -7.49 10.39 -49.06
CA ARG G 583 -6.17 11.01 -49.00
C ARG G 583 -6.17 12.24 -48.11
N GLU G 584 -7.25 13.00 -48.13
CA GLU G 584 -7.37 14.26 -47.40
C GLU G 584 -8.44 14.12 -46.31
N ILE G 585 -8.16 14.68 -45.14
CA ILE G 585 -9.07 14.60 -44.01
C ILE G 585 -9.30 16.00 -43.47
N ALA G 586 -10.58 16.39 -43.35
CA ALA G 586 -10.93 17.73 -42.85
C ALA G 586 -11.25 17.62 -41.35
N VAL G 587 -10.74 18.55 -40.54
CA VAL G 587 -11.10 18.55 -39.09
C VAL G 587 -11.67 19.94 -38.72
N GLY G 588 -12.79 19.96 -37.99
CA GLY G 588 -13.44 21.25 -37.64
C GLY G 588 -13.20 21.62 -36.19
N ASP G 589 -12.70 22.83 -35.94
CA ASP G 589 -12.32 23.23 -34.56
C ASP G 589 -13.37 24.16 -33.93
N SER G 590 -13.20 24.49 -32.65
CA SER G 590 -14.12 25.40 -31.92
C SER G 590 -14.11 26.79 -32.57
N GLU G 591 -12.95 27.23 -33.05
CA GLU G 591 -12.83 28.57 -33.69
C GLU G 591 -13.73 28.63 -34.93
N GLY G 592 -14.01 27.47 -35.55
CA GLY G 592 -14.80 27.45 -36.79
C GLY G 592 -13.91 27.38 -38.00
N GLN G 593 -12.60 27.24 -37.79
CA GLN G 593 -11.68 27.07 -38.93
C GLN G 593 -11.72 25.61 -39.39
N ILE G 594 -12.00 25.38 -40.67
CA ILE G 594 -12.03 23.99 -41.21
C ILE G 594 -10.64 23.68 -41.77
N VAL G 595 -9.79 23.00 -40.99
CA VAL G 595 -8.45 22.79 -41.53
C VAL G 595 -8.39 21.41 -42.15
N ILE G 596 -7.94 21.35 -43.39
CA ILE G 596 -7.79 20.11 -44.14
C ILE G 596 -6.33 19.69 -44.05
N TYR G 597 -6.11 18.40 -43.91
CA TYR G 597 -4.79 17.80 -43.85
C TYR G 597 -4.66 16.81 -45.00
N ASP G 598 -3.45 16.70 -45.52
CA ASP G 598 -3.11 15.68 -46.51
C ASP G 598 -2.44 14.51 -45.81
N VAL G 599 -3.02 13.33 -45.93
CA VAL G 599 -2.48 12.13 -45.30
C VAL G 599 -1.40 11.56 -46.20
N GLY G 600 -0.29 11.16 -45.59
CA GLY G 600 0.85 10.70 -46.35
C GLY G 600 0.55 9.44 -47.13
N GLU G 601 1.39 9.20 -48.13
CA GLU G 601 1.21 8.04 -49.00
C GLU G 601 1.35 6.74 -48.21
N GLN G 602 2.36 6.66 -47.34
CA GLN G 602 2.62 5.42 -46.62
C GLN G 602 1.51 5.08 -45.62
N ILE G 603 0.64 6.02 -45.28
CA ILE G 603 -0.45 5.80 -44.35
C ILE G 603 -1.77 5.57 -45.07
N ALA G 604 -2.08 6.40 -46.05
CA ALA G 604 -3.42 6.40 -46.63
C ALA G 604 -3.65 5.18 -47.51
N VAL G 605 -2.89 5.07 -48.59
CA VAL G 605 -3.13 3.98 -49.55
C VAL G 605 -2.73 2.65 -48.90
N PRO G 606 -3.58 1.61 -48.94
CA PRO G 606 -3.23 0.37 -48.24
C PRO G 606 -2.38 -0.55 -49.10
N ARG G 607 -1.58 -1.37 -48.43
CA ARG G 607 -0.98 -2.51 -49.09
C ARG G 607 -2.08 -3.50 -49.45
N ASN G 608 -1.84 -4.28 -50.51
CA ASN G 608 -2.87 -5.22 -50.96
C ASN G 608 -3.21 -6.24 -49.89
N ASP G 609 -2.25 -6.59 -49.04
CA ASP G 609 -2.45 -7.54 -47.97
C ASP G 609 -2.97 -6.89 -46.68
N GLU G 610 -3.35 -5.60 -46.74
CA GLU G 610 -3.83 -4.93 -45.53
C GLU G 610 -5.10 -5.57 -45.00
N TRP G 611 -5.95 -6.11 -45.88
CA TRP G 611 -7.19 -6.71 -45.41
C TRP G 611 -6.91 -7.96 -44.59
N ALA G 612 -6.10 -8.87 -45.12
CA ALA G 612 -5.74 -10.06 -44.36
C ALA G 612 -4.91 -9.69 -43.14
N ARG G 613 -4.10 -8.65 -43.24
CA ARG G 613 -3.31 -8.21 -42.10
C ARG G 613 -4.20 -7.74 -40.95
N PHE G 614 -5.22 -6.94 -41.27
CA PHE G 614 -6.13 -6.49 -40.24
C PHE G 614 -6.97 -7.65 -39.70
N GLY G 615 -7.29 -8.62 -40.56
CA GLY G 615 -7.92 -9.83 -40.07
C GLY G 615 -7.07 -10.56 -39.05
N ARG G 616 -5.76 -10.61 -39.31
CA ARG G 616 -4.86 -11.25 -38.36
C ARG G 616 -4.76 -10.46 -37.07
N THR G 617 -4.73 -9.12 -37.15
CA THR G 617 -4.69 -8.33 -35.92
C THR G 617 -5.97 -8.51 -35.12
N LEU G 618 -7.12 -8.60 -35.80
CA LEU G 618 -8.36 -8.90 -35.11
C LEU G 618 -8.28 -10.27 -34.43
N ALA G 619 -7.71 -11.25 -35.13
CA ALA G 619 -7.52 -12.56 -34.52
C ALA G 619 -6.62 -12.48 -33.30
N GLU G 620 -5.67 -11.56 -33.29
CA GLU G 620 -4.82 -11.39 -32.11
C GLU G 620 -5.60 -10.84 -30.93
N ILE G 621 -6.71 -10.15 -31.19
CA ILE G 621 -7.52 -9.58 -30.13
C ILE G 621 -8.64 -10.57 -29.79
N GLU H 426 -47.36 -11.21 11.44
CA GLU H 426 -47.97 -10.22 10.57
C GLU H 426 -49.00 -10.86 9.63
N GLY H 427 -49.55 -12.01 10.06
CA GLY H 427 -50.43 -12.76 9.18
C GLY H 427 -51.73 -12.05 8.86
N VAL H 428 -52.38 -11.48 9.88
CA VAL H 428 -53.65 -10.79 9.66
C VAL H 428 -53.41 -9.52 8.84
N LEU H 429 -52.28 -8.84 9.08
CA LEU H 429 -51.95 -7.65 8.31
C LEU H 429 -51.84 -7.99 6.83
N ALA H 430 -51.07 -9.03 6.52
CA ALA H 430 -50.88 -9.44 5.13
C ALA H 430 -52.17 -9.92 4.52
N SER H 431 -53.01 -10.62 5.29
CA SER H 431 -54.27 -11.11 4.76
C SER H 431 -55.18 -9.95 4.37
N PHE H 432 -55.28 -8.94 5.22
CA PHE H 432 -56.12 -7.79 4.89
C PHE H 432 -55.54 -7.06 3.68
N PHE H 433 -54.22 -6.89 3.63
CA PHE H 433 -53.62 -6.17 2.50
C PHE H 433 -53.82 -6.92 1.20
N ASN H 434 -53.69 -8.25 1.22
CA ASN H 434 -53.96 -9.04 0.02
C ASN H 434 -55.42 -8.93 -0.40
N SER H 435 -56.34 -9.02 0.55
CA SER H 435 -57.76 -8.92 0.22
C SER H 435 -58.09 -7.56 -0.38
N LEU H 436 -57.46 -6.50 0.13
CA LEU H 436 -57.73 -5.16 -0.38
C LEU H 436 -57.09 -4.95 -1.74
N LEU H 437 -55.91 -5.53 -1.96
CA LEU H 437 -55.29 -5.46 -3.28
C LEU H 437 -56.14 -6.19 -4.31
N SER H 438 -56.78 -7.30 -3.90
CA SER H 438 -57.64 -8.03 -4.82
C SER H 438 -58.87 -7.21 -5.21
N LYS H 439 -59.44 -6.48 -4.26
CA LYS H 439 -60.63 -5.68 -4.51
C LYS H 439 -60.35 -4.58 -5.53
N PRO I 100 -75.77 8.69 -7.97
CA PRO I 100 -74.63 9.53 -8.38
C PRO I 100 -73.82 10.05 -7.20
N GLU I 101 -74.49 10.71 -6.25
CA GLU I 101 -73.78 11.19 -5.07
C GLU I 101 -73.24 10.03 -4.24
N LEU I 102 -73.98 8.91 -4.19
CA LEU I 102 -73.48 7.71 -3.53
C LEU I 102 -72.21 7.23 -4.21
N LEU I 103 -72.19 7.24 -5.55
CA LEU I 103 -71.00 6.81 -6.27
C LEU I 103 -69.84 7.77 -6.03
N SER I 104 -70.13 9.07 -5.90
CA SER I 104 -69.07 10.04 -5.63
C SER I 104 -68.43 9.77 -4.28
N VAL I 105 -69.24 9.59 -3.23
CA VAL I 105 -68.67 9.32 -1.92
C VAL I 105 -67.97 7.96 -1.93
N ILE I 106 -68.46 7.02 -2.74
CA ILE I 106 -67.75 5.75 -2.91
C ILE I 106 -66.35 6.01 -3.44
N ARG I 107 -66.23 6.90 -4.44
CA ARG I 107 -64.91 7.20 -5.00
C ARG I 107 -64.01 7.84 -3.95
N GLN I 108 -64.54 8.79 -3.17
CA GLN I 108 -63.71 9.44 -2.16
C GLN I 108 -63.27 8.46 -1.09
N LYS I 109 -64.18 7.60 -0.62
CA LYS I 109 -63.80 6.60 0.38
C LYS I 109 -62.81 5.60 -0.19
N GLU I 110 -62.93 5.27 -1.47
CA GLU I 110 -61.96 4.37 -2.10
C GLU I 110 -60.59 5.02 -2.17
N LYS I 111 -60.54 6.33 -2.47
CA LYS I 111 -59.26 7.02 -2.47
C LYS I 111 -58.63 7.03 -1.08
N ASP I 112 -59.43 7.36 -0.06
CA ASP I 112 -58.91 7.31 1.30
C ASP I 112 -58.49 5.90 1.68
N LEU I 113 -59.23 4.90 1.22
CA LEU I 113 -58.93 3.50 1.53
C LEU I 113 -57.61 3.08 0.91
N VAL I 114 -57.38 3.40 -0.36
CA VAL I 114 -56.14 3.00 -1.01
C VAL I 114 -54.96 3.75 -0.42
N LEU I 115 -55.16 5.03 -0.08
CA LEU I 115 -54.07 5.77 0.59
C LEU I 115 -53.72 5.13 1.93
N ALA I 116 -54.72 4.85 2.77
CA ALA I 116 -54.45 4.25 4.07
C ALA I 116 -53.86 2.85 3.92
N ALA I 117 -54.32 2.11 2.92
CA ALA I 117 -53.79 0.77 2.68
C ALA I 117 -52.32 0.83 2.27
N ARG I 118 -51.97 1.78 1.42
CA ARG I 118 -50.56 1.94 1.04
C ARG I 118 -49.72 2.36 2.23
N LEU I 119 -50.24 3.25 3.08
CA LEU I 119 -49.51 3.62 4.28
C LEU I 119 -49.31 2.42 5.20
N GLY I 120 -50.36 1.62 5.38
CA GLY I 120 -50.23 0.44 6.22
C GLY I 120 -49.27 -0.59 5.66
N LYS I 121 -49.29 -0.77 4.33
CA LYS I 121 -48.36 -1.70 3.69
C LYS I 121 -46.93 -1.20 3.82
N ALA I 122 -46.71 0.11 3.69
CA ALA I 122 -45.38 0.66 3.88
C ALA I 122 -44.91 0.48 5.32
N LEU I 123 -45.82 0.67 6.28
CA LEU I 123 -45.46 0.44 7.67
C LEU I 123 -45.14 -1.03 7.92
N LEU I 124 -45.88 -1.93 7.28
CA LEU I 124 -45.57 -3.36 7.38
C LEU I 124 -44.20 -3.66 6.80
N GLU I 125 -43.86 -3.03 5.68
CA GLU I 125 -42.55 -3.23 5.08
C GLU I 125 -41.45 -2.71 5.99
N ARG I 126 -41.66 -1.56 6.62
CA ARG I 126 -40.68 -1.04 7.57
C ARG I 126 -40.55 -1.96 8.78
N ASN I 127 -41.68 -2.53 9.24
CA ASN I 127 -41.64 -3.53 10.31
C ASN I 127 -40.81 -4.73 9.90
N GLN I 128 -41.01 -5.21 8.68
CA GLN I 128 -40.22 -6.32 8.16
C GLN I 128 -38.74 -5.96 8.16
N ASP I 129 -38.39 -4.78 7.65
CA ASP I 129 -36.99 -4.38 7.58
C ASP I 129 -36.37 -4.29 8.97
N MET I 130 -37.14 -3.77 9.93
CA MET I 130 -36.68 -3.75 11.32
C MET I 130 -36.39 -5.17 11.79
N SER I 131 -37.26 -6.11 11.44
CA SER I 131 -37.03 -7.51 11.80
C SER I 131 -35.76 -8.06 11.14
N ARG I 132 -35.53 -7.72 9.86
CA ARG I 132 -34.37 -8.25 9.17
C ARG I 132 -33.07 -7.74 9.78
N GLN I 133 -32.99 -6.43 10.03
CA GLN I 133 -31.76 -5.90 10.62
C GLN I 133 -31.58 -6.39 12.05
N TYR I 134 -32.71 -6.58 12.77
CA TYR I 134 -32.65 -7.25 14.06
C TYR I 134 -32.01 -8.62 13.95
N GLU I 135 -32.47 -9.42 12.98
CA GLU I 135 -31.93 -10.76 12.77
C GLU I 135 -30.42 -10.71 12.49
N GLN I 136 -30.02 -9.88 11.53
CA GLN I 136 -28.61 -9.82 11.13
C GLN I 136 -27.72 -9.39 12.30
N MET I 137 -28.08 -8.28 12.95
CA MET I 137 -27.22 -7.78 14.04
C MET I 137 -27.18 -8.76 15.20
N HIS I 138 -28.33 -9.33 15.58
CA HIS I 138 -28.35 -10.25 16.70
C HIS I 138 -27.53 -11.49 16.39
N LYS I 139 -27.64 -12.00 15.16
CA LYS I 139 -26.85 -13.16 14.77
C LYS I 139 -25.36 -12.85 14.86
N GLU I 140 -24.98 -11.72 14.27
CA GLU I 140 -23.54 -11.40 14.22
C GLU I 140 -23.02 -11.15 15.63
N LEU I 141 -23.61 -10.23 16.40
CA LEU I 141 -22.99 -9.91 17.71
C LEU I 141 -23.01 -11.12 18.64
N THR I 142 -24.15 -11.82 18.72
CA THR I 142 -24.26 -13.04 19.55
C THR I 142 -23.37 -14.15 19.00
N ASP I 143 -23.25 -14.29 17.67
CA ASP I 143 -22.31 -15.31 17.13
C ASP I 143 -20.87 -14.97 17.53
N LYS I 144 -20.53 -13.68 17.54
CA LYS I 144 -19.17 -13.25 17.94
C LYS I 144 -19.00 -13.64 19.39
N LEU I 145 -20.05 -13.44 20.18
CA LEU I 145 -19.94 -13.77 21.62
C LEU I 145 -19.69 -15.27 21.72
N GLU I 146 -20.40 -16.06 20.91
CA GLU I 146 -20.27 -17.53 20.97
C GLU I 146 -18.85 -17.94 20.57
N HIS I 147 -18.32 -17.32 19.51
CA HIS I 147 -16.97 -17.68 19.01
C HIS I 147 -15.98 -17.37 20.13
N LEU I 148 -16.19 -16.25 20.81
CA LEU I 148 -15.24 -15.87 21.86
C LEU I 148 -15.45 -16.80 23.05
N GLU I 149 -16.62 -17.45 23.13
CA GLU I 149 -16.82 -18.18 24.37
C GLU I 149 -16.10 -19.51 24.33
N GLN I 150 -16.11 -20.17 23.17
CA GLN I 150 -15.27 -21.34 22.98
C GLN I 150 -13.81 -21.01 23.23
N GLU I 151 -13.34 -19.88 22.65
CA GLU I 151 -11.96 -19.46 22.87
C GLU I 151 -11.69 -19.19 24.35
N LYS I 152 -12.64 -18.57 25.03
CA LYS I 152 -12.48 -18.19 26.43
C LYS I 152 -12.33 -19.43 27.31
N HIS I 153 -13.26 -20.37 27.16
CA HIS I 153 -13.16 -21.60 27.94
C HIS I 153 -11.90 -22.37 27.59
N GLU I 154 -11.50 -22.35 26.32
CA GLU I 154 -10.27 -23.02 25.92
C GLU I 154 -9.06 -22.39 26.60
N LEU I 155 -9.02 -21.07 26.68
CA LEU I 155 -7.90 -20.40 27.35
C LEU I 155 -7.89 -20.71 28.84
N ARG I 156 -9.07 -20.66 29.49
CA ARG I 156 -9.13 -20.97 30.91
C ARG I 156 -8.69 -22.40 31.17
N ARG I 157 -9.01 -23.32 30.27
CA ARG I 157 -8.58 -24.70 30.45
C ARG I 157 -7.10 -24.88 30.17
N ARG I 158 -6.57 -24.23 29.14
CA ARG I 158 -5.15 -24.34 28.83
C ARG I 158 -4.30 -23.78 29.96
N PHE I 159 -4.81 -22.76 30.65
CA PHE I 159 -4.10 -22.25 31.82
C PHE I 159 -3.86 -23.35 32.85
N GLU I 160 -4.93 -24.07 33.21
CA GLU I 160 -4.78 -25.19 34.15
C GLU I 160 -3.94 -26.32 33.54
N ASN I 161 -4.04 -26.54 32.23
CA ASN I 161 -3.30 -27.62 31.60
C ASN I 161 -1.80 -27.41 31.76
N ARG I 162 -1.33 -26.20 31.49
CA ARG I 162 0.10 -25.92 31.68
C ARG I 162 0.45 -25.80 33.16
N GLU I 163 -0.48 -25.29 33.98
CA GLU I 163 -0.21 -25.13 35.40
C GLU I 163 0.03 -26.48 36.08
N GLY I 164 -0.76 -27.49 35.70
CA GLY I 164 -0.56 -28.81 36.30
C GLY I 164 0.79 -29.39 35.96
N GLU I 165 1.23 -29.23 34.71
CA GLU I 165 2.56 -29.69 34.31
C GLU I 165 3.63 -28.98 35.13
N TRP I 166 3.50 -27.67 35.28
CA TRP I 166 4.51 -26.93 36.04
C TRP I 166 4.49 -27.34 37.51
N GLU I 167 3.32 -27.56 38.09
CA GLU I 167 3.23 -28.00 39.49
C GLU I 167 3.91 -29.35 39.66
N GLY I 168 3.65 -30.28 38.75
CA GLY I 168 4.30 -31.58 38.82
C GLY I 168 5.81 -31.47 38.70
N ARG I 169 6.28 -30.63 37.77
CA ARG I 169 7.71 -30.51 37.56
C ARG I 169 8.40 -29.89 38.78
N VAL I 170 7.82 -28.83 39.35
CA VAL I 170 8.46 -28.22 40.51
C VAL I 170 8.40 -29.17 41.69
N SER I 171 7.31 -29.91 41.85
CA SER I 171 7.22 -30.85 42.97
C SER I 171 8.25 -31.96 42.86
N GLU I 172 8.39 -32.56 41.66
CA GLU I 172 9.33 -33.67 41.52
C GLU I 172 10.77 -33.17 41.62
N LEU I 173 11.05 -31.97 41.11
CA LEU I 173 12.41 -31.45 41.28
C LEU I 173 12.69 -31.09 42.74
N GLU I 174 11.67 -30.64 43.47
CA GLU I 174 11.82 -30.38 44.90
C GLU I 174 12.15 -31.67 45.64
N THR I 175 11.43 -32.75 45.34
CA THR I 175 11.76 -34.03 45.97
C THR I 175 13.15 -34.51 45.57
N ASP I 176 13.57 -34.23 44.34
CA ASP I 176 14.92 -34.61 43.91
C ASP I 176 15.97 -33.88 44.74
N VAL I 177 15.83 -32.57 44.92
CA VAL I 177 16.82 -31.85 45.73
C VAL I 177 16.74 -32.31 47.17
N LYS I 178 15.56 -32.65 47.67
CA LYS I 178 15.44 -33.16 49.04
C LYS I 178 16.23 -34.45 49.22
N GLN I 179 16.06 -35.37 48.26
CA GLN I 179 16.83 -36.62 48.30
C GLN I 179 18.32 -36.33 48.21
N LEU I 180 18.71 -35.38 47.36
CA LEU I 180 20.13 -35.06 47.22
C LEU I 180 20.69 -34.50 48.52
N GLN I 181 19.92 -33.65 49.21
CA GLN I 181 20.36 -33.11 50.49
C GLN I 181 20.52 -34.21 51.53
N ASP I 182 19.56 -35.14 51.58
CA ASP I 182 19.67 -36.26 52.52
C ASP I 182 20.92 -37.09 52.23
N GLU I 183 21.15 -37.39 50.95
CA GLU I 183 22.34 -38.15 50.57
C GLU I 183 23.62 -37.41 50.95
N LEU I 184 23.64 -36.10 50.73
CA LEU I 184 24.83 -35.32 51.03
C LEU I 184 25.12 -35.29 52.52
N GLU I 185 24.08 -35.11 53.35
CA GLU I 185 24.29 -35.14 54.80
C GLU I 185 24.77 -36.51 55.25
N ARG I 186 24.16 -37.58 54.70
CA ARG I 186 24.58 -38.92 55.08
C ARG I 186 26.04 -39.16 54.70
N GLN I 187 26.44 -38.73 53.50
CA GLN I 187 27.82 -38.96 53.06
C GLN I 187 28.80 -38.09 53.81
N GLN I 188 28.39 -36.88 54.20
CA GLN I 188 29.24 -36.05 55.05
C GLN I 188 29.49 -36.72 56.39
N LEU I 189 28.44 -37.27 57.00
CA LEU I 189 28.65 -37.97 58.27
C LEU I 189 29.47 -39.24 58.08
N HIS I 190 29.23 -39.97 56.99
CA HIS I 190 29.95 -41.21 56.75
C HIS I 190 31.44 -40.94 56.46
N LEU I 191 31.76 -39.78 55.91
CA LEU I 191 33.15 -39.46 55.60
C LEU I 191 34.01 -39.47 56.85
N ARG I 192 33.54 -38.82 57.91
CA ARG I 192 34.27 -38.72 59.17
C ARG I 192 33.88 -39.86 60.11
#